data_1H9K
# 
_entry.id   1H9K 
# 
_audit_conform.dict_name       mmcif_pdbx.dic 
_audit_conform.dict_version    5.391 
_audit_conform.dict_location   http://mmcif.pdb.org/dictionaries/ascii/mmcif_pdbx.dic 
# 
loop_
_database_2.database_id 
_database_2.database_code 
_database_2.pdbx_database_accession 
_database_2.pdbx_DOI 
PDB   1H9K         pdb_00001h9k 10.2210/pdb1h9k/pdb 
PDBE  EBI-5990     ?            ?                   
WWPDB D_1290005990 ?            ?                   
# 
loop_
_pdbx_audit_revision_history.ordinal 
_pdbx_audit_revision_history.data_content_type 
_pdbx_audit_revision_history.major_revision 
_pdbx_audit_revision_history.minor_revision 
_pdbx_audit_revision_history.revision_date 
1 'Structure model' 1 0 2001-05-11 
2 'Structure model' 1 1 2011-05-07 
3 'Structure model' 1 2 2011-07-13 
4 'Structure model' 1 3 2019-03-06 
5 'Structure model' 1 4 2024-05-08 
# 
_pdbx_audit_revision_details.ordinal             1 
_pdbx_audit_revision_details.revision_ordinal    1 
_pdbx_audit_revision_details.data_content_type   'Structure model' 
_pdbx_audit_revision_details.provider            repository 
_pdbx_audit_revision_details.type                'Initial release' 
_pdbx_audit_revision_details.description         ? 
_pdbx_audit_revision_details.details             ? 
# 
loop_
_pdbx_audit_revision_group.ordinal 
_pdbx_audit_revision_group.revision_ordinal 
_pdbx_audit_revision_group.data_content_type 
_pdbx_audit_revision_group.group 
1 2 'Structure model' 'Version format compliance' 
2 3 'Structure model' 'Version format compliance' 
3 4 'Structure model' 'Data collection'           
4 4 'Structure model' 'Experimental preparation'  
5 4 'Structure model' Other                       
6 5 'Structure model' 'Data collection'           
7 5 'Structure model' 'Database references'       
8 5 'Structure model' Other                       
# 
loop_
_pdbx_audit_revision_category.ordinal 
_pdbx_audit_revision_category.revision_ordinal 
_pdbx_audit_revision_category.data_content_type 
_pdbx_audit_revision_category.category 
1 4 'Structure model' exptl_crystal_grow   
2 4 'Structure model' pdbx_database_proc   
3 4 'Structure model' pdbx_database_status 
4 5 'Structure model' chem_comp_atom       
5 5 'Structure model' chem_comp_bond       
6 5 'Structure model' database_2           
7 5 'Structure model' pdbx_database_status 
# 
loop_
_pdbx_audit_revision_item.ordinal 
_pdbx_audit_revision_item.revision_ordinal 
_pdbx_audit_revision_item.data_content_type 
_pdbx_audit_revision_item.item 
1 4 'Structure model' '_exptl_crystal_grow.method'                  
2 4 'Structure model' '_pdbx_database_status.recvd_author_approval' 
3 5 'Structure model' '_database_2.pdbx_DOI'                        
4 5 'Structure model' '_database_2.pdbx_database_accession'         
5 5 'Structure model' '_pdbx_database_status.status_code_sf'        
# 
_pdbx_database_status.status_code                     REL 
_pdbx_database_status.entry_id                        1H9K 
_pdbx_database_status.deposit_site                    PDBE 
_pdbx_database_status.process_site                    PDBE 
_pdbx_database_status.SG_entry                        . 
_pdbx_database_status.recvd_initial_deposition_date   2001-03-13 
_pdbx_database_status.pdb_format_compatible           Y 
_pdbx_database_status.status_code_sf                  REL 
_pdbx_database_status.status_code_mr                  ? 
_pdbx_database_status.status_code_cs                  ? 
_pdbx_database_status.methods_development_category    ? 
_pdbx_database_status.status_code_nmr_data            ? 
# 
loop_
_pdbx_database_related.db_name 
_pdbx_database_related.db_id 
_pdbx_database_related.content_type 
_pdbx_database_related.details 
PDB 1ATG unspecified 'AZOTOBACTER VINELANDII PERIPLASMIC MOLYBDATE- BINDING PROTEIN' 
PDB 1H9J unspecified 
;TWO CRYSTAL STRUCTURES OF THE CYTOPLASMIC MOLYBDATE-BINDING PROTEIN MODG SUGGEST A NOVEL COOPERATIVE BINDING MECHANISM AND PROVIDE INSIGHTS INTO LIGAND-BINDING SPECIFICITY. PHOSPHATE-GROWN FORM WITH MOLYBDATE AND PHOSPHATE BOUND
;
PDB 1H9M unspecified 
;TWO CRYSTAL STRUCTURES OF THE CYTOPLASMIC MOLYBDATE-BINDING PROTEIN MODG SUGGEST A NOVEL COOPERATIVE BINDING MECHANISM AND PROVIDE INSIGHTS INTO LIGAND-BINDING SPECIFICITY. PEG-GROWN FORM WITH MOLYBDATE BOUND
;
# 
loop_
_audit_author.name 
_audit_author.pdbx_ordinal 
'Delarbre, L.'      1 
'Stevenson, C.E.M.' 2 
'White, D.J.'       3 
'Mitchenall, L.A.'  4 
'Pau, R.N.'         5 
'Lawson, D.M.'      6 
# 
_citation.id                        primary 
_citation.title                     
;Two Crystal Structures of the Cytoplasmic Molybdate-Binding Protein Modg Suggest a Novel Cooperative Binding Mechanism and Provide Insights Into Ligand-Binding Specificity
;
_citation.journal_abbrev            J.Mol.Biol. 
_citation.journal_volume            308 
_citation.page_first                1063 
_citation.page_last                 ? 
_citation.year                      2001 
_citation.journal_id_ASTM           JMOBAK 
_citation.country                   UK 
_citation.journal_id_ISSN           0022-2836 
_citation.journal_id_CSD            0070 
_citation.book_publisher            ? 
_citation.pdbx_database_id_PubMed   11352591 
_citation.pdbx_database_id_DOI      10.1006/JMBI.2001.4636 
# 
loop_
_citation_author.citation_id 
_citation_author.name 
_citation_author.ordinal 
_citation_author.identifier_ORCID 
primary 'Delarbre, L.'      1 ? 
primary 'Stevenson, C.E.M.' 2 ? 
primary 'White, D.J.'       3 ? 
primary 'Mitchenall, L.A.'  4 ? 
primary 'Pau, R.N.'         5 ? 
primary 'Lawson, D.M.'      6 ? 
# 
loop_
_entity.id 
_entity.type 
_entity.src_method 
_entity.pdbx_description 
_entity.formula_weight 
_entity.pdbx_number_of_molecules 
_entity.pdbx_ec 
_entity.pdbx_mutation 
_entity.pdbx_fragment 
_entity.details 
1 polymer     man MOLYBDENUM-BINDING-PROTEIN 14654.964 1  ? ? ? ? 
2 non-polymer syn 'TUNGSTATE(VI)ION'         247.838   2  ? ? ? ? 
3 non-polymer syn 'PHOSPHATE ION'            94.971    2  ? ? ? ? 
4 water       nat water                      18.015    61 ? ? ? ? 
# 
_entity_name_com.entity_id   1 
_entity_name_com.name        MODG 
# 
_entity_poly.entity_id                      1 
_entity_poly.type                           'polypeptide(L)' 
_entity_poly.nstd_linkage                   no 
_entity_poly.nstd_monomer                   no 
_entity_poly.pdbx_seq_one_letter_code       
;GSHMKISARNVFKGTVSALKEGAVNAEVDILLGGGDKLAAVVTLESARSLQLAAGKEVVAVVKAPWVLLMTDSSGYRLSA
RNILTGTVKTIETGAVNAEVTLALQGGTEITSMVTKEAVAELGLKPGASASAVIKASNVILGVPA
;
_entity_poly.pdbx_seq_one_letter_code_can   
;GSHMKISARNVFKGTVSALKEGAVNAEVDILLGGGDKLAAVVTLESARSLQLAAGKEVVAVVKAPWVLLMTDSSGYRLSA
RNILTGTVKTIETGAVNAEVTLALQGGTEITSMVTKEAVAELGLKPGASASAVIKASNVILGVPA
;
_entity_poly.pdbx_strand_id                 A 
_entity_poly.pdbx_target_identifier         ? 
# 
loop_
_pdbx_entity_nonpoly.entity_id 
_pdbx_entity_nonpoly.name 
_pdbx_entity_nonpoly.comp_id 
2 'TUNGSTATE(VI)ION' WO4 
3 'PHOSPHATE ION'    PO4 
4 water              HOH 
# 
loop_
_entity_poly_seq.entity_id 
_entity_poly_seq.num 
_entity_poly_seq.mon_id 
_entity_poly_seq.hetero 
1 1   GLY n 
1 2   SER n 
1 3   HIS n 
1 4   MET n 
1 5   LYS n 
1 6   ILE n 
1 7   SER n 
1 8   ALA n 
1 9   ARG n 
1 10  ASN n 
1 11  VAL n 
1 12  PHE n 
1 13  LYS n 
1 14  GLY n 
1 15  THR n 
1 16  VAL n 
1 17  SER n 
1 18  ALA n 
1 19  LEU n 
1 20  LYS n 
1 21  GLU n 
1 22  GLY n 
1 23  ALA n 
1 24  VAL n 
1 25  ASN n 
1 26  ALA n 
1 27  GLU n 
1 28  VAL n 
1 29  ASP n 
1 30  ILE n 
1 31  LEU n 
1 32  LEU n 
1 33  GLY n 
1 34  GLY n 
1 35  GLY n 
1 36  ASP n 
1 37  LYS n 
1 38  LEU n 
1 39  ALA n 
1 40  ALA n 
1 41  VAL n 
1 42  VAL n 
1 43  THR n 
1 44  LEU n 
1 45  GLU n 
1 46  SER n 
1 47  ALA n 
1 48  ARG n 
1 49  SER n 
1 50  LEU n 
1 51  GLN n 
1 52  LEU n 
1 53  ALA n 
1 54  ALA n 
1 55  GLY n 
1 56  LYS n 
1 57  GLU n 
1 58  VAL n 
1 59  VAL n 
1 60  ALA n 
1 61  VAL n 
1 62  VAL n 
1 63  LYS n 
1 64  ALA n 
1 65  PRO n 
1 66  TRP n 
1 67  VAL n 
1 68  LEU n 
1 69  LEU n 
1 70  MET n 
1 71  THR n 
1 72  ASP n 
1 73  SER n 
1 74  SER n 
1 75  GLY n 
1 76  TYR n 
1 77  ARG n 
1 78  LEU n 
1 79  SER n 
1 80  ALA n 
1 81  ARG n 
1 82  ASN n 
1 83  ILE n 
1 84  LEU n 
1 85  THR n 
1 86  GLY n 
1 87  THR n 
1 88  VAL n 
1 89  LYS n 
1 90  THR n 
1 91  ILE n 
1 92  GLU n 
1 93  THR n 
1 94  GLY n 
1 95  ALA n 
1 96  VAL n 
1 97  ASN n 
1 98  ALA n 
1 99  GLU n 
1 100 VAL n 
1 101 THR n 
1 102 LEU n 
1 103 ALA n 
1 104 LEU n 
1 105 GLN n 
1 106 GLY n 
1 107 GLY n 
1 108 THR n 
1 109 GLU n 
1 110 ILE n 
1 111 THR n 
1 112 SER n 
1 113 MET n 
1 114 VAL n 
1 115 THR n 
1 116 LYS n 
1 117 GLU n 
1 118 ALA n 
1 119 VAL n 
1 120 ALA n 
1 121 GLU n 
1 122 LEU n 
1 123 GLY n 
1 124 LEU n 
1 125 LYS n 
1 126 PRO n 
1 127 GLY n 
1 128 ALA n 
1 129 SER n 
1 130 ALA n 
1 131 SER n 
1 132 ALA n 
1 133 VAL n 
1 134 ILE n 
1 135 LYS n 
1 136 ALA n 
1 137 SER n 
1 138 ASN n 
1 139 VAL n 
1 140 ILE n 
1 141 LEU n 
1 142 GLY n 
1 143 VAL n 
1 144 PRO n 
1 145 ALA n 
# 
_entity_src_gen.entity_id                          1 
_entity_src_gen.pdbx_src_id                        1 
_entity_src_gen.pdbx_alt_source_flag               sample 
_entity_src_gen.pdbx_seq_type                      ? 
_entity_src_gen.pdbx_beg_seq_num                   ? 
_entity_src_gen.pdbx_end_seq_num                   ? 
_entity_src_gen.gene_src_common_name               ? 
_entity_src_gen.gene_src_genus                     ? 
_entity_src_gen.pdbx_gene_src_gene                 MODG 
_entity_src_gen.gene_src_species                   ? 
_entity_src_gen.gene_src_strain                    E162 
_entity_src_gen.gene_src_tissue                    ? 
_entity_src_gen.gene_src_tissue_fraction           ? 
_entity_src_gen.gene_src_details                   ? 
_entity_src_gen.pdbx_gene_src_fragment             ? 
_entity_src_gen.pdbx_gene_src_scientific_name      'AZOTOBACTER VINELANDII' 
_entity_src_gen.pdbx_gene_src_ncbi_taxonomy_id     354 
_entity_src_gen.pdbx_gene_src_variant              ? 
_entity_src_gen.pdbx_gene_src_cell_line            ? 
_entity_src_gen.pdbx_gene_src_atcc                 ? 
_entity_src_gen.pdbx_gene_src_organ                ? 
_entity_src_gen.pdbx_gene_src_organelle            ? 
_entity_src_gen.pdbx_gene_src_cell                 ? 
_entity_src_gen.pdbx_gene_src_cellular_location    CYTOPLASM 
_entity_src_gen.host_org_common_name               ? 
_entity_src_gen.pdbx_host_org_scientific_name      'ESCHERICHIA COLI' 
_entity_src_gen.pdbx_host_org_ncbi_taxonomy_id     511693 
_entity_src_gen.host_org_genus                     ? 
_entity_src_gen.pdbx_host_org_gene                 MODG 
_entity_src_gen.pdbx_host_org_organ                ? 
_entity_src_gen.host_org_species                   ? 
_entity_src_gen.pdbx_host_org_tissue               ? 
_entity_src_gen.pdbx_host_org_tissue_fraction      ? 
_entity_src_gen.pdbx_host_org_strain               BL21 
_entity_src_gen.pdbx_host_org_variant              ? 
_entity_src_gen.pdbx_host_org_cell_line            ? 
_entity_src_gen.pdbx_host_org_atcc                 ? 
_entity_src_gen.pdbx_host_org_culture_collection   ? 
_entity_src_gen.pdbx_host_org_cell                 ? 
_entity_src_gen.pdbx_host_org_organelle            ? 
_entity_src_gen.pdbx_host_org_cellular_location    ? 
_entity_src_gen.pdbx_host_org_vector_type          PLASMID 
_entity_src_gen.pdbx_host_org_vector               PDJW373 
_entity_src_gen.host_org_details                   ? 
_entity_src_gen.expression_system_id               ? 
_entity_src_gen.plasmid_name                       ? 
_entity_src_gen.plasmid_details                    ? 
_entity_src_gen.pdbx_description                   ? 
# 
loop_
_chem_comp.id 
_chem_comp.type 
_chem_comp.mon_nstd_flag 
_chem_comp.name 
_chem_comp.pdbx_synonyms 
_chem_comp.formula 
_chem_comp.formula_weight 
ALA 'L-peptide linking' y ALANINE            ? 'C3 H7 N O2'     89.093  
ARG 'L-peptide linking' y ARGININE           ? 'C6 H15 N4 O2 1' 175.209 
ASN 'L-peptide linking' y ASPARAGINE         ? 'C4 H8 N2 O3'    132.118 
ASP 'L-peptide linking' y 'ASPARTIC ACID'    ? 'C4 H7 N O4'     133.103 
GLN 'L-peptide linking' y GLUTAMINE          ? 'C5 H10 N2 O3'   146.144 
GLU 'L-peptide linking' y 'GLUTAMIC ACID'    ? 'C5 H9 N O4'     147.129 
GLY 'peptide linking'   y GLYCINE            ? 'C2 H5 N O2'     75.067  
HIS 'L-peptide linking' y HISTIDINE          ? 'C6 H10 N3 O2 1' 156.162 
HOH non-polymer         . WATER              ? 'H2 O'           18.015  
ILE 'L-peptide linking' y ISOLEUCINE         ? 'C6 H13 N O2'    131.173 
LEU 'L-peptide linking' y LEUCINE            ? 'C6 H13 N O2'    131.173 
LYS 'L-peptide linking' y LYSINE             ? 'C6 H15 N2 O2 1' 147.195 
MET 'L-peptide linking' y METHIONINE         ? 'C5 H11 N O2 S'  149.211 
PHE 'L-peptide linking' y PHENYLALANINE      ? 'C9 H11 N O2'    165.189 
PO4 non-polymer         . 'PHOSPHATE ION'    ? 'O4 P -3'        94.971  
PRO 'L-peptide linking' y PROLINE            ? 'C5 H9 N O2'     115.130 
SER 'L-peptide linking' y SERINE             ? 'C3 H7 N O3'     105.093 
THR 'L-peptide linking' y THREONINE          ? 'C4 H9 N O3'     119.119 
TRP 'L-peptide linking' y TRYPTOPHAN         ? 'C11 H12 N2 O2'  204.225 
TYR 'L-peptide linking' y TYROSINE           ? 'C9 H11 N O3'    181.189 
VAL 'L-peptide linking' y VALINE             ? 'C5 H11 N O2'    117.146 
WO4 non-polymer         . 'TUNGSTATE(VI)ION' ? 'O4 W -2'        247.838 
# 
loop_
_pdbx_poly_seq_scheme.asym_id 
_pdbx_poly_seq_scheme.entity_id 
_pdbx_poly_seq_scheme.seq_id 
_pdbx_poly_seq_scheme.mon_id 
_pdbx_poly_seq_scheme.ndb_seq_num 
_pdbx_poly_seq_scheme.pdb_seq_num 
_pdbx_poly_seq_scheme.auth_seq_num 
_pdbx_poly_seq_scheme.pdb_mon_id 
_pdbx_poly_seq_scheme.auth_mon_id 
_pdbx_poly_seq_scheme.pdb_strand_id 
_pdbx_poly_seq_scheme.pdb_ins_code 
_pdbx_poly_seq_scheme.hetero 
A 1 1   GLY 1   -3  -3  GLY GLY A . n 
A 1 2   SER 2   -2  -2  SER SER A . n 
A 1 3   HIS 3   -1  -1  HIS HIS A . n 
A 1 4   MET 4   1   1   MET MET A . n 
A 1 5   LYS 5   2   2   LYS LYS A . n 
A 1 6   ILE 6   3   3   ILE ILE A . n 
A 1 7   SER 7   4   4   SER SER A . n 
A 1 8   ALA 8   5   5   ALA ALA A . n 
A 1 9   ARG 9   6   6   ARG ARG A . n 
A 1 10  ASN 10  7   7   ASN ASN A . n 
A 1 11  VAL 11  8   8   VAL VAL A . n 
A 1 12  PHE 12  9   9   PHE PHE A . n 
A 1 13  LYS 13  10  10  LYS LYS A . n 
A 1 14  GLY 14  11  11  GLY GLY A . n 
A 1 15  THR 15  12  12  THR THR A . n 
A 1 16  VAL 16  13  13  VAL VAL A . n 
A 1 17  SER 17  14  14  SER SER A . n 
A 1 18  ALA 18  15  15  ALA ALA A . n 
A 1 19  LEU 19  16  16  LEU LEU A . n 
A 1 20  LYS 20  17  17  LYS LYS A . n 
A 1 21  GLU 21  18  18  GLU GLU A . n 
A 1 22  GLY 22  19  19  GLY GLY A . n 
A 1 23  ALA 23  20  20  ALA ALA A . n 
A 1 24  VAL 24  21  21  VAL VAL A . n 
A 1 25  ASN 25  22  22  ASN ASN A . n 
A 1 26  ALA 26  23  23  ALA ALA A . n 
A 1 27  GLU 27  24  24  GLU GLU A . n 
A 1 28  VAL 28  25  25  VAL VAL A . n 
A 1 29  ASP 29  26  26  ASP ASP A . n 
A 1 30  ILE 30  27  27  ILE ILE A . n 
A 1 31  LEU 31  28  28  LEU LEU A . n 
A 1 32  LEU 32  29  29  LEU LEU A . n 
A 1 33  GLY 33  30  30  GLY GLY A . n 
A 1 34  GLY 34  31  31  GLY GLY A . n 
A 1 35  GLY 35  32  32  GLY GLY A . n 
A 1 36  ASP 36  33  33  ASP ASP A . n 
A 1 37  LYS 37  34  34  LYS LYS A . n 
A 1 38  LEU 38  35  35  LEU LEU A . n 
A 1 39  ALA 39  36  36  ALA ALA A . n 
A 1 40  ALA 40  37  37  ALA ALA A . n 
A 1 41  VAL 41  38  38  VAL VAL A . n 
A 1 42  VAL 42  39  39  VAL VAL A . n 
A 1 43  THR 43  40  40  THR THR A . n 
A 1 44  LEU 44  41  41  LEU LEU A . n 
A 1 45  GLU 45  42  42  GLU GLU A . n 
A 1 46  SER 46  43  43  SER SER A . n 
A 1 47  ALA 47  44  44  ALA ALA A . n 
A 1 48  ARG 48  45  45  ARG ARG A . n 
A 1 49  SER 49  46  46  SER SER A . n 
A 1 50  LEU 50  47  47  LEU LEU A . n 
A 1 51  GLN 51  48  48  GLN GLN A . n 
A 1 52  LEU 52  49  49  LEU LEU A . n 
A 1 53  ALA 53  50  50  ALA ALA A . n 
A 1 54  ALA 54  51  51  ALA ALA A . n 
A 1 55  GLY 55  52  52  GLY GLY A . n 
A 1 56  LYS 56  53  53  LYS LYS A . n 
A 1 57  GLU 57  54  54  GLU GLU A . n 
A 1 58  VAL 58  55  55  VAL VAL A . n 
A 1 59  VAL 59  56  56  VAL VAL A . n 
A 1 60  ALA 60  57  57  ALA ALA A . n 
A 1 61  VAL 61  58  58  VAL VAL A . n 
A 1 62  VAL 62  59  59  VAL VAL A . n 
A 1 63  LYS 63  60  60  LYS LYS A . n 
A 1 64  ALA 64  61  61  ALA ALA A . n 
A 1 65  PRO 65  62  62  PRO PRO A . n 
A 1 66  TRP 66  63  63  TRP TRP A . n 
A 1 67  VAL 67  64  64  VAL VAL A . n 
A 1 68  LEU 68  65  65  LEU LEU A . n 
A 1 69  LEU 69  66  66  LEU LEU A . n 
A 1 70  MET 70  67  67  MET MET A . n 
A 1 71  THR 71  68  68  THR THR A . n 
A 1 72  ASP 72  69  69  ASP ASP A . n 
A 1 73  SER 73  70  70  SER SER A . n 
A 1 74  SER 74  71  71  SER SER A . n 
A 1 75  GLY 75  72  72  GLY GLY A . n 
A 1 76  TYR 76  73  73  TYR TYR A . n 
A 1 77  ARG 77  74  74  ARG ARG A . n 
A 1 78  LEU 78  75  75  LEU LEU A . n 
A 1 79  SER 79  76  76  SER SER A . n 
A 1 80  ALA 80  77  77  ALA ALA A . n 
A 1 81  ARG 81  78  78  ARG ARG A . n 
A 1 82  ASN 82  79  79  ASN ASN A . n 
A 1 83  ILE 83  80  80  ILE ILE A . n 
A 1 84  LEU 84  81  81  LEU LEU A . n 
A 1 85  THR 85  82  82  THR THR A . n 
A 1 86  GLY 86  83  83  GLY GLY A . n 
A 1 87  THR 87  84  84  THR THR A . n 
A 1 88  VAL 88  85  85  VAL VAL A . n 
A 1 89  LYS 89  86  86  LYS LYS A . n 
A 1 90  THR 90  87  87  THR THR A . n 
A 1 91  ILE 91  88  88  ILE ILE A . n 
A 1 92  GLU 92  89  89  GLU GLU A . n 
A 1 93  THR 93  90  90  THR THR A . n 
A 1 94  GLY 94  91  91  GLY GLY A . n 
A 1 95  ALA 95  92  92  ALA ALA A . n 
A 1 96  VAL 96  93  93  VAL VAL A . n 
A 1 97  ASN 97  94  94  ASN ASN A . n 
A 1 98  ALA 98  95  95  ALA ALA A . n 
A 1 99  GLU 99  96  96  GLU GLU A . n 
A 1 100 VAL 100 97  97  VAL VAL A . n 
A 1 101 THR 101 98  98  THR THR A . n 
A 1 102 LEU 102 99  99  LEU LEU A . n 
A 1 103 ALA 103 100 100 ALA ALA A . n 
A 1 104 LEU 104 101 101 LEU LEU A . n 
A 1 105 GLN 105 102 102 GLN GLN A . n 
A 1 106 GLY 106 103 103 GLY GLY A . n 
A 1 107 GLY 107 104 104 GLY GLY A . n 
A 1 108 THR 108 105 105 THR THR A . n 
A 1 109 GLU 109 106 106 GLU GLU A . n 
A 1 110 ILE 110 107 107 ILE ILE A . n 
A 1 111 THR 111 108 108 THR THR A . n 
A 1 112 SER 112 109 109 SER SER A . n 
A 1 113 MET 113 110 110 MET MET A . n 
A 1 114 VAL 114 111 111 VAL VAL A . n 
A 1 115 THR 115 112 112 THR THR A . n 
A 1 116 LYS 116 113 113 LYS LYS A . n 
A 1 117 GLU 117 114 114 GLU GLU A . n 
A 1 118 ALA 118 115 115 ALA ALA A . n 
A 1 119 VAL 119 116 116 VAL VAL A . n 
A 1 120 ALA 120 117 117 ALA ALA A . n 
A 1 121 GLU 121 118 118 GLU GLU A . n 
A 1 122 LEU 122 119 119 LEU LEU A . n 
A 1 123 GLY 123 120 120 GLY GLY A . n 
A 1 124 LEU 124 121 121 LEU LEU A . n 
A 1 125 LYS 125 122 122 LYS LYS A . n 
A 1 126 PRO 126 123 123 PRO PRO A . n 
A 1 127 GLY 127 124 124 GLY GLY A . n 
A 1 128 ALA 128 125 125 ALA ALA A . n 
A 1 129 SER 129 126 126 SER SER A . n 
A 1 130 ALA 130 127 127 ALA ALA A . n 
A 1 131 SER 131 128 128 SER SER A . n 
A 1 132 ALA 132 129 129 ALA ALA A . n 
A 1 133 VAL 133 130 130 VAL VAL A . n 
A 1 134 ILE 134 131 131 ILE ILE A . n 
A 1 135 LYS 135 132 132 LYS LYS A . n 
A 1 136 ALA 136 133 133 ALA ALA A . n 
A 1 137 SER 137 134 134 SER SER A . n 
A 1 138 ASN 138 135 135 ASN ASN A . n 
A 1 139 VAL 139 136 136 VAL VAL A . n 
A 1 140 ILE 140 137 137 ILE ILE A . n 
A 1 141 LEU 141 138 138 LEU LEU A . n 
A 1 142 GLY 142 139 139 GLY GLY A . n 
A 1 143 VAL 143 140 140 VAL VAL A . n 
A 1 144 PRO 144 141 141 PRO PRO A . n 
A 1 145 ALA 145 142 ?   ?   ?   A . n 
# 
loop_
_pdbx_nonpoly_scheme.asym_id 
_pdbx_nonpoly_scheme.entity_id 
_pdbx_nonpoly_scheme.mon_id 
_pdbx_nonpoly_scheme.ndb_seq_num 
_pdbx_nonpoly_scheme.pdb_seq_num 
_pdbx_nonpoly_scheme.auth_seq_num 
_pdbx_nonpoly_scheme.pdb_mon_id 
_pdbx_nonpoly_scheme.auth_mon_id 
_pdbx_nonpoly_scheme.pdb_strand_id 
_pdbx_nonpoly_scheme.pdb_ins_code 
B 2 WO4 1  1142 1142 WO4 WO4 A . 
C 2 WO4 1  1143 1143 WO4 WO4 A . 
D 3 PO4 1  1144 1144 PO4 PO4 A . 
E 3 PO4 1  1145 1145 PO4 PO4 A . 
F 4 HOH 1  2001 2001 HOH HOH A . 
F 4 HOH 2  2002 2002 HOH HOH A . 
F 4 HOH 3  2003 2003 HOH HOH A . 
F 4 HOH 4  2004 2004 HOH HOH A . 
F 4 HOH 5  2005 2005 HOH HOH A . 
F 4 HOH 6  2006 2006 HOH HOH A . 
F 4 HOH 7  2007 2007 HOH HOH A . 
F 4 HOH 8  2008 2008 HOH HOH A . 
F 4 HOH 9  2009 2009 HOH HOH A . 
F 4 HOH 10 2010 2010 HOH HOH A . 
F 4 HOH 11 2011 2011 HOH HOH A . 
F 4 HOH 12 2012 2012 HOH HOH A . 
F 4 HOH 13 2013 2013 HOH HOH A . 
F 4 HOH 14 2014 2014 HOH HOH A . 
F 4 HOH 15 2015 2015 HOH HOH A . 
F 4 HOH 16 2016 2016 HOH HOH A . 
F 4 HOH 17 2017 2017 HOH HOH A . 
F 4 HOH 18 2018 2018 HOH HOH A . 
F 4 HOH 19 2019 2019 HOH HOH A . 
F 4 HOH 20 2020 2020 HOH HOH A . 
F 4 HOH 21 2021 2021 HOH HOH A . 
F 4 HOH 22 2022 2022 HOH HOH A . 
F 4 HOH 23 2023 2023 HOH HOH A . 
F 4 HOH 24 2024 2024 HOH HOH A . 
F 4 HOH 25 2025 2025 HOH HOH A . 
F 4 HOH 26 2026 2026 HOH HOH A . 
F 4 HOH 27 2027 2027 HOH HOH A . 
F 4 HOH 28 2028 2028 HOH HOH A . 
F 4 HOH 29 2029 2029 HOH HOH A . 
F 4 HOH 30 2030 2030 HOH HOH A . 
F 4 HOH 31 2031 2031 HOH HOH A . 
F 4 HOH 32 2032 2032 HOH HOH A . 
F 4 HOH 33 2033 2033 HOH HOH A . 
F 4 HOH 34 2034 2034 HOH HOH A . 
F 4 HOH 35 2035 2035 HOH HOH A . 
F 4 HOH 36 2036 2036 HOH HOH A . 
F 4 HOH 37 2037 2037 HOH HOH A . 
F 4 HOH 38 2038 2038 HOH HOH A . 
F 4 HOH 39 2039 2039 HOH HOH A . 
F 4 HOH 40 2040 2040 HOH HOH A . 
F 4 HOH 41 2041 2041 HOH HOH A . 
F 4 HOH 42 2042 2042 HOH HOH A . 
F 4 HOH 43 2043 2043 HOH HOH A . 
F 4 HOH 44 2044 2044 HOH HOH A . 
F 4 HOH 45 2045 2045 HOH HOH A . 
F 4 HOH 46 2046 2046 HOH HOH A . 
F 4 HOH 47 2047 2047 HOH HOH A . 
F 4 HOH 48 2048 2048 HOH HOH A . 
F 4 HOH 49 2049 2049 HOH HOH A . 
F 4 HOH 50 2050 2050 HOH HOH A . 
F 4 HOH 51 2051 2051 HOH HOH A . 
F 4 HOH 52 2052 2052 HOH HOH A . 
F 4 HOH 53 2053 2053 HOH HOH A . 
F 4 HOH 54 2054 2054 HOH HOH A . 
F 4 HOH 55 2055 2055 HOH HOH A . 
F 4 HOH 56 2056 2056 HOH HOH A . 
F 4 HOH 57 2057 2057 HOH HOH A . 
F 4 HOH 58 2058 2058 HOH HOH A . 
F 4 HOH 59 2059 2059 HOH HOH A . 
F 4 HOH 60 2060 2060 HOH HOH A . 
F 4 HOH 61 2061 2061 HOH HOH A . 
# 
loop_
_pdbx_unobs_or_zero_occ_atoms.id 
_pdbx_unobs_or_zero_occ_atoms.PDB_model_num 
_pdbx_unobs_or_zero_occ_atoms.polymer_flag 
_pdbx_unobs_or_zero_occ_atoms.occupancy_flag 
_pdbx_unobs_or_zero_occ_atoms.auth_asym_id 
_pdbx_unobs_or_zero_occ_atoms.auth_comp_id 
_pdbx_unobs_or_zero_occ_atoms.auth_seq_id 
_pdbx_unobs_or_zero_occ_atoms.PDB_ins_code 
_pdbx_unobs_or_zero_occ_atoms.auth_atom_id 
_pdbx_unobs_or_zero_occ_atoms.label_alt_id 
_pdbx_unobs_or_zero_occ_atoms.label_asym_id 
_pdbx_unobs_or_zero_occ_atoms.label_comp_id 
_pdbx_unobs_or_zero_occ_atoms.label_seq_id 
_pdbx_unobs_or_zero_occ_atoms.label_atom_id 
1  1 Y 1 A LYS 17   ? CG  ? A LYS 20  CG  
2  1 Y 1 A LYS 17   ? CD  ? A LYS 20  CD  
3  1 Y 1 A LYS 17   ? CE  ? A LYS 20  CE  
4  1 Y 1 A LYS 17   ? NZ  ? A LYS 20  NZ  
5  1 Y 1 A LYS 34   ? CG  ? A LYS 37  CG  
6  1 Y 1 A LYS 34   ? CD  ? A LYS 37  CD  
7  1 Y 1 A LYS 34   ? CE  ? A LYS 37  CE  
8  1 Y 1 A LYS 34   ? NZ  ? A LYS 37  NZ  
9  1 Y 1 A GLU 42   ? CD  ? A GLU 45  CD  
10 1 Y 1 A GLU 42   ? OE1 ? A GLU 45  OE1 
11 1 Y 1 A GLU 42   ? OE2 ? A GLU 45  OE2 
12 1 Y 1 A ARG 78   ? CG  ? A ARG 81  CG  
13 1 Y 1 A ARG 78   ? CD  ? A ARG 81  CD  
14 1 Y 1 A ARG 78   ? NE  ? A ARG 81  NE  
15 1 Y 1 A ARG 78   ? CZ  ? A ARG 81  CZ  
16 1 Y 1 A ARG 78   ? NH1 ? A ARG 81  NH1 
17 1 Y 1 A ARG 78   ? NH2 ? A ARG 81  NH2 
18 1 Y 1 A LYS 113  ? CG  ? A LYS 116 CG  
19 1 Y 1 A LYS 113  ? CD  ? A LYS 116 CD  
20 1 Y 1 A LYS 113  ? CE  ? A LYS 116 CE  
21 1 Y 1 A LYS 113  ? NZ  ? A LYS 116 NZ  
22 1 Y 1 A GLU 114  ? CG  ? A GLU 117 CG  
23 1 Y 1 A GLU 114  ? CD  ? A GLU 117 CD  
24 1 Y 1 A GLU 114  ? OE1 ? A GLU 117 OE1 
25 1 Y 1 A GLU 114  ? OE2 ? A GLU 117 OE2 
26 1 Y 1 A LYS 122  ? NZ  ? A LYS 125 NZ  
27 1 N 1 A WO4 1142 ? O3  ? B WO4 1   O3  
28 1 N 1 A WO4 1142 ? O4  ? B WO4 1   O4  
# 
loop_
_software.name 
_software.classification 
_software.version 
_software.citation_id 
_software.pdbx_ordinal 
REFMAC    refinement       . ? 1 
DENZO     'data reduction' . ? 2 
SCALEPACK 'data scaling'   . ? 3 
MLPHARE   phasing          . ? 4 
# 
_cell.entry_id           1H9K 
_cell.length_a           50.685 
_cell.length_b           50.685 
_cell.length_c           79.112 
_cell.angle_alpha        90.00 
_cell.angle_beta         90.00 
_cell.angle_gamma        120.00 
_cell.Z_PDB              6 
_cell.pdbx_unique_axis   ? 
# 
_symmetry.entry_id                         1H9K 
_symmetry.space_group_name_H-M             'P 3 2 1' 
_symmetry.pdbx_full_space_group_name_H-M   ? 
_symmetry.cell_setting                     ? 
_symmetry.Int_Tables_number                150 
# 
_exptl.entry_id          1H9K 
_exptl.method            'X-RAY DIFFRACTION' 
_exptl.crystals_number   1 
# 
_exptl_crystal.id                    1 
_exptl_crystal.density_meas          ? 
_exptl_crystal.density_Matthews      1.34 
_exptl_crystal.density_percent_sol   40 
_exptl_crystal.description           ? 
# 
_exptl_crystal_grow.crystal_id      1 
_exptl_crystal_grow.method          'VAPOR DIFFUSION' 
_exptl_crystal_grow.temp            ? 
_exptl_crystal_grow.temp_details    ? 
_exptl_crystal_grow.pH              8.50 
_exptl_crystal_grow.pdbx_pH_range   ? 
_exptl_crystal_grow.pdbx_details    'VAPOUR DIFFUSION. 75% SATURATED KH2PO4 IN 100MM TRIS-HCL PH8.5 WITH 2MM NA2WO4., pH 8.50' 
# 
_diffrn.id                     1 
_diffrn.ambient_temp           100.0 
_diffrn.ambient_temp_details   ? 
_diffrn.crystal_id             1 
# 
_diffrn_detector.diffrn_id              1 
_diffrn_detector.detector               CCD 
_diffrn_detector.type                   MARRESEARCH 
_diffrn_detector.pdbx_collection_date   1998-04-15 
_diffrn_detector.details                ? 
# 
_diffrn_radiation.diffrn_id                        1 
_diffrn_radiation.wavelength_id                    1 
_diffrn_radiation.pdbx_monochromatic_or_laue_m_l   M 
_diffrn_radiation.monochromator                    ? 
_diffrn_radiation.pdbx_diffrn_protocol             'SINGLE WAVELENGTH' 
_diffrn_radiation.pdbx_scattering_type             x-ray 
# 
_diffrn_radiation_wavelength.id           1 
_diffrn_radiation_wavelength.wavelength   0.947 
_diffrn_radiation_wavelength.wt           1.0 
# 
_diffrn_source.diffrn_id                   1 
_diffrn_source.source                      SYNCHROTRON 
_diffrn_source.type                        'ESRF BEAMLINE ID14-3' 
_diffrn_source.pdbx_synchrotron_site       ESRF 
_diffrn_source.pdbx_synchrotron_beamline   ID14-3 
_diffrn_source.pdbx_wavelength             0.947 
_diffrn_source.pdbx_wavelength_list        ? 
# 
_reflns.pdbx_diffrn_id               1 
_reflns.pdbx_ordinal                 1 
_reflns.entry_id                     1H9K 
_reflns.observed_criterion_sigma_I   -3.000 
_reflns.observed_criterion_sigma_F   ? 
_reflns.d_resolution_low             44.000 
_reflns.d_resolution_high            1.800 
_reflns.number_obs                   10860 
_reflns.number_all                   ? 
_reflns.percent_possible_obs         98.9 
_reflns.pdbx_Rmerge_I_obs            0.08800 
_reflns.pdbx_Rsym_value              ? 
_reflns.pdbx_netI_over_sigmaI        5.5000 
_reflns.B_iso_Wilson_estimate        17.4 
_reflns.pdbx_redundancy              9.500 
# 
_reflns_shell.pdbx_diffrn_id         1 
_reflns_shell.pdbx_ordinal           1 
_reflns_shell.d_res_high             1.80 
_reflns_shell.d_res_low              1.90 
_reflns_shell.percent_possible_all   95.6 
_reflns_shell.Rmerge_I_obs           0.22400 
_reflns_shell.pdbx_Rsym_value        ? 
_reflns_shell.meanI_over_sigI_obs    2.700 
_reflns_shell.pdbx_redundancy        7.10 
# 
_refine.pdbx_refine_id                           'X-RAY DIFFRACTION' 
_refine.entry_id                                 1H9K 
_refine.pdbx_diffrn_id                           1 
_refine.pdbx_TLS_residual_ADP_flag               ? 
_refine.ls_number_reflns_obs                     10860 
_refine.ls_number_reflns_all                     ? 
_refine.pdbx_ls_sigma_I                          ? 
_refine.pdbx_ls_sigma_F                          0.0 
_refine.pdbx_data_cutoff_high_absF               ? 
_refine.pdbx_data_cutoff_low_absF                ? 
_refine.pdbx_data_cutoff_high_rms_absF           ? 
_refine.ls_d_res_low                             40.0 
_refine.ls_d_res_high                            1.80 
_refine.ls_percent_reflns_obs                    98.9 
_refine.ls_R_factor_obs                          ? 
_refine.ls_R_factor_all                          ? 
_refine.ls_R_factor_R_work                       0.186 
_refine.ls_R_factor_R_free                       0.227 
_refine.ls_R_factor_R_free_error                 ? 
_refine.ls_R_factor_R_free_error_details         ? 
_refine.ls_percent_reflns_R_free                 5.0 
_refine.ls_number_reflns_R_free                  538 
_refine.ls_number_parameters                     ? 
_refine.ls_number_restraints                     ? 
_refine.occupancy_min                            ? 
_refine.occupancy_max                            ? 
_refine.correlation_coeff_Fo_to_Fc               ? 
_refine.correlation_coeff_Fo_to_Fc_free          ? 
_refine.B_iso_mean                               19 
_refine.aniso_B[1][1]                            ? 
_refine.aniso_B[2][2]                            ? 
_refine.aniso_B[3][3]                            ? 
_refine.aniso_B[1][2]                            ? 
_refine.aniso_B[1][3]                            ? 
_refine.aniso_B[2][3]                            ? 
_refine.solvent_model_details                    ? 
_refine.solvent_model_param_ksol                 ? 
_refine.solvent_model_param_bsol                 ? 
_refine.pdbx_solvent_vdw_probe_radii             ? 
_refine.pdbx_solvent_ion_probe_radii             ? 
_refine.pdbx_solvent_shrinkage_radii             ? 
_refine.pdbx_ls_cross_valid_method               THROUGHOUT 
_refine.details                                  ? 
_refine.pdbx_starting_model                      ? 
_refine.pdbx_method_to_determine_struct          MAD 
_refine.pdbx_isotropic_thermal_model             ? 
_refine.pdbx_stereochemistry_target_values       ? 
_refine.pdbx_stereochem_target_val_spec_case     ? 
_refine.pdbx_R_Free_selection_details            RANDOM 
_refine.pdbx_overall_ESU_R                       0.141 
_refine.pdbx_overall_ESU_R_Free                  0.133 
_refine.overall_SU_ML                            ? 
_refine.pdbx_overall_phase_error                 ? 
_refine.overall_SU_B                             ? 
_refine.overall_SU_R_Cruickshank_DPI             ? 
_refine.pdbx_overall_SU_R_free_Cruickshank_DPI   ? 
_refine.pdbx_overall_SU_R_Blow_DPI               ? 
_refine.pdbx_overall_SU_R_free_Blow_DPI          ? 
# 
_refine_hist.pdbx_refine_id                   'X-RAY DIFFRACTION' 
_refine_hist.cycle_id                         LAST 
_refine_hist.pdbx_number_atoms_protein        994 
_refine_hist.pdbx_number_atoms_nucleic_acid   0 
_refine_hist.pdbx_number_atoms_ligand         18 
_refine_hist.number_atoms_solvent             61 
_refine_hist.number_atoms_total               1073 
_refine_hist.d_res_high                       1.80 
_refine_hist.d_res_low                        40.0 
# 
loop_
_refine_ls_restr.type 
_refine_ls_restr.dev_ideal 
_refine_ls_restr.dev_ideal_target 
_refine_ls_restr.weight 
_refine_ls_restr.number 
_refine_ls_restr.pdbx_refine_id 
_refine_ls_restr.pdbx_restraint_function 
p_bond_d            0.013  0.020 ? ? 'X-RAY DIFFRACTION' ? 
p_angle_d           0.034  0.040 ? ? 'X-RAY DIFFRACTION' ? 
p_angle_deg         ?      ?     ? ? 'X-RAY DIFFRACTION' ? 
p_planar_d          0.040  0.050 ? ? 'X-RAY DIFFRACTION' ? 
p_hb_or_metal_coord ?      ?     ? ? 'X-RAY DIFFRACTION' ? 
p_mcbond_it         2.579  3.000 ? ? 'X-RAY DIFFRACTION' ? 
p_mcangle_it        3.809  5.000 ? ? 'X-RAY DIFFRACTION' ? 
p_scbond_it         5.098  6.000 ? ? 'X-RAY DIFFRACTION' ? 
p_scangle_it        7.067  8.000 ? ? 'X-RAY DIFFRACTION' ? 
p_plane_restr       0.0213 0.03  ? ? 'X-RAY DIFFRACTION' ? 
p_chiral_restr      0.134  0.150 ? ? 'X-RAY DIFFRACTION' ? 
p_singtor_nbd       0.177  0.300 ? ? 'X-RAY DIFFRACTION' ? 
p_multtor_nbd       0.271  0.300 ? ? 'X-RAY DIFFRACTION' ? 
p_xhyhbond_nbd      ?      ?     ? ? 'X-RAY DIFFRACTION' ? 
p_xyhbond_nbd       0.150  0.300 ? ? 'X-RAY DIFFRACTION' ? 
p_planar_tor        3.6    7.0   ? ? 'X-RAY DIFFRACTION' ? 
p_staggered_tor     13.8   15.0  ? ? 'X-RAY DIFFRACTION' ? 
p_orthonormal_tor   ?      ?     ? ? 'X-RAY DIFFRACTION' ? 
p_transverse_tor    46.5   20.0  ? ? 'X-RAY DIFFRACTION' ? 
p_special_tor       ?      ?     ? ? 'X-RAY DIFFRACTION' ? 
# 
_struct.entry_id                  1H9K 
_struct.title                     
;Two crystal structures of the cytoplasmic molybdate-binding protein ModG suggest a novel cooperative binding mechanism and provide insights into ligand-binding specificity. Phosphate-grown form with tungstate and phosphate bound
;
_struct.pdbx_model_details        ? 
_struct.pdbx_CASP_flag            ? 
_struct.pdbx_model_type_details   ? 
# 
_struct_keywords.entry_id        1H9K 
_struct_keywords.pdbx_keywords   'BINDING PROTEIN' 
_struct_keywords.text            'BINDING PROTEIN, MOLYBDATE HOMEOSTASIS' 
# 
loop_
_struct_asym.id 
_struct_asym.pdbx_blank_PDB_chainid_flag 
_struct_asym.pdbx_modified 
_struct_asym.entity_id 
_struct_asym.details 
A N N 1 ? 
B N N 2 ? 
C N N 2 ? 
D N N 3 ? 
E N N 3 ? 
F N N 4 ? 
# 
loop_
_struct_ref.id 
_struct_ref.db_name 
_struct_ref.db_code 
_struct_ref.entity_id 
_struct_ref.pdbx_seq_one_letter_code 
_struct_ref.pdbx_align_begin 
_struct_ref.pdbx_db_accession 
_struct_ref.pdbx_db_isoform 
1 PDB 1H9K   1 ? ? 1H9K   ? 
2 UNP Q44529 1 ? ? Q44529 ? 
# 
loop_
_struct_ref_seq.align_id 
_struct_ref_seq.ref_id 
_struct_ref_seq.pdbx_PDB_id_code 
_struct_ref_seq.pdbx_strand_id 
_struct_ref_seq.seq_align_beg 
_struct_ref_seq.pdbx_seq_align_beg_ins_code 
_struct_ref_seq.seq_align_end 
_struct_ref_seq.pdbx_seq_align_end_ins_code 
_struct_ref_seq.pdbx_db_accession 
_struct_ref_seq.db_align_beg 
_struct_ref_seq.pdbx_db_align_beg_ins_code 
_struct_ref_seq.db_align_end 
_struct_ref_seq.pdbx_db_align_end_ins_code 
_struct_ref_seq.pdbx_auth_seq_align_beg 
_struct_ref_seq.pdbx_auth_seq_align_end 
1 1 1H9K A 1 ? 3   ? 1H9K   -3 ? -1  ? -3 -1  
2 2 1H9K A 4 ? 145 ? Q44529 1  ? 142 ? 1  142 
# 
_pdbx_struct_assembly.id                   1 
_pdbx_struct_assembly.details              author_and_software_defined_assembly 
_pdbx_struct_assembly.method_details       PQS 
_pdbx_struct_assembly.oligomeric_details   trimeric 
_pdbx_struct_assembly.oligomeric_count     3 
# 
_pdbx_struct_assembly_gen.assembly_id       1 
_pdbx_struct_assembly_gen.oper_expression   1,2,3 
_pdbx_struct_assembly_gen.asym_id_list      A,B,C,D,E,F 
# 
loop_
_pdbx_struct_oper_list.id 
_pdbx_struct_oper_list.type 
_pdbx_struct_oper_list.name 
_pdbx_struct_oper_list.symmetry_operation 
_pdbx_struct_oper_list.matrix[1][1] 
_pdbx_struct_oper_list.matrix[1][2] 
_pdbx_struct_oper_list.matrix[1][3] 
_pdbx_struct_oper_list.vector[1] 
_pdbx_struct_oper_list.matrix[2][1] 
_pdbx_struct_oper_list.matrix[2][2] 
_pdbx_struct_oper_list.matrix[2][3] 
_pdbx_struct_oper_list.vector[2] 
_pdbx_struct_oper_list.matrix[3][1] 
_pdbx_struct_oper_list.matrix[3][2] 
_pdbx_struct_oper_list.matrix[3][3] 
_pdbx_struct_oper_list.vector[3] 
1 'identity operation'         1_555 x,y,z         1.0000000000 0.0000000000  0.0000000000  0.0000000000  0.0000000000  1.0000000000 0.0000000000  0.0000000000  0.0000000000  0.0000000000  1.0000000000  0.0000000000  
2 'crystal symmetry operation' 2_655 -y+1,x-y,z    0.2956323703 -0.8177780215 -0.4938021964 8.1549113401  -0.6673730497 0.1930568019 -0.7192650998 10.9683560004 0.6835310631  0.5421883241  -0.4886891722 17.4619858512 
3 'crystal symmetry operation' 3_665 -x+y+1,-x+1,z 0.2956323703 -0.6673730497 0.6835310631  -7.0266803268 -0.8177780215 0.1930568019 0.5421883241  -4.9162933142 -0.4938021964 -0.7192650998 -0.4886891722 20.4495522147 
# 
_struct_biol.id   1 
# 
loop_
_struct_conf.conf_type_id 
_struct_conf.id 
_struct_conf.pdbx_PDB_helix_id 
_struct_conf.beg_label_comp_id 
_struct_conf.beg_label_asym_id 
_struct_conf.beg_label_seq_id 
_struct_conf.pdbx_beg_PDB_ins_code 
_struct_conf.end_label_comp_id 
_struct_conf.end_label_asym_id 
_struct_conf.end_label_seq_id 
_struct_conf.pdbx_end_PDB_ins_code 
_struct_conf.beg_auth_comp_id 
_struct_conf.beg_auth_asym_id 
_struct_conf.beg_auth_seq_id 
_struct_conf.end_auth_comp_id 
_struct_conf.end_auth_asym_id 
_struct_conf.end_auth_seq_id 
_struct_conf.pdbx_PDB_helix_class 
_struct_conf.details 
_struct_conf.pdbx_PDB_helix_length 
HELX_P HELX_P1 1 LEU A 44  ? LEU A 50  ? LEU A 41  LEU A 47  1 ? 7 
HELX_P HELX_P2 2 LYS A 63  ? VAL A 67  ? LYS A 60  VAL A 64  5 ? 5 
HELX_P HELX_P3 3 LYS A 116 ? GLY A 123 ? LYS A 113 GLY A 120 1 ? 8 
HELX_P HELX_P4 4 LYS A 135 ? VAL A 139 ? LYS A 132 VAL A 136 5 ? 5 
# 
_struct_conf_type.id          HELX_P 
_struct_conf_type.criteria    ? 
_struct_conf_type.reference   ? 
# 
loop_
_struct_sheet.id 
_struct_sheet.type 
_struct_sheet.number_strands 
_struct_sheet.details 
AA ? 5 ? 
AB ? 5 ? 
# 
loop_
_struct_sheet_order.sheet_id 
_struct_sheet_order.range_id_1 
_struct_sheet_order.range_id_2 
_struct_sheet_order.offset 
_struct_sheet_order.sense 
AA 1 2 ? anti-parallel 
AA 2 3 ? anti-parallel 
AA 3 4 ? anti-parallel 
AA 4 5 ? anti-parallel 
AB 1 2 ? anti-parallel 
AB 2 3 ? anti-parallel 
AB 3 4 ? anti-parallel 
AB 4 5 ? anti-parallel 
# 
loop_
_struct_sheet_range.sheet_id 
_struct_sheet_range.id 
_struct_sheet_range.beg_label_comp_id 
_struct_sheet_range.beg_label_asym_id 
_struct_sheet_range.beg_label_seq_id 
_struct_sheet_range.pdbx_beg_PDB_ins_code 
_struct_sheet_range.end_label_comp_id 
_struct_sheet_range.end_label_asym_id 
_struct_sheet_range.end_label_seq_id 
_struct_sheet_range.pdbx_end_PDB_ins_code 
_struct_sheet_range.beg_auth_comp_id 
_struct_sheet_range.beg_auth_asym_id 
_struct_sheet_range.beg_auth_seq_id 
_struct_sheet_range.end_auth_comp_id 
_struct_sheet_range.end_auth_asym_id 
_struct_sheet_range.end_auth_seq_id 
AA 1 LYS A 37  ? THR A 43  ? LYS A 34  THR A 40  
AA 2 ASN A 25  ? LEU A 32  ? ASN A 22  LEU A 29  
AA 3 ASN A 10  ? GLU A 21  ? ASN A 7   GLU A 18  
AA 4 GLU A 57  ? VAL A 62  ? GLU A 54  VAL A 59  
AA 5 ILE A 140 ? GLY A 142 ? ILE A 137 GLY A 139 
AB 1 LEU A 68  ? MET A 70  ? LEU A 65  MET A 67  
AB 2 SER A 129 ? ILE A 134 ? SER A 126 ILE A 131 
AB 3 ASN A 82  ? THR A 93  ? ASN A 79  THR A 90  
AB 4 ASN A 97  ? LEU A 104 ? ASN A 94  LEU A 101 
AB 5 GLU A 109 ? THR A 115 ? GLU A 106 THR A 112 
# 
loop_
_pdbx_struct_sheet_hbond.sheet_id 
_pdbx_struct_sheet_hbond.range_id_1 
_pdbx_struct_sheet_hbond.range_id_2 
_pdbx_struct_sheet_hbond.range_1_label_atom_id 
_pdbx_struct_sheet_hbond.range_1_label_comp_id 
_pdbx_struct_sheet_hbond.range_1_label_asym_id 
_pdbx_struct_sheet_hbond.range_1_label_seq_id 
_pdbx_struct_sheet_hbond.range_1_PDB_ins_code 
_pdbx_struct_sheet_hbond.range_1_auth_atom_id 
_pdbx_struct_sheet_hbond.range_1_auth_comp_id 
_pdbx_struct_sheet_hbond.range_1_auth_asym_id 
_pdbx_struct_sheet_hbond.range_1_auth_seq_id 
_pdbx_struct_sheet_hbond.range_2_label_atom_id 
_pdbx_struct_sheet_hbond.range_2_label_comp_id 
_pdbx_struct_sheet_hbond.range_2_label_asym_id 
_pdbx_struct_sheet_hbond.range_2_label_seq_id 
_pdbx_struct_sheet_hbond.range_2_PDB_ins_code 
_pdbx_struct_sheet_hbond.range_2_auth_atom_id 
_pdbx_struct_sheet_hbond.range_2_auth_comp_id 
_pdbx_struct_sheet_hbond.range_2_auth_asym_id 
_pdbx_struct_sheet_hbond.range_2_auth_seq_id 
AA 1 2 N VAL A 42  ? N VAL A 39  O ALA A 26  ? O ALA A 23  
AA 2 3 N LEU A 31  ? N LEU A 28  O THR A 15  ? O THR A 12  
AA 3 4 N GLY A 14  ? N GLY A 11  O VAL A 58  ? O VAL A 55  
AA 4 5 N VAL A 61  ? N VAL A 58  O ILE A 140 ? O ILE A 137 
AB 1 2 N MET A 70  ? N MET A 67  O SER A 131 ? O SER A 128 
AB 2 3 N ILE A 134 ? N ILE A 131 O ASN A 82  ? O ASN A 79  
AB 3 4 N GLU A 92  ? N GLU A 89  O GLU A 99  ? O GLU A 96  
AB 4 5 N LEU A 102 ? N LEU A 99  O ILE A 110 ? O ILE A 107 
# 
loop_
_struct_site.id 
_struct_site.pdbx_evidence_code 
_struct_site.pdbx_auth_asym_id 
_struct_site.pdbx_auth_comp_id 
_struct_site.pdbx_auth_seq_id 
_struct_site.pdbx_auth_ins_code 
_struct_site.pdbx_num_residues 
_struct_site.details 
AC1 Software ? ? ? ? 3  'BINDING SITE FOR RESIDUE WO4 A1142' 
AC2 Software ? ? ? ? 9  'BINDING SITE FOR RESIDUE WO4 A1143' 
AC3 Software ? ? ? ? 12 'BINDING SITE FOR RESIDUE PO4 A1144' 
AC4 Software ? ? ? ? 9  'BINDING SITE FOR RESIDUE PO4 A1145' 
# 
loop_
_struct_site_gen.id 
_struct_site_gen.site_id 
_struct_site_gen.pdbx_num_res 
_struct_site_gen.label_comp_id 
_struct_site_gen.label_asym_id 
_struct_site_gen.label_seq_id 
_struct_site_gen.pdbx_auth_ins_code 
_struct_site_gen.auth_comp_id 
_struct_site_gen.auth_asym_id 
_struct_site_gen.auth_seq_id 
_struct_site_gen.label_atom_id 
_struct_site_gen.label_alt_id 
_struct_site_gen.symmetry 
_struct_site_gen.details 
1  AC1 3  ALA A 95  ? ALA A 92   . ? 1_555 ? 
2  AC1 3  VAL A 96  ? VAL A 93   . ? 1_555 ? 
3  AC1 3  ASN A 97  ? ASN A 94   . ? 1_555 ? 
4  AC2 9  SER A 7   ? SER A 4    . ? 1_555 ? 
5  AC2 9  ALA A 8   ? ALA A 5    . ? 1_555 ? 
6  AC2 9  ARG A 9   ? ARG A 6    . ? 1_555 ? 
7  AC2 9  LYS A 63  ? LYS A 60   . ? 1_555 ? 
8  AC2 9  ALA A 64  ? ALA A 61   . ? 1_555 ? 
9  AC2 9  PRO A 65  ? PRO A 62   . ? 1_555 ? 
10 AC2 9  THR A 115 ? THR A 112  . ? 1_555 ? 
11 AC2 9  ALA A 118 ? ALA A 115  . ? 1_555 ? 
12 AC2 9  HOH F .   ? HOH A 2058 . ? 1_555 ? 
13 AC3 12 THR A 43  ? THR A 40   . ? 1_555 ? 
14 AC3 12 SER A 79  ? SER A 76   . ? 1_555 ? 
15 AC3 12 ALA A 80  ? ALA A 77   . ? 1_555 ? 
16 AC3 12 ARG A 81  ? ARG A 78   . ? 1_555 ? 
17 AC3 12 LYS A 135 ? LYS A 132  . ? 1_555 ? 
18 AC3 12 ALA A 136 ? ALA A 133  . ? 1_555 ? 
19 AC3 12 SER A 137 ? SER A 134  . ? 1_555 ? 
20 AC3 12 PO4 E .   ? PO4 A 1145 . ? 1_555 ? 
21 AC3 12 HOH F .   ? HOH A 2017 . ? 1_555 ? 
22 AC3 12 HOH F .   ? HOH A 2030 . ? 1_555 ? 
23 AC3 12 HOH F .   ? HOH A 2031 . ? 1_555 ? 
24 AC3 12 HOH F .   ? HOH A 2059 . ? 1_555 ? 
25 AC4 9  ASN A 25  ? ASN A 22   . ? 1_555 ? 
26 AC4 9  VAL A 41  ? VAL A 38   . ? 1_555 ? 
27 AC4 9  VAL A 42  ? VAL A 39   . ? 1_555 ? 
28 AC4 9  THR A 43  ? THR A 40   . ? 1_555 ? 
29 AC4 9  LYS A 135 ? LYS A 132  . ? 1_555 ? 
30 AC4 9  SER A 137 ? SER A 134  . ? 1_555 ? 
31 AC4 9  PO4 D .   ? PO4 A 1144 . ? 1_555 ? 
32 AC4 9  HOH F .   ? HOH A 2060 . ? 1_555 ? 
33 AC4 9  HOH F .   ? HOH A 2061 . ? 1_555 ? 
# 
_pdbx_validate_symm_contact.id                1 
_pdbx_validate_symm_contact.PDB_model_num     1 
_pdbx_validate_symm_contact.auth_atom_id_1    W 
_pdbx_validate_symm_contact.auth_asym_id_1    A 
_pdbx_validate_symm_contact.auth_comp_id_1    WO4 
_pdbx_validate_symm_contact.auth_seq_id_1     1142 
_pdbx_validate_symm_contact.PDB_ins_code_1    ? 
_pdbx_validate_symm_contact.label_alt_id_1    ? 
_pdbx_validate_symm_contact.site_symmetry_1   1_555 
_pdbx_validate_symm_contact.auth_atom_id_2    O2 
_pdbx_validate_symm_contact.auth_asym_id_2    A 
_pdbx_validate_symm_contact.auth_comp_id_2    WO4 
_pdbx_validate_symm_contact.auth_seq_id_2     1142 
_pdbx_validate_symm_contact.PDB_ins_code_2    ? 
_pdbx_validate_symm_contact.label_alt_id_2    ? 
_pdbx_validate_symm_contact.site_symmetry_2   2_655 
_pdbx_validate_symm_contact.dist              1.75 
# 
loop_
_pdbx_validate_rmsd_angle.id 
_pdbx_validate_rmsd_angle.PDB_model_num 
_pdbx_validate_rmsd_angle.auth_atom_id_1 
_pdbx_validate_rmsd_angle.auth_asym_id_1 
_pdbx_validate_rmsd_angle.auth_comp_id_1 
_pdbx_validate_rmsd_angle.auth_seq_id_1 
_pdbx_validate_rmsd_angle.PDB_ins_code_1 
_pdbx_validate_rmsd_angle.label_alt_id_1 
_pdbx_validate_rmsd_angle.auth_atom_id_2 
_pdbx_validate_rmsd_angle.auth_asym_id_2 
_pdbx_validate_rmsd_angle.auth_comp_id_2 
_pdbx_validate_rmsd_angle.auth_seq_id_2 
_pdbx_validate_rmsd_angle.PDB_ins_code_2 
_pdbx_validate_rmsd_angle.label_alt_id_2 
_pdbx_validate_rmsd_angle.auth_atom_id_3 
_pdbx_validate_rmsd_angle.auth_asym_id_3 
_pdbx_validate_rmsd_angle.auth_comp_id_3 
_pdbx_validate_rmsd_angle.auth_seq_id_3 
_pdbx_validate_rmsd_angle.PDB_ins_code_3 
_pdbx_validate_rmsd_angle.label_alt_id_3 
_pdbx_validate_rmsd_angle.angle_value 
_pdbx_validate_rmsd_angle.angle_target_value 
_pdbx_validate_rmsd_angle.angle_deviation 
_pdbx_validate_rmsd_angle.angle_standard_deviation 
_pdbx_validate_rmsd_angle.linker_flag 
1 1 O   A HIS -1  ? ? C  A HIS -1  ? ? N   A MET 1   ? ? 112.96 122.70 -9.74 1.60 Y 
2 1 OE1 A GLU 18  ? ? CD A GLU 18  ? ? OE2 A GLU 18  ? ? 134.31 123.30 11.01 1.20 N 
3 1 CA  A MET 110 ? ? CB A MET 110 ? ? CG  A MET 110 ? ? 123.56 113.30 10.26 1.70 N 
# 
loop_
_pdbx_validate_main_chain_plane.id 
_pdbx_validate_main_chain_plane.PDB_model_num 
_pdbx_validate_main_chain_plane.auth_comp_id 
_pdbx_validate_main_chain_plane.auth_asym_id 
_pdbx_validate_main_chain_plane.auth_seq_id 
_pdbx_validate_main_chain_plane.PDB_ins_code 
_pdbx_validate_main_chain_plane.label_alt_id 
_pdbx_validate_main_chain_plane.improper_torsion_angle 
1 1 HIS A -1 ? ? -23.24 
2 1 THR A 68 ? ? 11.12  
# 
loop_
_pdbx_struct_special_symmetry.id 
_pdbx_struct_special_symmetry.PDB_model_num 
_pdbx_struct_special_symmetry.auth_asym_id 
_pdbx_struct_special_symmetry.auth_comp_id 
_pdbx_struct_special_symmetry.auth_seq_id 
_pdbx_struct_special_symmetry.PDB_ins_code 
_pdbx_struct_special_symmetry.label_asym_id 
_pdbx_struct_special_symmetry.label_comp_id 
_pdbx_struct_special_symmetry.label_seq_id 
1 1 A WO4 1142 ? B WO4 . 
2 1 A WO4 1142 ? B WO4 . 
# 
_pdbx_unobs_or_zero_occ_residues.id               1 
_pdbx_unobs_or_zero_occ_residues.PDB_model_num    1 
_pdbx_unobs_or_zero_occ_residues.polymer_flag     Y 
_pdbx_unobs_or_zero_occ_residues.occupancy_flag   1 
_pdbx_unobs_or_zero_occ_residues.auth_asym_id     A 
_pdbx_unobs_or_zero_occ_residues.auth_comp_id     ALA 
_pdbx_unobs_or_zero_occ_residues.auth_seq_id      142 
_pdbx_unobs_or_zero_occ_residues.PDB_ins_code     ? 
_pdbx_unobs_or_zero_occ_residues.label_asym_id    A 
_pdbx_unobs_or_zero_occ_residues.label_comp_id    ALA 
_pdbx_unobs_or_zero_occ_residues.label_seq_id     145 
# 
loop_
_chem_comp_atom.comp_id 
_chem_comp_atom.atom_id 
_chem_comp_atom.type_symbol 
_chem_comp_atom.pdbx_aromatic_flag 
_chem_comp_atom.pdbx_stereo_config 
_chem_comp_atom.pdbx_ordinal 
ALA N    N N N 1   
ALA CA   C N S 2   
ALA C    C N N 3   
ALA O    O N N 4   
ALA CB   C N N 5   
ALA OXT  O N N 6   
ALA H    H N N 7   
ALA H2   H N N 8   
ALA HA   H N N 9   
ALA HB1  H N N 10  
ALA HB2  H N N 11  
ALA HB3  H N N 12  
ALA HXT  H N N 13  
ARG N    N N N 14  
ARG CA   C N S 15  
ARG C    C N N 16  
ARG O    O N N 17  
ARG CB   C N N 18  
ARG CG   C N N 19  
ARG CD   C N N 20  
ARG NE   N N N 21  
ARG CZ   C N N 22  
ARG NH1  N N N 23  
ARG NH2  N N N 24  
ARG OXT  O N N 25  
ARG H    H N N 26  
ARG H2   H N N 27  
ARG HA   H N N 28  
ARG HB2  H N N 29  
ARG HB3  H N N 30  
ARG HG2  H N N 31  
ARG HG3  H N N 32  
ARG HD2  H N N 33  
ARG HD3  H N N 34  
ARG HE   H N N 35  
ARG HH11 H N N 36  
ARG HH12 H N N 37  
ARG HH21 H N N 38  
ARG HH22 H N N 39  
ARG HXT  H N N 40  
ASN N    N N N 41  
ASN CA   C N S 42  
ASN C    C N N 43  
ASN O    O N N 44  
ASN CB   C N N 45  
ASN CG   C N N 46  
ASN OD1  O N N 47  
ASN ND2  N N N 48  
ASN OXT  O N N 49  
ASN H    H N N 50  
ASN H2   H N N 51  
ASN HA   H N N 52  
ASN HB2  H N N 53  
ASN HB3  H N N 54  
ASN HD21 H N N 55  
ASN HD22 H N N 56  
ASN HXT  H N N 57  
ASP N    N N N 58  
ASP CA   C N S 59  
ASP C    C N N 60  
ASP O    O N N 61  
ASP CB   C N N 62  
ASP CG   C N N 63  
ASP OD1  O N N 64  
ASP OD2  O N N 65  
ASP OXT  O N N 66  
ASP H    H N N 67  
ASP H2   H N N 68  
ASP HA   H N N 69  
ASP HB2  H N N 70  
ASP HB3  H N N 71  
ASP HD2  H N N 72  
ASP HXT  H N N 73  
GLN N    N N N 74  
GLN CA   C N S 75  
GLN C    C N N 76  
GLN O    O N N 77  
GLN CB   C N N 78  
GLN CG   C N N 79  
GLN CD   C N N 80  
GLN OE1  O N N 81  
GLN NE2  N N N 82  
GLN OXT  O N N 83  
GLN H    H N N 84  
GLN H2   H N N 85  
GLN HA   H N N 86  
GLN HB2  H N N 87  
GLN HB3  H N N 88  
GLN HG2  H N N 89  
GLN HG3  H N N 90  
GLN HE21 H N N 91  
GLN HE22 H N N 92  
GLN HXT  H N N 93  
GLU N    N N N 94  
GLU CA   C N S 95  
GLU C    C N N 96  
GLU O    O N N 97  
GLU CB   C N N 98  
GLU CG   C N N 99  
GLU CD   C N N 100 
GLU OE1  O N N 101 
GLU OE2  O N N 102 
GLU OXT  O N N 103 
GLU H    H N N 104 
GLU H2   H N N 105 
GLU HA   H N N 106 
GLU HB2  H N N 107 
GLU HB3  H N N 108 
GLU HG2  H N N 109 
GLU HG3  H N N 110 
GLU HE2  H N N 111 
GLU HXT  H N N 112 
GLY N    N N N 113 
GLY CA   C N N 114 
GLY C    C N N 115 
GLY O    O N N 116 
GLY OXT  O N N 117 
GLY H    H N N 118 
GLY H2   H N N 119 
GLY HA2  H N N 120 
GLY HA3  H N N 121 
GLY HXT  H N N 122 
HIS N    N N N 123 
HIS CA   C N S 124 
HIS C    C N N 125 
HIS O    O N N 126 
HIS CB   C N N 127 
HIS CG   C Y N 128 
HIS ND1  N Y N 129 
HIS CD2  C Y N 130 
HIS CE1  C Y N 131 
HIS NE2  N Y N 132 
HIS OXT  O N N 133 
HIS H    H N N 134 
HIS H2   H N N 135 
HIS HA   H N N 136 
HIS HB2  H N N 137 
HIS HB3  H N N 138 
HIS HD1  H N N 139 
HIS HD2  H N N 140 
HIS HE1  H N N 141 
HIS HE2  H N N 142 
HIS HXT  H N N 143 
HOH O    O N N 144 
HOH H1   H N N 145 
HOH H2   H N N 146 
ILE N    N N N 147 
ILE CA   C N S 148 
ILE C    C N N 149 
ILE O    O N N 150 
ILE CB   C N S 151 
ILE CG1  C N N 152 
ILE CG2  C N N 153 
ILE CD1  C N N 154 
ILE OXT  O N N 155 
ILE H    H N N 156 
ILE H2   H N N 157 
ILE HA   H N N 158 
ILE HB   H N N 159 
ILE HG12 H N N 160 
ILE HG13 H N N 161 
ILE HG21 H N N 162 
ILE HG22 H N N 163 
ILE HG23 H N N 164 
ILE HD11 H N N 165 
ILE HD12 H N N 166 
ILE HD13 H N N 167 
ILE HXT  H N N 168 
LEU N    N N N 169 
LEU CA   C N S 170 
LEU C    C N N 171 
LEU O    O N N 172 
LEU CB   C N N 173 
LEU CG   C N N 174 
LEU CD1  C N N 175 
LEU CD2  C N N 176 
LEU OXT  O N N 177 
LEU H    H N N 178 
LEU H2   H N N 179 
LEU HA   H N N 180 
LEU HB2  H N N 181 
LEU HB3  H N N 182 
LEU HG   H N N 183 
LEU HD11 H N N 184 
LEU HD12 H N N 185 
LEU HD13 H N N 186 
LEU HD21 H N N 187 
LEU HD22 H N N 188 
LEU HD23 H N N 189 
LEU HXT  H N N 190 
LYS N    N N N 191 
LYS CA   C N S 192 
LYS C    C N N 193 
LYS O    O N N 194 
LYS CB   C N N 195 
LYS CG   C N N 196 
LYS CD   C N N 197 
LYS CE   C N N 198 
LYS NZ   N N N 199 
LYS OXT  O N N 200 
LYS H    H N N 201 
LYS H2   H N N 202 
LYS HA   H N N 203 
LYS HB2  H N N 204 
LYS HB3  H N N 205 
LYS HG2  H N N 206 
LYS HG3  H N N 207 
LYS HD2  H N N 208 
LYS HD3  H N N 209 
LYS HE2  H N N 210 
LYS HE3  H N N 211 
LYS HZ1  H N N 212 
LYS HZ2  H N N 213 
LYS HZ3  H N N 214 
LYS HXT  H N N 215 
MET N    N N N 216 
MET CA   C N S 217 
MET C    C N N 218 
MET O    O N N 219 
MET CB   C N N 220 
MET CG   C N N 221 
MET SD   S N N 222 
MET CE   C N N 223 
MET OXT  O N N 224 
MET H    H N N 225 
MET H2   H N N 226 
MET HA   H N N 227 
MET HB2  H N N 228 
MET HB3  H N N 229 
MET HG2  H N N 230 
MET HG3  H N N 231 
MET HE1  H N N 232 
MET HE2  H N N 233 
MET HE3  H N N 234 
MET HXT  H N N 235 
PHE N    N N N 236 
PHE CA   C N S 237 
PHE C    C N N 238 
PHE O    O N N 239 
PHE CB   C N N 240 
PHE CG   C Y N 241 
PHE CD1  C Y N 242 
PHE CD2  C Y N 243 
PHE CE1  C Y N 244 
PHE CE2  C Y N 245 
PHE CZ   C Y N 246 
PHE OXT  O N N 247 
PHE H    H N N 248 
PHE H2   H N N 249 
PHE HA   H N N 250 
PHE HB2  H N N 251 
PHE HB3  H N N 252 
PHE HD1  H N N 253 
PHE HD2  H N N 254 
PHE HE1  H N N 255 
PHE HE2  H N N 256 
PHE HZ   H N N 257 
PHE HXT  H N N 258 
PO4 P    P N N 259 
PO4 O1   O N N 260 
PO4 O2   O N N 261 
PO4 O3   O N N 262 
PO4 O4   O N N 263 
PRO N    N N N 264 
PRO CA   C N S 265 
PRO C    C N N 266 
PRO O    O N N 267 
PRO CB   C N N 268 
PRO CG   C N N 269 
PRO CD   C N N 270 
PRO OXT  O N N 271 
PRO H    H N N 272 
PRO HA   H N N 273 
PRO HB2  H N N 274 
PRO HB3  H N N 275 
PRO HG2  H N N 276 
PRO HG3  H N N 277 
PRO HD2  H N N 278 
PRO HD3  H N N 279 
PRO HXT  H N N 280 
SER N    N N N 281 
SER CA   C N S 282 
SER C    C N N 283 
SER O    O N N 284 
SER CB   C N N 285 
SER OG   O N N 286 
SER OXT  O N N 287 
SER H    H N N 288 
SER H2   H N N 289 
SER HA   H N N 290 
SER HB2  H N N 291 
SER HB3  H N N 292 
SER HG   H N N 293 
SER HXT  H N N 294 
THR N    N N N 295 
THR CA   C N S 296 
THR C    C N N 297 
THR O    O N N 298 
THR CB   C N R 299 
THR OG1  O N N 300 
THR CG2  C N N 301 
THR OXT  O N N 302 
THR H    H N N 303 
THR H2   H N N 304 
THR HA   H N N 305 
THR HB   H N N 306 
THR HG1  H N N 307 
THR HG21 H N N 308 
THR HG22 H N N 309 
THR HG23 H N N 310 
THR HXT  H N N 311 
TRP N    N N N 312 
TRP CA   C N S 313 
TRP C    C N N 314 
TRP O    O N N 315 
TRP CB   C N N 316 
TRP CG   C Y N 317 
TRP CD1  C Y N 318 
TRP CD2  C Y N 319 
TRP NE1  N Y N 320 
TRP CE2  C Y N 321 
TRP CE3  C Y N 322 
TRP CZ2  C Y N 323 
TRP CZ3  C Y N 324 
TRP CH2  C Y N 325 
TRP OXT  O N N 326 
TRP H    H N N 327 
TRP H2   H N N 328 
TRP HA   H N N 329 
TRP HB2  H N N 330 
TRP HB3  H N N 331 
TRP HD1  H N N 332 
TRP HE1  H N N 333 
TRP HE3  H N N 334 
TRP HZ2  H N N 335 
TRP HZ3  H N N 336 
TRP HH2  H N N 337 
TRP HXT  H N N 338 
TYR N    N N N 339 
TYR CA   C N S 340 
TYR C    C N N 341 
TYR O    O N N 342 
TYR CB   C N N 343 
TYR CG   C Y N 344 
TYR CD1  C Y N 345 
TYR CD2  C Y N 346 
TYR CE1  C Y N 347 
TYR CE2  C Y N 348 
TYR CZ   C Y N 349 
TYR OH   O N N 350 
TYR OXT  O N N 351 
TYR H    H N N 352 
TYR H2   H N N 353 
TYR HA   H N N 354 
TYR HB2  H N N 355 
TYR HB3  H N N 356 
TYR HD1  H N N 357 
TYR HD2  H N N 358 
TYR HE1  H N N 359 
TYR HE2  H N N 360 
TYR HH   H N N 361 
TYR HXT  H N N 362 
VAL N    N N N 363 
VAL CA   C N S 364 
VAL C    C N N 365 
VAL O    O N N 366 
VAL CB   C N N 367 
VAL CG1  C N N 368 
VAL CG2  C N N 369 
VAL OXT  O N N 370 
VAL H    H N N 371 
VAL H2   H N N 372 
VAL HA   H N N 373 
VAL HB   H N N 374 
VAL HG11 H N N 375 
VAL HG12 H N N 376 
VAL HG13 H N N 377 
VAL HG21 H N N 378 
VAL HG22 H N N 379 
VAL HG23 H N N 380 
VAL HXT  H N N 381 
WO4 W    W N N 382 
WO4 O1   O N N 383 
WO4 O2   O N N 384 
WO4 O3   O N N 385 
WO4 O4   O N N 386 
# 
loop_
_chem_comp_bond.comp_id 
_chem_comp_bond.atom_id_1 
_chem_comp_bond.atom_id_2 
_chem_comp_bond.value_order 
_chem_comp_bond.pdbx_aromatic_flag 
_chem_comp_bond.pdbx_stereo_config 
_chem_comp_bond.pdbx_ordinal 
ALA N   CA   sing N N 1   
ALA N   H    sing N N 2   
ALA N   H2   sing N N 3   
ALA CA  C    sing N N 4   
ALA CA  CB   sing N N 5   
ALA CA  HA   sing N N 6   
ALA C   O    doub N N 7   
ALA C   OXT  sing N N 8   
ALA CB  HB1  sing N N 9   
ALA CB  HB2  sing N N 10  
ALA CB  HB3  sing N N 11  
ALA OXT HXT  sing N N 12  
ARG N   CA   sing N N 13  
ARG N   H    sing N N 14  
ARG N   H2   sing N N 15  
ARG CA  C    sing N N 16  
ARG CA  CB   sing N N 17  
ARG CA  HA   sing N N 18  
ARG C   O    doub N N 19  
ARG C   OXT  sing N N 20  
ARG CB  CG   sing N N 21  
ARG CB  HB2  sing N N 22  
ARG CB  HB3  sing N N 23  
ARG CG  CD   sing N N 24  
ARG CG  HG2  sing N N 25  
ARG CG  HG3  sing N N 26  
ARG CD  NE   sing N N 27  
ARG CD  HD2  sing N N 28  
ARG CD  HD3  sing N N 29  
ARG NE  CZ   sing N N 30  
ARG NE  HE   sing N N 31  
ARG CZ  NH1  sing N N 32  
ARG CZ  NH2  doub N N 33  
ARG NH1 HH11 sing N N 34  
ARG NH1 HH12 sing N N 35  
ARG NH2 HH21 sing N N 36  
ARG NH2 HH22 sing N N 37  
ARG OXT HXT  sing N N 38  
ASN N   CA   sing N N 39  
ASN N   H    sing N N 40  
ASN N   H2   sing N N 41  
ASN CA  C    sing N N 42  
ASN CA  CB   sing N N 43  
ASN CA  HA   sing N N 44  
ASN C   O    doub N N 45  
ASN C   OXT  sing N N 46  
ASN CB  CG   sing N N 47  
ASN CB  HB2  sing N N 48  
ASN CB  HB3  sing N N 49  
ASN CG  OD1  doub N N 50  
ASN CG  ND2  sing N N 51  
ASN ND2 HD21 sing N N 52  
ASN ND2 HD22 sing N N 53  
ASN OXT HXT  sing N N 54  
ASP N   CA   sing N N 55  
ASP N   H    sing N N 56  
ASP N   H2   sing N N 57  
ASP CA  C    sing N N 58  
ASP CA  CB   sing N N 59  
ASP CA  HA   sing N N 60  
ASP C   O    doub N N 61  
ASP C   OXT  sing N N 62  
ASP CB  CG   sing N N 63  
ASP CB  HB2  sing N N 64  
ASP CB  HB3  sing N N 65  
ASP CG  OD1  doub N N 66  
ASP CG  OD2  sing N N 67  
ASP OD2 HD2  sing N N 68  
ASP OXT HXT  sing N N 69  
GLN N   CA   sing N N 70  
GLN N   H    sing N N 71  
GLN N   H2   sing N N 72  
GLN CA  C    sing N N 73  
GLN CA  CB   sing N N 74  
GLN CA  HA   sing N N 75  
GLN C   O    doub N N 76  
GLN C   OXT  sing N N 77  
GLN CB  CG   sing N N 78  
GLN CB  HB2  sing N N 79  
GLN CB  HB3  sing N N 80  
GLN CG  CD   sing N N 81  
GLN CG  HG2  sing N N 82  
GLN CG  HG3  sing N N 83  
GLN CD  OE1  doub N N 84  
GLN CD  NE2  sing N N 85  
GLN NE2 HE21 sing N N 86  
GLN NE2 HE22 sing N N 87  
GLN OXT HXT  sing N N 88  
GLU N   CA   sing N N 89  
GLU N   H    sing N N 90  
GLU N   H2   sing N N 91  
GLU CA  C    sing N N 92  
GLU CA  CB   sing N N 93  
GLU CA  HA   sing N N 94  
GLU C   O    doub N N 95  
GLU C   OXT  sing N N 96  
GLU CB  CG   sing N N 97  
GLU CB  HB2  sing N N 98  
GLU CB  HB3  sing N N 99  
GLU CG  CD   sing N N 100 
GLU CG  HG2  sing N N 101 
GLU CG  HG3  sing N N 102 
GLU CD  OE1  doub N N 103 
GLU CD  OE2  sing N N 104 
GLU OE2 HE2  sing N N 105 
GLU OXT HXT  sing N N 106 
GLY N   CA   sing N N 107 
GLY N   H    sing N N 108 
GLY N   H2   sing N N 109 
GLY CA  C    sing N N 110 
GLY CA  HA2  sing N N 111 
GLY CA  HA3  sing N N 112 
GLY C   O    doub N N 113 
GLY C   OXT  sing N N 114 
GLY OXT HXT  sing N N 115 
HIS N   CA   sing N N 116 
HIS N   H    sing N N 117 
HIS N   H2   sing N N 118 
HIS CA  C    sing N N 119 
HIS CA  CB   sing N N 120 
HIS CA  HA   sing N N 121 
HIS C   O    doub N N 122 
HIS C   OXT  sing N N 123 
HIS CB  CG   sing N N 124 
HIS CB  HB2  sing N N 125 
HIS CB  HB3  sing N N 126 
HIS CG  ND1  sing Y N 127 
HIS CG  CD2  doub Y N 128 
HIS ND1 CE1  doub Y N 129 
HIS ND1 HD1  sing N N 130 
HIS CD2 NE2  sing Y N 131 
HIS CD2 HD2  sing N N 132 
HIS CE1 NE2  sing Y N 133 
HIS CE1 HE1  sing N N 134 
HIS NE2 HE2  sing N N 135 
HIS OXT HXT  sing N N 136 
HOH O   H1   sing N N 137 
HOH O   H2   sing N N 138 
ILE N   CA   sing N N 139 
ILE N   H    sing N N 140 
ILE N   H2   sing N N 141 
ILE CA  C    sing N N 142 
ILE CA  CB   sing N N 143 
ILE CA  HA   sing N N 144 
ILE C   O    doub N N 145 
ILE C   OXT  sing N N 146 
ILE CB  CG1  sing N N 147 
ILE CB  CG2  sing N N 148 
ILE CB  HB   sing N N 149 
ILE CG1 CD1  sing N N 150 
ILE CG1 HG12 sing N N 151 
ILE CG1 HG13 sing N N 152 
ILE CG2 HG21 sing N N 153 
ILE CG2 HG22 sing N N 154 
ILE CG2 HG23 sing N N 155 
ILE CD1 HD11 sing N N 156 
ILE CD1 HD12 sing N N 157 
ILE CD1 HD13 sing N N 158 
ILE OXT HXT  sing N N 159 
LEU N   CA   sing N N 160 
LEU N   H    sing N N 161 
LEU N   H2   sing N N 162 
LEU CA  C    sing N N 163 
LEU CA  CB   sing N N 164 
LEU CA  HA   sing N N 165 
LEU C   O    doub N N 166 
LEU C   OXT  sing N N 167 
LEU CB  CG   sing N N 168 
LEU CB  HB2  sing N N 169 
LEU CB  HB3  sing N N 170 
LEU CG  CD1  sing N N 171 
LEU CG  CD2  sing N N 172 
LEU CG  HG   sing N N 173 
LEU CD1 HD11 sing N N 174 
LEU CD1 HD12 sing N N 175 
LEU CD1 HD13 sing N N 176 
LEU CD2 HD21 sing N N 177 
LEU CD2 HD22 sing N N 178 
LEU CD2 HD23 sing N N 179 
LEU OXT HXT  sing N N 180 
LYS N   CA   sing N N 181 
LYS N   H    sing N N 182 
LYS N   H2   sing N N 183 
LYS CA  C    sing N N 184 
LYS CA  CB   sing N N 185 
LYS CA  HA   sing N N 186 
LYS C   O    doub N N 187 
LYS C   OXT  sing N N 188 
LYS CB  CG   sing N N 189 
LYS CB  HB2  sing N N 190 
LYS CB  HB3  sing N N 191 
LYS CG  CD   sing N N 192 
LYS CG  HG2  sing N N 193 
LYS CG  HG3  sing N N 194 
LYS CD  CE   sing N N 195 
LYS CD  HD2  sing N N 196 
LYS CD  HD3  sing N N 197 
LYS CE  NZ   sing N N 198 
LYS CE  HE2  sing N N 199 
LYS CE  HE3  sing N N 200 
LYS NZ  HZ1  sing N N 201 
LYS NZ  HZ2  sing N N 202 
LYS NZ  HZ3  sing N N 203 
LYS OXT HXT  sing N N 204 
MET N   CA   sing N N 205 
MET N   H    sing N N 206 
MET N   H2   sing N N 207 
MET CA  C    sing N N 208 
MET CA  CB   sing N N 209 
MET CA  HA   sing N N 210 
MET C   O    doub N N 211 
MET C   OXT  sing N N 212 
MET CB  CG   sing N N 213 
MET CB  HB2  sing N N 214 
MET CB  HB3  sing N N 215 
MET CG  SD   sing N N 216 
MET CG  HG2  sing N N 217 
MET CG  HG3  sing N N 218 
MET SD  CE   sing N N 219 
MET CE  HE1  sing N N 220 
MET CE  HE2  sing N N 221 
MET CE  HE3  sing N N 222 
MET OXT HXT  sing N N 223 
PHE N   CA   sing N N 224 
PHE N   H    sing N N 225 
PHE N   H2   sing N N 226 
PHE CA  C    sing N N 227 
PHE CA  CB   sing N N 228 
PHE CA  HA   sing N N 229 
PHE C   O    doub N N 230 
PHE C   OXT  sing N N 231 
PHE CB  CG   sing N N 232 
PHE CB  HB2  sing N N 233 
PHE CB  HB3  sing N N 234 
PHE CG  CD1  doub Y N 235 
PHE CG  CD2  sing Y N 236 
PHE CD1 CE1  sing Y N 237 
PHE CD1 HD1  sing N N 238 
PHE CD2 CE2  doub Y N 239 
PHE CD2 HD2  sing N N 240 
PHE CE1 CZ   doub Y N 241 
PHE CE1 HE1  sing N N 242 
PHE CE2 CZ   sing Y N 243 
PHE CE2 HE2  sing N N 244 
PHE CZ  HZ   sing N N 245 
PHE OXT HXT  sing N N 246 
PO4 P   O1   doub N N 247 
PO4 P   O2   sing N N 248 
PO4 P   O3   sing N N 249 
PO4 P   O4   sing N N 250 
PRO N   CA   sing N N 251 
PRO N   CD   sing N N 252 
PRO N   H    sing N N 253 
PRO CA  C    sing N N 254 
PRO CA  CB   sing N N 255 
PRO CA  HA   sing N N 256 
PRO C   O    doub N N 257 
PRO C   OXT  sing N N 258 
PRO CB  CG   sing N N 259 
PRO CB  HB2  sing N N 260 
PRO CB  HB3  sing N N 261 
PRO CG  CD   sing N N 262 
PRO CG  HG2  sing N N 263 
PRO CG  HG3  sing N N 264 
PRO CD  HD2  sing N N 265 
PRO CD  HD3  sing N N 266 
PRO OXT HXT  sing N N 267 
SER N   CA   sing N N 268 
SER N   H    sing N N 269 
SER N   H2   sing N N 270 
SER CA  C    sing N N 271 
SER CA  CB   sing N N 272 
SER CA  HA   sing N N 273 
SER C   O    doub N N 274 
SER C   OXT  sing N N 275 
SER CB  OG   sing N N 276 
SER CB  HB2  sing N N 277 
SER CB  HB3  sing N N 278 
SER OG  HG   sing N N 279 
SER OXT HXT  sing N N 280 
THR N   CA   sing N N 281 
THR N   H    sing N N 282 
THR N   H2   sing N N 283 
THR CA  C    sing N N 284 
THR CA  CB   sing N N 285 
THR CA  HA   sing N N 286 
THR C   O    doub N N 287 
THR C   OXT  sing N N 288 
THR CB  OG1  sing N N 289 
THR CB  CG2  sing N N 290 
THR CB  HB   sing N N 291 
THR OG1 HG1  sing N N 292 
THR CG2 HG21 sing N N 293 
THR CG2 HG22 sing N N 294 
THR CG2 HG23 sing N N 295 
THR OXT HXT  sing N N 296 
TRP N   CA   sing N N 297 
TRP N   H    sing N N 298 
TRP N   H2   sing N N 299 
TRP CA  C    sing N N 300 
TRP CA  CB   sing N N 301 
TRP CA  HA   sing N N 302 
TRP C   O    doub N N 303 
TRP C   OXT  sing N N 304 
TRP CB  CG   sing N N 305 
TRP CB  HB2  sing N N 306 
TRP CB  HB3  sing N N 307 
TRP CG  CD1  doub Y N 308 
TRP CG  CD2  sing Y N 309 
TRP CD1 NE1  sing Y N 310 
TRP CD1 HD1  sing N N 311 
TRP CD2 CE2  doub Y N 312 
TRP CD2 CE3  sing Y N 313 
TRP NE1 CE2  sing Y N 314 
TRP NE1 HE1  sing N N 315 
TRP CE2 CZ2  sing Y N 316 
TRP CE3 CZ3  doub Y N 317 
TRP CE3 HE3  sing N N 318 
TRP CZ2 CH2  doub Y N 319 
TRP CZ2 HZ2  sing N N 320 
TRP CZ3 CH2  sing Y N 321 
TRP CZ3 HZ3  sing N N 322 
TRP CH2 HH2  sing N N 323 
TRP OXT HXT  sing N N 324 
TYR N   CA   sing N N 325 
TYR N   H    sing N N 326 
TYR N   H2   sing N N 327 
TYR CA  C    sing N N 328 
TYR CA  CB   sing N N 329 
TYR CA  HA   sing N N 330 
TYR C   O    doub N N 331 
TYR C   OXT  sing N N 332 
TYR CB  CG   sing N N 333 
TYR CB  HB2  sing N N 334 
TYR CB  HB3  sing N N 335 
TYR CG  CD1  doub Y N 336 
TYR CG  CD2  sing Y N 337 
TYR CD1 CE1  sing Y N 338 
TYR CD1 HD1  sing N N 339 
TYR CD2 CE2  doub Y N 340 
TYR CD2 HD2  sing N N 341 
TYR CE1 CZ   doub Y N 342 
TYR CE1 HE1  sing N N 343 
TYR CE2 CZ   sing Y N 344 
TYR CE2 HE2  sing N N 345 
TYR CZ  OH   sing N N 346 
TYR OH  HH   sing N N 347 
TYR OXT HXT  sing N N 348 
VAL N   CA   sing N N 349 
VAL N   H    sing N N 350 
VAL N   H2   sing N N 351 
VAL CA  C    sing N N 352 
VAL CA  CB   sing N N 353 
VAL CA  HA   sing N N 354 
VAL C   O    doub N N 355 
VAL C   OXT  sing N N 356 
VAL CB  CG1  sing N N 357 
VAL CB  CG2  sing N N 358 
VAL CB  HB   sing N N 359 
VAL CG1 HG11 sing N N 360 
VAL CG1 HG12 sing N N 361 
VAL CG1 HG13 sing N N 362 
VAL CG2 HG21 sing N N 363 
VAL CG2 HG22 sing N N 364 
VAL CG2 HG23 sing N N 365 
VAL OXT HXT  sing N N 366 
WO4 W   O1   doub N N 367 
WO4 W   O2   doub N N 368 
WO4 W   O3   sing N N 369 
WO4 W   O4   sing N N 370 
# 
_atom_sites.entry_id                    1H9K 
_atom_sites.fract_transf_matrix[1][1]   0.01438023 
_atom_sites.fract_transf_matrix[1][2]   0.01628411 
_atom_sites.fract_transf_matrix[1][3]   0.00686037 
_atom_sites.fract_transf_matrix[2][1]   0.00192695 
_atom_sites.fract_transf_matrix[2][2]   0.00489635 
_atom_sites.fract_transf_matrix[2][3]   0.02216601 
_atom_sites.fract_transf_matrix[3][1]   0.00920572 
_atom_sites.fract_transf_matrix[3][2]   -0.00859183 
_atom_sites.fract_transf_matrix[3][3]   0.00109761 
_atom_sites.fract_transf_vector[1]      0.541720 
_atom_sites.fract_transf_vector[2]      0.042617 
_atom_sites.fract_transf_vector[3]      0.242276 
# 
loop_
_atom_type.symbol 
C 
N 
O 
P 
S 
W 
# 
loop_
_atom_site.group_PDB 
_atom_site.id 
_atom_site.type_symbol 
_atom_site.label_atom_id 
_atom_site.label_alt_id 
_atom_site.label_comp_id 
_atom_site.label_asym_id 
_atom_site.label_entity_id 
_atom_site.label_seq_id 
_atom_site.pdbx_PDB_ins_code 
_atom_site.Cartn_x 
_atom_site.Cartn_y 
_atom_site.Cartn_z 
_atom_site.occupancy 
_atom_site.B_iso_or_equiv 
_atom_site.pdbx_formal_charge 
_atom_site.auth_seq_id 
_atom_site.auth_comp_id 
_atom_site.auth_asym_id 
_atom_site.auth_atom_id 
_atom_site.pdbx_PDB_model_num 
ATOM   1    N N   . GLY A 1 1   ? -20.580 -12.924 1.620   1.00 51.23 ? -3   GLY A N   1 
ATOM   2    C CA  . GLY A 1 1   ? -19.633 -14.040 1.312   1.00 49.87 ? -3   GLY A CA  1 
ATOM   3    C C   . GLY A 1 1   ? -19.171 -14.002 -0.141  1.00 48.60 ? -3   GLY A C   1 
ATOM   4    O O   . GLY A 1 1   ? -18.481 -14.919 -0.585  1.00 48.85 ? -3   GLY A O   1 
ATOM   5    N N   . SER A 1 2   ? -19.525 -12.939 -0.865  1.00 46.45 ? -2   SER A N   1 
ATOM   6    C CA  . SER A 1 2   ? -19.131 -12.797 -2.263  1.00 44.08 ? -2   SER A CA  1 
ATOM   7    C C   . SER A 1 2   ? -17.691 -12.291 -2.387  1.00 41.21 ? -2   SER A C   1 
ATOM   8    O O   . SER A 1 2   ? -16.993 -12.457 -3.392  1.00 42.24 ? -2   SER A O   1 
ATOM   9    C CB  . SER A 1 2   ? -20.075 -11.829 -2.991  1.00 39.11 ? -2   SER A CB  1 
ATOM   10   O OG  . SER A 1 2   ? -19.858 -10.516 -2.493  1.00 39.76 ? -2   SER A OG  1 
ATOM   11   N N   . HIS A 1 3   ? -17.286 -11.609 -1.316  1.00 36.69 ? -1   HIS A N   1 
ATOM   12   C CA  . HIS A 1 3   ? -15.907 -11.134 -1.183  1.00 31.33 ? -1   HIS A CA  1 
ATOM   13   C C   . HIS A 1 3   ? -15.571 -11.175 0.313   1.00 26.88 ? -1   HIS A C   1 
ATOM   14   O O   . HIS A 1 3   ? -16.500 -10.816 1.112   1.00 22.22 ? -1   HIS A O   1 
ATOM   15   C CB  . HIS A 1 3   ? -15.711 -9.816  -1.885  1.00 28.75 ? -1   HIS A CB  1 
ATOM   16   C CG  . HIS A 1 3   ? -16.640 -8.697  -1.573  1.00 35.54 ? -1   HIS A CG  1 
ATOM   17   N ND1 . HIS A 1 3   ? -18.006 -8.777  -1.727  1.00 37.60 ? -1   HIS A ND1 1 
ATOM   18   C CD2 . HIS A 1 3   ? -16.385 -7.432  -1.142  1.00 39.80 ? -1   HIS A CD2 1 
ATOM   19   C CE1 . HIS A 1 3   ? -18.558 -7.618  -1.408  1.00 38.46 ? -1   HIS A CE1 1 
ATOM   20   N NE2 . HIS A 1 3   ? -17.598 -6.786  -1.040  1.00 42.71 ? -1   HIS A NE2 1 
ATOM   21   N N   . MET A 1 4   ? -14.351 -10.731 0.690   1.00 22.07 ? 1    MET A N   1 
ATOM   22   C CA  . MET A 1 4   ? -13.962 -10.262 2.073   1.00 20.29 ? 1    MET A CA  1 
ATOM   23   C C   . MET A 1 4   ? -14.385 -8.836  2.406   1.00 16.33 ? 1    MET A C   1 
ATOM   24   O O   . MET A 1 4   ? -14.248 -8.012  1.483   1.00 19.70 ? 1    MET A O   1 
ATOM   25   C CB  . MET A 1 4   ? -12.450 -10.462 2.273   1.00 27.43 ? 1    MET A CB  1 
ATOM   26   C CG  . MET A 1 4   ? -11.846 -9.514  3.334   1.00 32.33 ? 1    MET A CG  1 
ATOM   27   S SD  . MET A 1 4   ? -10.062 -9.729  3.410   1.00 33.08 ? 1    MET A SD  1 
ATOM   28   C CE  . MET A 1 4   ? -9.542  -8.582  4.650   1.00 42.45 ? 1    MET A CE  1 
ATOM   29   N N   . LYS A 1 5   ? -15.156 -8.631  3.452   1.00 14.63 ? 2    LYS A N   1 
ATOM   30   C CA  . LYS A 1 5   ? -15.629 -7.253  3.655   1.00 13.42 ? 2    LYS A CA  1 
ATOM   31   C C   . LYS A 1 5   ? -14.811 -6.695  4.826   1.00 11.74 ? 2    LYS A C   1 
ATOM   32   O O   . LYS A 1 5   ? -14.973 -7.224  5.941   1.00 9.92  ? 2    LYS A O   1 
ATOM   33   C CB  . LYS A 1 5   ? -17.129 -7.294  3.891   1.00 23.13 ? 2    LYS A CB  1 
ATOM   34   C CG  . LYS A 1 5   ? -17.910 -8.102  2.845   1.00 22.05 ? 2    LYS A CG  1 
ATOM   35   C CD  . LYS A 1 5   ? -19.379 -7.724  2.826   1.00 35.10 ? 2    LYS A CD  1 
ATOM   36   C CE  . LYS A 1 5   ? -20.145 -8.605  1.843   1.00 45.01 ? 2    LYS A CE  1 
ATOM   37   N NZ  . LYS A 1 5   ? -21.562 -8.136  1.667   1.00 46.57 ? 2    LYS A NZ  1 
ATOM   38   N N   . ILE A 1 6   ? -13.905 -5.776  4.589   1.00 9.88  ? 3    ILE A N   1 
ATOM   39   C CA  . ILE A 1 6   ? -13.031 -5.270  5.671   1.00 11.48 ? 3    ILE A CA  1 
ATOM   40   C C   . ILE A 1 6   ? -12.986 -3.751  5.506   1.00 10.52 ? 3    ILE A C   1 
ATOM   41   O O   . ILE A 1 6   ? -13.180 -3.181  4.447   1.00 11.96 ? 3    ILE A O   1 
ATOM   42   C CB  . ILE A 1 6   ? -11.669 -5.931  5.632   1.00 11.62 ? 3    ILE A CB  1 
ATOM   43   C CG1 . ILE A 1 6   ? -10.764 -5.594  6.821   1.00 14.37 ? 3    ILE A CG1 1 
ATOM   44   C CG2 . ILE A 1 6   ? -10.949 -5.581  4.321   1.00 11.21 ? 3    ILE A CG2 1 
ATOM   45   C CD1 . ILE A 1 6   ? -9.822  -6.765  7.189   1.00 13.54 ? 3    ILE A CD1 1 
ATOM   46   N N   . SER A 1 7   ? -12.799 -3.070  6.635   1.00 6.32  ? 4    SER A N   1 
ATOM   47   C CA  . SER A 1 7   ? -12.861 -1.607  6.644   1.00 7.25  ? 4    SER A CA  1 
ATOM   48   C C   . SER A 1 7   ? -11.752 -0.954  5.833   1.00 9.92  ? 4    SER A C   1 
ATOM   49   O O   . SER A 1 7   ? -11.927 0.176   5.342   1.00 11.78 ? 4    SER A O   1 
ATOM   50   C CB  . SER A 1 7   ? -12.833 -1.092  8.095   1.00 7.63  ? 4    SER A CB  1 
ATOM   51   O OG  . SER A 1 7   ? -11.616 -1.507  8.742   1.00 9.47  ? 4    SER A OG  1 
ATOM   52   N N   . ALA A 1 8   ? -10.609 -1.616  5.771   1.00 8.95  ? 5    ALA A N   1 
ATOM   53   C CA  . ALA A 1 8   ? -9.471  -1.024  5.059   1.00 9.16  ? 5    ALA A CA  1 
ATOM   54   C C   . ALA A 1 8   ? -9.852  -0.463  3.719   1.00 11.06 ? 5    ALA A C   1 
ATOM   55   O O   . ALA A 1 8   ? -10.423 -1.134  2.870   1.00 12.03 ? 5    ALA A O   1 
ATOM   56   C CB  . ALA A 1 8   ? -8.373  -2.102  4.934   1.00 10.75 ? 5    ALA A CB  1 
ATOM   57   N N   . ARG A 1 9   ? -9.353  0.772   3.438   1.00 10.97 ? 6    ARG A N   1 
ATOM   58   C CA  . ARG A 1 9   ? -9.664  1.360   2.158   1.00 10.54 ? 6    ARG A CA  1 
ATOM   59   C C   . ARG A 1 9   ? -8.827  0.703   1.051   1.00 11.15 ? 6    ARG A C   1 
ATOM   60   O O   . ARG A 1 9   ? -9.166  0.779   -0.127  1.00 13.89 ? 6    ARG A O   1 
ATOM   61   C CB  . ARG A 1 9   ? -9.444  2.872   2.134   1.00 11.79 ? 6    ARG A CB  1 
ATOM   62   C CG  . ARG A 1 9   ? -10.349 3.654   3.099   1.00 13.25 ? 6    ARG A CG  1 
ATOM   63   C CD  . ARG A 1 9   ? -11.808 3.486   2.690   1.00 15.27 ? 6    ARG A CD  1 
ATOM   64   N NE  . ARG A 1 9   ? -12.401 2.260   3.157   1.00 15.14 ? 6    ARG A NE  1 
ATOM   65   C CZ  . ARG A 1 9   ? -13.418 1.594   2.610   1.00 20.06 ? 6    ARG A CZ  1 
ATOM   66   N NH1 . ARG A 1 9   ? -14.035 2.052   1.509   1.00 24.78 ? 6    ARG A NH1 1 
ATOM   67   N NH2 . ARG A 1 9   ? -13.849 0.480   3.139   1.00 18.95 ? 6    ARG A NH2 1 
ATOM   68   N N   . ASN A 1 10  ? -7.756  0.009   1.418   1.00 7.24  ? 7    ASN A N   1 
ATOM   69   C CA  . ASN A 1 10  ? -6.960  -0.579  0.349   1.00 8.69  ? 7    ASN A CA  1 
ATOM   70   C C   . ASN A 1 10  ? -6.878  -2.092  0.507   1.00 8.47  ? 7    ASN A C   1 
ATOM   71   O O   . ASN A 1 10  ? -6.408  -2.579  1.540   1.00 7.58  ? 7    ASN A O   1 
ATOM   72   C CB  . ASN A 1 10  ? -5.513  -0.064  0.521   1.00 9.74  ? 7    ASN A CB  1 
ATOM   73   C CG  . ASN A 1 10  ? -5.476  1.456   0.524   1.00 6.54  ? 7    ASN A CG  1 
ATOM   74   O OD1 . ASN A 1 10  ? -5.860  2.049   -0.507  1.00 13.63 ? 7    ASN A OD1 1 
ATOM   75   N ND2 . ASN A 1 10  ? -5.118  2.149   1.554   1.00 8.19  ? 7    ASN A ND2 1 
ATOM   76   N N   . VAL A 1 11  ? -7.507  -2.809  -0.419  1.00 8.25  ? 8    VAL A N   1 
ATOM   77   C CA  . VAL A 1 11  ? -7.460  -4.278  -0.383  1.00 8.49  ? 8    VAL A CA  1 
ATOM   78   C C   . VAL A 1 11  ? -7.083  -4.785  -1.781  1.00 12.83 ? 8    VAL A C   1 
ATOM   79   O O   . VAL A 1 11  ? -7.823  -4.511  -2.733  1.00 16.44 ? 8    VAL A O   1 
ATOM   80   C CB  . VAL A 1 11  ? -8.845  -4.832  0.009   1.00 14.35 ? 8    VAL A CB  1 
ATOM   81   C CG1 . VAL A 1 11  ? -8.867  -6.370  -0.008  1.00 15.51 ? 8    VAL A CG1 1 
ATOM   82   C CG2 . VAL A 1 11  ? -9.317  -4.420  1.409   1.00 16.84 ? 8    VAL A CG2 1 
ATOM   83   N N   . PHE A 1 12  ? -5.856  -5.279  -1.952  1.00 13.25 ? 9    PHE A N   1 
ATOM   84   C CA  . PHE A 1 12  ? -5.388  -5.575  -3.305  1.00 17.45 ? 9    PHE A CA  1 
ATOM   85   C C   . PHE A 1 12  ? -5.170  -7.066  -3.512  1.00 20.09 ? 9    PHE A C   1 
ATOM   86   O O   . PHE A 1 12  ? -4.637  -7.702  -2.593  1.00 16.79 ? 9    PHE A O   1 
ATOM   87   C CB  . PHE A 1 12  ? -4.020  -4.919  -3.513  1.00 17.39 ? 9    PHE A CB  1 
ATOM   88   C CG  . PHE A 1 12  ? -3.992  -3.435  -3.266  1.00 20.57 ? 9    PHE A CG  1 
ATOM   89   C CD1 . PHE A 1 12  ? -3.181  -2.921  -2.282  1.00 16.64 ? 9    PHE A CD1 1 
ATOM   90   C CD2 . PHE A 1 12  ? -4.758  -2.600  -4.045  1.00 27.98 ? 9    PHE A CD2 1 
ATOM   91   C CE1 . PHE A 1 12  ? -3.139  -1.534  -2.101  1.00 22.43 ? 9    PHE A CE1 1 
ATOM   92   C CE2 . PHE A 1 12  ? -4.753  -1.225  -3.847  1.00 30.14 ? 9    PHE A CE2 1 
ATOM   93   C CZ  . PHE A 1 12  ? -3.939  -0.705  -2.865  1.00 21.91 ? 9    PHE A CZ  1 
ATOM   94   N N   . LYS A 1 13  ? -5.647  -7.597  -4.644  1.00 18.70 ? 10   LYS A N   1 
ATOM   95   C CA  . LYS A 1 13  ? -5.327  -9.013  -4.904  1.00 20.18 ? 10   LYS A CA  1 
ATOM   96   C C   . LYS A 1 13  ? -4.079  -9.060  -5.772  1.00 18.16 ? 10   LYS A C   1 
ATOM   97   O O   . LYS A 1 13  ? -3.797  -8.219  -6.630  1.00 16.15 ? 10   LYS A O   1 
ATOM   98   C CB  . LYS A 1 13  ? -6.515  -9.761  -5.508  1.00 27.40 ? 10   LYS A CB  1 
ATOM   99   C CG  . LYS A 1 13  ? -6.305  -11.159 -6.015  1.00 35.21 ? 10   LYS A CG  1 
ATOM   100  C CD  . LYS A 1 13  ? -5.951  -12.264 -5.035  1.00 32.58 ? 10   LYS A CD  1 
ATOM   101  C CE  . LYS A 1 13  ? -7.146  -13.068 -4.573  1.00 39.45 ? 10   LYS A CE  1 
ATOM   102  N NZ  . LYS A 1 13  ? -6.814  -14.083 -3.535  1.00 36.39 ? 10   LYS A NZ  1 
ATOM   103  N N   . GLY A 1 14  ? -3.249  -10.089 -5.538  1.00 14.34 ? 11   GLY A N   1 
ATOM   104  C CA  . GLY A 1 14  ? -2.034  -10.183 -6.344  1.00 12.29 ? 11   GLY A CA  1 
ATOM   105  C C   . GLY A 1 14  ? -1.484  -11.592 -6.198  1.00 12.84 ? 11   GLY A C   1 
ATOM   106  O O   . GLY A 1 14  ? -2.146  -12.431 -5.622  1.00 14.43 ? 11   GLY A O   1 
ATOM   107  N N   . THR A 1 15  ? -0.329  -11.769 -6.794  1.00 14.37 ? 12   THR A N   1 
ATOM   108  C CA  . THR A 1 15  ? 0.345   -13.059 -6.728  1.00 15.09 ? 12   THR A CA  1 
ATOM   109  C C   . THR A 1 15  ? 1.707   -12.824 -6.091  1.00 11.80 ? 12   THR A C   1 
ATOM   110  O O   . THR A 1 15  ? 2.343   -11.812 -6.386  1.00 13.63 ? 12   THR A O   1 
ATOM   111  C CB  . THR A 1 15  ? 0.520   -13.658 -8.136  1.00 22.67 ? 12   THR A CB  1 
ATOM   112  O OG1 . THR A 1 15  ? 1.334   -12.745 -8.877  1.00 29.55 ? 12   THR A OG1 1 
ATOM   113  C CG2 . THR A 1 15  ? -0.806  -13.741 -8.880  1.00 20.51 ? 12   THR A CG2 1 
ATOM   114  N N   . VAL A 1 16  ? 2.151   -13.775 -5.274  1.00 9.93  ? 13   VAL A N   1 
ATOM   115  C CA  . VAL A 1 16  ? 3.487   -13.606 -4.682  1.00 11.84 ? 13   VAL A CA  1 
ATOM   116  C C   . VAL A 1 16  ? 4.573   -13.765 -5.738  1.00 16.12 ? 13   VAL A C   1 
ATOM   117  O O   . VAL A 1 16  ? 4.624   -14.790 -6.426  1.00 15.98 ? 13   VAL A O   1 
ATOM   118  C CB  . VAL A 1 16  ? 3.657   -14.586 -3.513  1.00 10.26 ? 13   VAL A CB  1 
ATOM   119  C CG1 . VAL A 1 16  ? 4.998   -14.584 -2.852  1.00 9.67  ? 13   VAL A CG1 1 
ATOM   120  C CG2 . VAL A 1 16  ? 2.534   -14.222 -2.506  1.00 14.91 ? 13   VAL A CG2 1 
ATOM   121  N N   . SER A 1 17  ? 5.424   -12.761 -5.870  1.00 13.28 ? 14   SER A N   1 
ATOM   122  C CA  . SER A 1 17  ? 6.520   -12.849 -6.856  1.00 15.98 ? 14   SER A CA  1 
ATOM   123  C C   . SER A 1 17  ? 7.787   -13.303 -6.187  1.00 16.07 ? 14   SER A C   1 
ATOM   124  O O   . SER A 1 17  ? 8.666   -13.940 -6.844  1.00 14.85 ? 14   SER A O   1 
ATOM   125  C CB  . SER A 1 17  ? 6.634   -11.499 -7.570  1.00 22.01 ? 14   SER A CB  1 
ATOM   126  O OG  . SER A 1 17  ? 7.078   -10.509 -6.665  1.00 22.63 ? 14   SER A OG  1 
ATOM   127  N N   . ALA A 1 18  ? 7.939   -13.134 -4.871  1.00 13.21 ? 15   ALA A N   1 
ATOM   128  C CA  . ALA A 1 18  ? 9.101   -13.594 -4.144  1.00 14.02 ? 15   ALA A CA  1 
ATOM   129  C C   . ALA A 1 18  ? 8.763   -13.770 -2.667  1.00 14.84 ? 15   ALA A C   1 
ATOM   130  O O   . ALA A 1 18  ? 7.904   -13.036 -2.152  1.00 12.48 ? 15   ALA A O   1 
ATOM   131  C CB  . ALA A 1 18  ? 10.232  -12.567 -4.275  1.00 20.03 ? 15   ALA A CB  1 
ATOM   132  N N   . LEU A 1 19  ? 9.321   -14.783 -2.050  1.00 12.34 ? 16   LEU A N   1 
ATOM   133  C CA  . LEU A 1 19  ? 9.079   -14.987 -0.604  1.00 12.60 ? 16   LEU A CA  1 
ATOM   134  C C   . LEU A 1 19  ? 10.472  -15.057 -0.009  1.00 15.55 ? 16   LEU A C   1 
ATOM   135  O O   . LEU A 1 19  ? 11.275  -15.835 -0.551  1.00 18.63 ? 16   LEU A O   1 
ATOM   136  C CB  . LEU A 1 19  ? 8.280   -16.248 -0.300  1.00 16.75 ? 16   LEU A CB  1 
ATOM   137  C CG  . LEU A 1 19  ? 8.182   -16.760 1.137   1.00 14.32 ? 16   LEU A CG  1 
ATOM   138  C CD1 . LEU A 1 19  ? 7.449   -15.712 2.028   1.00 11.54 ? 16   LEU A CD1 1 
ATOM   139  C CD2 . LEU A 1 19  ? 7.388   -18.059 1.268   1.00 16.68 ? 16   LEU A CD2 1 
ATOM   140  N N   . LYS A 1 20  ? 10.819  -14.231 0.950   1.00 11.63 ? 17   LYS A N   1 
ATOM   141  C CA  . LYS A 1 20  ? 12.151  -14.256 1.547   1.00 11.19 ? 17   LYS A CA  1 
ATOM   142  C C   . LYS A 1 20  ? 11.999  -14.431 3.052   1.00 13.28 ? 17   LYS A C   1 
ATOM   143  O O   . LYS A 1 20  ? 11.623  -13.510 3.759   1.00 13.13 ? 17   LYS A O   1 
ATOM   144  C CB  . LYS A 1 20  ? 12.927  -12.986 1.215   1.00 19.53 ? 17   LYS A CB  1 
ATOM   145  N N   . GLU A 1 21  ? 12.196  -15.638 3.544   1.00 10.94 ? 18   GLU A N   1 
ATOM   146  C CA  . GLU A 1 21  ? 12.039  -15.959 4.959   1.00 13.35 ? 18   GLU A CA  1 
ATOM   147  C C   . GLU A 1 21  ? 13.399  -15.914 5.630   1.00 17.42 ? 18   GLU A C   1 
ATOM   148  O O   . GLU A 1 21  ? 14.439  -16.395 5.186   1.00 16.56 ? 18   GLU A O   1 
ATOM   149  C CB  . GLU A 1 21  ? 11.376  -17.348 5.042   1.00 17.47 ? 18   GLU A CB  1 
ATOM   150  C CG  . GLU A 1 21  ? 9.925   -17.426 4.600   1.00 20.29 ? 18   GLU A CG  1 
ATOM   151  C CD  . GLU A 1 21  ? 9.294   -18.827 4.697   1.00 19.29 ? 18   GLU A CD  1 
ATOM   152  O OE1 . GLU A 1 21  ? 8.084   -18.891 4.318   1.00 28.64 ? 18   GLU A OE1 1 
ATOM   153  O OE2 . GLU A 1 21  ? 10.106  -19.654 5.241   1.00 19.65 ? 18   GLU A OE2 1 
ATOM   154  N N   . GLY A 1 22  ? 13.366  -15.254 6.789   1.00 17.14 ? 19   GLY A N   1 
ATOM   155  C CA  . GLY A 1 22  ? 14.554  -15.212 7.665   1.00 17.02 ? 19   GLY A CA  1 
ATOM   156  C C   . GLY A 1 22  ? 14.193  -16.014 8.916   1.00 19.06 ? 19   GLY A C   1 
ATOM   157  O O   . GLY A 1 22  ? 13.138  -16.651 8.951   1.00 15.22 ? 19   GLY A O   1 
ATOM   158  N N   . ALA A 1 23  ? 14.922  -15.900 10.033  1.00 22.96 ? 20   ALA A N   1 
ATOM   159  C CA  . ALA A 1 23  ? 14.554  -16.743 11.179  1.00 23.24 ? 20   ALA A CA  1 
ATOM   160  C C   . ALA A 1 23  ? 13.432  -16.186 12.033  1.00 23.19 ? 20   ALA A C   1 
ATOM   161  O O   . ALA A 1 23  ? 12.902  -16.899 12.884  1.00 23.29 ? 20   ALA A O   1 
ATOM   162  C CB  . ALA A 1 23  ? 15.768  -16.999 12.075  1.00 32.01 ? 20   ALA A CB  1 
ATOM   163  N N   . VAL A 1 24  ? 13.040  -14.940 11.814  1.00 20.28 ? 21   VAL A N   1 
ATOM   164  C CA  . VAL A 1 24  ? 12.012  -14.276 12.594  1.00 16.81 ? 21   VAL A CA  1 
ATOM   165  C C   . VAL A 1 24  ? 10.838  -13.825 11.733  1.00 15.02 ? 21   VAL A C   1 
ATOM   166  O O   . VAL A 1 24  ? 9.672   -13.995 12.073  1.00 13.85 ? 21   VAL A O   1 
ATOM   167  C CB  . VAL A 1 24  ? 12.602  -13.032 13.305  1.00 18.98 ? 21   VAL A CB  1 
ATOM   168  C CG1 . VAL A 1 24  ? 11.529  -12.225 14.001  1.00 18.61 ? 21   VAL A CG1 1 
ATOM   169  C CG2 . VAL A 1 24  ? 13.691  -13.425 14.304  1.00 22.82 ? 21   VAL A CG2 1 
ATOM   170  N N   . ASN A 1 25  ? 11.154  -13.211 10.596  1.00 13.73 ? 22   ASN A N   1 
ATOM   171  C CA  . ASN A 1 25  ? 10.120  -12.683 9.722   1.00 14.78 ? 22   ASN A CA  1 
ATOM   172  C C   . ASN A 1 25  ? 10.340  -13.100 8.259   1.00 13.98 ? 22   ASN A C   1 
ATOM   173  O O   . ASN A 1 25  ? 11.370  -13.647 7.896   1.00 14.72 ? 22   ASN A O   1 
ATOM   174  C CB  . ASN A 1 25  ? 10.070  -11.159 9.735   1.00 17.99 ? 22   ASN A CB  1 
ATOM   175  C CG  . ASN A 1 25  ? 9.878   -10.426 11.026  1.00 18.96 ? 22   ASN A CG  1 
ATOM   176  O OD1 . ASN A 1 25  ? 10.569  -9.430  11.273  1.00 25.47 ? 22   ASN A OD1 1 
ATOM   177  N ND2 . ASN A 1 25  ? 8.984   -10.906 11.864  1.00 17.10 ? 22   ASN A ND2 1 
ATOM   178  N N   . ALA A 1 26  ? 9.323   -12.783 7.464   1.00 12.50 ? 23   ALA A N   1 
ATOM   179  C CA  . ALA A 1 26  ? 9.346   -13.141 6.053   1.00 12.70 ? 23   ALA A CA  1 
ATOM   180  C C   . ALA A 1 26  ? 8.875   -11.952 5.224   1.00 12.44 ? 23   ALA A C   1 
ATOM   181  O O   . ALA A 1 26  ? 7.844   -11.341 5.553   1.00 14.60 ? 23   ALA A O   1 
ATOM   182  C CB  . ALA A 1 26  ? 8.391   -14.313 5.761   1.00 13.03 ? 23   ALA A CB  1 
ATOM   183  N N   . GLU A 1 27  ? 9.647   -11.642 4.193   1.00 10.15 ? 24   GLU A N   1 
ATOM   184  C CA  . GLU A 1 27  ? 9.276   -10.547 3.302   1.00 12.04 ? 24   GLU A CA  1 
ATOM   185  C C   . GLU A 1 27  ? 8.548   -11.199 2.117   1.00 11.77 ? 24   GLU A C   1 
ATOM   186  O O   . GLU A 1 27  ? 8.984   -12.237 1.576   1.00 10.80 ? 24   GLU A O   1 
ATOM   187  C CB  . GLU A 1 27  ? 10.467  -9.714  2.782   1.00 14.94 ? 24   GLU A CB  1 
ATOM   188  C CG  . GLU A 1 27  ? 9.948   -8.687  1.765   1.00 22.40 ? 24   GLU A CG  1 
ATOM   189  C CD  . GLU A 1 27  ? 10.960  -7.671  1.277   1.00 39.70 ? 24   GLU A CD  1 
ATOM   190  O OE1 . GLU A 1 27  ? 11.843  -7.272  2.074   1.00 42.34 ? 24   GLU A OE1 1 
ATOM   191  O OE2 . GLU A 1 27  ? 10.931  -7.215  0.099   1.00 40.45 ? 24   GLU A OE2 1 
ATOM   192  N N   . VAL A 1 28  ? 7.363   -10.678 1.825   1.00 9.65  ? 25   VAL A N   1 
ATOM   193  C CA  . VAL A 1 28  ? 6.550   -11.222 0.751   1.00 12.75 ? 25   VAL A CA  1 
ATOM   194  C C   . VAL A 1 28  ? 6.389   -10.151 -0.314  1.00 14.05 ? 25   VAL A C   1 
ATOM   195  O O   . VAL A 1 28  ? 5.775   -9.066  -0.076  1.00 11.92 ? 25   VAL A O   1 
ATOM   196  C CB  . VAL A 1 28  ? 5.149   -11.567 1.281   1.00 17.89 ? 25   VAL A CB  1 
ATOM   197  C CG1 . VAL A 1 28  ? 4.247   -12.218 0.241   1.00 17.92 ? 25   VAL A CG1 1 
ATOM   198  C CG2 . VAL A 1 28  ? 5.276   -12.502 2.490   1.00 14.29 ? 25   VAL A CG2 1 
ATOM   199  N N   . ASP A 1 29  ? 6.912   -10.412 -1.507  1.00 13.26 ? 26   ASP A N   1 
ATOM   200  C CA  . ASP A 1 29  ? 6.805   -9.445  -2.605  1.00 15.91 ? 26   ASP A CA  1 
ATOM   201  C C   . ASP A 1 29  ? 5.614   -9.862  -3.479  1.00 16.78 ? 26   ASP A C   1 
ATOM   202  O O   . ASP A 1 29  ? 5.401   -11.020 -3.806  1.00 16.68 ? 26   ASP A O   1 
ATOM   203  C CB  . ASP A 1 29  ? 8.032   -9.272  -3.485  1.00 19.92 ? 26   ASP A CB  1 
ATOM   204  C CG  . ASP A 1 29  ? 9.260   -8.824  -2.732  1.00 32.39 ? 26   ASP A CG  1 
ATOM   205  O OD1 . ASP A 1 29  ? 9.138   -7.964  -1.826  1.00 33.39 ? 26   ASP A OD1 1 
ATOM   206  O OD2 . ASP A 1 29  ? 10.363  -9.351  -3.009  1.00 35.63 ? 26   ASP A OD2 1 
ATOM   207  N N   . ILE A 1 30  ? 4.712   -8.947  -3.737  1.00 13.61 ? 27   ILE A N   1 
ATOM   208  C CA  . ILE A 1 30  ? 3.438   -9.159  -4.374  1.00 14.37 ? 27   ILE A CA  1 
ATOM   209  C C   . ILE A 1 30  ? 3.329   -8.305  -5.637  1.00 16.30 ? 27   ILE A C   1 
ATOM   210  O O   . ILE A 1 30  ? 3.526   -7.094  -5.640  1.00 15.93 ? 27   ILE A O   1 
ATOM   211  C CB  . ILE A 1 30  ? 2.267   -8.743  -3.458  1.00 10.60 ? 27   ILE A CB  1 
ATOM   212  C CG1 . ILE A 1 30  ? 2.434   -9.441  -2.093  1.00 17.24 ? 27   ILE A CG1 1 
ATOM   213  C CG2 . ILE A 1 30  ? 0.928   -9.113  -4.088  1.00 17.35 ? 27   ILE A CG2 1 
ATOM   214  C CD1 . ILE A 1 30  ? 1.495   -8.847  -1.051  1.00 18.64 ? 27   ILE A CD1 1 
ATOM   215  N N   . LEU A 1 31  ? 2.932   -8.999  -6.700  1.00 16.08 ? 28   LEU A N   1 
ATOM   216  C CA  . LEU A 1 31  ? 2.698   -8.292  -7.967  1.00 15.29 ? 28   LEU A CA  1 
ATOM   217  C C   . LEU A 1 31  ? 1.212   -8.022  -8.054  1.00 18.32 ? 28   LEU A C   1 
ATOM   218  O O   . LEU A 1 31  ? 0.377   -8.936  -8.103  1.00 13.63 ? 28   LEU A O   1 
ATOM   219  C CB  . LEU A 1 31  ? 3.198   -9.257  -9.060  1.00 21.44 ? 28   LEU A CB  1 
ATOM   220  C CG  . LEU A 1 31  ? 2.743   -8.834  -10.480 1.00 26.50 ? 28   LEU A CG  1 
ATOM   221  C CD1 . LEU A 1 31  ? 3.533   -7.622  -10.924 1.00 31.10 ? 28   LEU A CD1 1 
ATOM   222  C CD2 . LEU A 1 31  ? 2.986   -10.083 -11.357 1.00 32.84 ? 28   LEU A CD2 1 
ATOM   223  N N   . LEU A 1 32  ? 0.792   -6.736  -8.040  1.00 17.63 ? 29   LEU A N   1 
ATOM   224  C CA  . LEU A 1 32  ? -0.623  -6.420  -8.091  1.00 24.52 ? 29   LEU A CA  1 
ATOM   225  C C   . LEU A 1 32  ? -1.104  -6.300  -9.534  1.00 26.89 ? 29   LEU A C   1 
ATOM   226  O O   . LEU A 1 32  ? -0.292  -6.162  -10.447 1.00 28.18 ? 29   LEU A O   1 
ATOM   227  C CB  . LEU A 1 32  ? -0.950  -5.035  -7.475  1.00 25.32 ? 29   LEU A CB  1 
ATOM   228  C CG  . LEU A 1 32  ? -0.278  -4.784  -6.108  1.00 26.84 ? 29   LEU A CG  1 
ATOM   229  C CD1 . LEU A 1 32  ? -0.454  -3.329  -5.696  1.00 25.05 ? 29   LEU A CD1 1 
ATOM   230  C CD2 . LEU A 1 32  ? -0.972  -5.690  -5.094  1.00 23.51 ? 29   LEU A CD2 1 
ATOM   231  N N   . GLY A 1 33  ? -2.390  -6.265  -9.744  1.00 31.38 ? 30   GLY A N   1 
ATOM   232  C CA  . GLY A 1 33  ? -3.050  -6.108  -11.018 1.00 36.82 ? 30   GLY A CA  1 
ATOM   233  C C   . GLY A 1 33  ? -2.384  -5.182  -12.005 1.00 40.49 ? 30   GLY A C   1 
ATOM   234  O O   . GLY A 1 33  ? -1.864  -5.687  -13.030 1.00 42.17 ? 30   GLY A O   1 
ATOM   235  N N   . GLY A 1 34  ? -2.276  -3.888  -11.751 1.00 41.42 ? 31   GLY A N   1 
ATOM   236  C CA  . GLY A 1 34  ? -1.666  -3.009  -12.720 1.00 42.31 ? 31   GLY A CA  1 
ATOM   237  C C   . GLY A 1 34  ? -0.213  -3.220  -13.058 1.00 42.03 ? 31   GLY A C   1 
ATOM   238  O O   . GLY A 1 34  ? 0.270   -2.549  -13.975 1.00 42.25 ? 31   GLY A O   1 
ATOM   239  N N   . GLY A 1 35  ? 0.519   -4.073  -12.346 1.00 39.27 ? 32   GLY A N   1 
ATOM   240  C CA  . GLY A 1 35  ? 1.939   -4.282  -12.608 1.00 34.61 ? 32   GLY A CA  1 
ATOM   241  C C   . GLY A 1 35  ? 2.719   -3.650  -11.444 1.00 32.55 ? 32   GLY A C   1 
ATOM   242  O O   . GLY A 1 35  ? 3.934   -3.749  -11.306 1.00 28.88 ? 32   GLY A O   1 
ATOM   243  N N   . ASP A 1 36  ? 1.940   -3.018  -10.559 1.00 28.98 ? 33   ASP A N   1 
ATOM   244  C CA  . ASP A 1 36  ? 2.484   -2.410  -9.352  1.00 28.07 ? 33   ASP A CA  1 
ATOM   245  C C   . ASP A 1 36  ? 3.003   -3.501  -8.419  1.00 24.95 ? 33   ASP A C   1 
ATOM   246  O O   . ASP A 1 36  ? 2.391   -4.565  -8.416  1.00 23.62 ? 33   ASP A O   1 
ATOM   247  C CB  . ASP A 1 36  ? 1.287   -1.653  -8.728  1.00 34.06 ? 33   ASP A CB  1 
ATOM   248  C CG  . ASP A 1 36  ? 0.570   -0.830  -9.794  1.00 39.86 ? 33   ASP A CG  1 
ATOM   249  O OD1 . ASP A 1 36  ? 1.231   0.122   -10.279 1.00 47.04 ? 33   ASP A OD1 1 
ATOM   250  O OD2 . ASP A 1 36  ? -0.584  -1.072  -10.188 1.00 41.55 ? 33   ASP A OD2 1 
ATOM   251  N N   . LYS A 1 37  ? 4.108   -3.331  -7.734  1.00 22.95 ? 34   LYS A N   1 
ATOM   252  C CA  . LYS A 1 37  ? 4.633   -4.298  -6.792  1.00 23.14 ? 34   LYS A CA  1 
ATOM   253  C C   . LYS A 1 37  ? 4.452   -3.776  -5.347  1.00 21.81 ? 34   LYS A C   1 
ATOM   254  O O   . LYS A 1 37  ? 4.759   -2.599  -5.157  1.00 23.24 ? 34   LYS A O   1 
ATOM   255  C CB  . LYS A 1 37  ? 6.128   -4.524  -6.972  1.00 34.49 ? 34   LYS A CB  1 
ATOM   256  N N   . LEU A 1 38  ? 4.068   -4.601  -4.397  1.00 16.81 ? 35   LEU A N   1 
ATOM   257  C CA  . LEU A 1 38  ? 3.963   -4.115  -3.003  1.00 11.09 ? 35   LEU A CA  1 
ATOM   258  C C   . LEU A 1 38  ? 4.693   -5.092  -2.113  1.00 15.06 ? 35   LEU A C   1 
ATOM   259  O O   . LEU A 1 38  ? 4.495   -6.288  -2.392  1.00 18.24 ? 35   LEU A O   1 
ATOM   260  C CB  . LEU A 1 38  ? 2.474   -4.105  -2.625  1.00 10.77 ? 35   LEU A CB  1 
ATOM   261  C CG  . LEU A 1 38  ? 1.985   -3.869  -1.220  1.00 16.86 ? 35   LEU A CG  1 
ATOM   262  C CD1 . LEU A 1 38  ? 2.010   -2.373  -0.891  1.00 20.65 ? 35   LEU A CD1 1 
ATOM   263  C CD2 . LEU A 1 38  ? 0.545   -4.353  -1.091  1.00 18.36 ? 35   LEU A CD2 1 
ATOM   264  N N   . ALA A 1 39  ? 5.522   -4.690  -1.166  1.00 11.55 ? 36   ALA A N   1 
ATOM   265  C CA  . ALA A 1 39  ? 6.142   -5.620  -0.249  1.00 12.10 ? 36   ALA A CA  1 
ATOM   266  C C   . ALA A 1 39  ? 5.448   -5.643  1.102   1.00 13.99 ? 36   ALA A C   1 
ATOM   267  O O   . ALA A 1 39  ? 5.030   -4.586  1.585   1.00 11.85 ? 36   ALA A O   1 
ATOM   268  C CB  . ALA A 1 39  ? 7.618   -5.252  -0.065  1.00 14.56 ? 36   ALA A CB  1 
ATOM   269  N N   . ALA A 1 40  ? 5.261   -6.802  1.687   1.00 8.48  ? 37   ALA A N   1 
ATOM   270  C CA  . ALA A 1 40  ? 4.671   -6.987  3.013   1.00 8.29  ? 37   ALA A CA  1 
ATOM   271  C C   . ALA A 1 40  ? 5.644   -7.775  3.893   1.00 13.22 ? 37   ALA A C   1 
ATOM   272  O O   . ALA A 1 40  ? 6.515   -8.504  3.343   1.00 14.82 ? 37   ALA A O   1 
ATOM   273  C CB  . ALA A 1 40  ? 3.371   -7.765  2.837   1.00 11.13 ? 37   ALA A CB  1 
ATOM   274  N N   . VAL A 1 41  ? 5.677   -7.518  5.197   1.00 9.54  ? 38   VAL A N   1 
ATOM   275  C CA  . VAL A 1 41  ? 6.556   -8.282  6.108   1.00 10.01 ? 38   VAL A CA  1 
ATOM   276  C C   . VAL A 1 41  ? 5.598   -8.887  7.117   1.00 12.94 ? 38   VAL A C   1 
ATOM   277  O O   . VAL A 1 41  ? 4.752   -8.194  7.700   1.00 12.91 ? 38   VAL A O   1 
ATOM   278  C CB  . VAL A 1 41  ? 7.640   -7.490  6.846   1.00 12.72 ? 38   VAL A CB  1 
ATOM   279  C CG1 . VAL A 1 41  ? 8.302   -8.336  7.946   1.00 20.74 ? 38   VAL A CG1 1 
ATOM   280  C CG2 . VAL A 1 41  ? 8.748   -7.043  5.889   1.00 15.85 ? 38   VAL A CG2 1 
ATOM   281  N N   . VAL A 1 42  ? 5.656   -10.205 7.263   1.00 7.79  ? 39   VAL A N   1 
ATOM   282  C CA  . VAL A 1 42  ? 4.840   -10.972 8.160   1.00 10.59 ? 39   VAL A CA  1 
ATOM   283  C C   . VAL A 1 42  ? 5.739   -11.850 9.032   1.00 12.66 ? 39   VAL A C   1 
ATOM   284  O O   . VAL A 1 42  ? 6.939   -11.992 8.765   1.00 10.91 ? 39   VAL A O   1 
ATOM   285  C CB  . VAL A 1 42  ? 3.779   -11.876 7.510   1.00 14.04 ? 39   VAL A CB  1 
ATOM   286  C CG1 . VAL A 1 42  ? 2.765   -11.050 6.752   1.00 15.39 ? 39   VAL A CG1 1 
ATOM   287  C CG2 . VAL A 1 42  ? 4.454   -12.932 6.624   1.00 13.39 ? 39   VAL A CG2 1 
ATOM   288  N N   . THR A 1 43  ? 5.156   -12.403 10.093  1.00 9.81  ? 40   THR A N   1 
ATOM   289  C CA  . THR A 1 43  ? 6.027   -13.257 10.923  1.00 12.65 ? 40   THR A CA  1 
ATOM   290  C C   . THR A 1 43  ? 6.357   -14.575 10.234  1.00 10.33 ? 40   THR A C   1 
ATOM   291  O O   . THR A 1 43  ? 5.641   -15.022 9.333   1.00 9.76  ? 40   THR A O   1 
ATOM   292  C CB  . THR A 1 43  ? 5.371   -13.657 12.263  1.00 13.95 ? 40   THR A CB  1 
ATOM   293  O OG1 . THR A 1 43  ? 4.242   -14.505 12.041  1.00 12.42 ? 40   THR A OG1 1 
ATOM   294  C CG2 . THR A 1 43  ? 4.964   -12.435 13.081  1.00 11.59 ? 40   THR A CG2 1 
ATOM   295  N N   . LEU A 1 44  ? 7.477   -15.181 10.614  1.00 10.20 ? 41   LEU A N   1 
ATOM   296  C CA  . LEU A 1 44  ? 7.744   -16.536 10.082  1.00 15.58 ? 41   LEU A CA  1 
ATOM   297  C C   . LEU A 1 44  ? 6.605   -17.503 10.313  1.00 13.70 ? 41   LEU A C   1 
ATOM   298  O O   . LEU A 1 44  ? 6.221   -18.252 9.424   1.00 12.23 ? 41   LEU A O   1 
ATOM   299  C CB  . LEU A 1 44  ? 9.071   -17.061 10.628  1.00 13.47 ? 41   LEU A CB  1 
ATOM   300  C CG  . LEU A 1 44  ? 9.437   -18.531 10.347  1.00 17.01 ? 41   LEU A CG  1 
ATOM   301  C CD1 . LEU A 1 44  ? 9.384   -18.868 8.866   1.00 23.60 ? 41   LEU A CD1 1 
ATOM   302  C CD2 . LEU A 1 44  ? 10.816  -18.761 10.954  1.00 17.46 ? 41   LEU A CD2 1 
ATOM   303  N N   . GLU A 1 45  ? 6.059   -17.462 11.538  1.00 13.84 ? 42   GLU A N   1 
ATOM   304  C CA  . GLU A 1 45  ? 4.914   -18.307 11.848  1.00 16.43 ? 42   GLU A CA  1 
ATOM   305  C C   . GLU A 1 45  ? 3.757   -18.113 10.879  1.00 16.44 ? 42   GLU A C   1 
ATOM   306  O O   . GLU A 1 45  ? 3.123   -19.102 10.464  1.00 17.70 ? 42   GLU A O   1 
ATOM   307  C CB  . GLU A 1 45  ? 4.458   -18.099 13.296  1.00 20.20 ? 42   GLU A CB  1 
ATOM   308  C CG  . GLU A 1 45  ? 3.339   -19.083 13.650  1.00 24.83 ? 42   GLU A CG  1 
ATOM   309  N N   . SER A 1 46  ? 3.422   -16.885 10.511  1.00 14.08 ? 43   SER A N   1 
ATOM   310  C CA  . SER A 1 46  ? 2.380   -16.611 9.542   1.00 14.64 ? 43   SER A CA  1 
ATOM   311  C C   . SER A 1 46  ? 2.734   -17.114 8.150   1.00 14.09 ? 43   SER A C   1 
ATOM   312  O O   . SER A 1 46  ? 1.860   -17.622 7.443   1.00 17.66 ? 43   SER A O   1 
ATOM   313  C CB  . SER A 1 46  ? 2.107   -15.103 9.398   1.00 18.79 ? 43   SER A CB  1 
ATOM   314  O OG  . SER A 1 46  ? 1.377   -14.751 10.576  1.00 20.27 ? 43   SER A OG  1 
ATOM   315  N N   . ALA A 1 47  ? 4.009   -16.990 7.763   1.00 12.94 ? 44   ALA A N   1 
ATOM   316  C CA  . ALA A 1 47  ? 4.377   -17.445 6.418   1.00 14.03 ? 44   ALA A CA  1 
ATOM   317  C C   . ALA A 1 47  ? 4.207   -18.958 6.335   1.00 16.56 ? 44   ALA A C   1 
ATOM   318  O O   . ALA A 1 47  ? 3.774   -19.483 5.315   1.00 19.07 ? 44   ALA A O   1 
ATOM   319  C CB  . ALA A 1 47  ? 5.796   -16.955 6.127   1.00 14.07 ? 44   ALA A CB  1 
ATOM   320  N N   . ARG A 1 48  ? 4.561   -19.665 7.401   1.00 15.56 ? 45   ARG A N   1 
ATOM   321  C CA  . ARG A 1 48  ? 4.359   -21.110 7.435   1.00 17.02 ? 45   ARG A CA  1 
ATOM   322  C C   . ARG A 1 48  ? 2.883   -21.490 7.508   1.00 22.47 ? 45   ARG A C   1 
ATOM   323  O O   . ARG A 1 48  ? 2.396   -22.236 6.666   1.00 22.29 ? 45   ARG A O   1 
ATOM   324  C CB  . ARG A 1 48  ? 5.076   -21.743 8.628   1.00 18.04 ? 45   ARG A CB  1 
ATOM   325  C CG  . ARG A 1 48  ? 6.584   -21.669 8.439   1.00 21.29 ? 45   ARG A CG  1 
ATOM   326  C CD  . ARG A 1 48  ? 7.361   -22.390 9.524   1.00 22.48 ? 45   ARG A CD  1 
ATOM   327  N NE  . ARG A 1 48  ? 6.994   -23.808 9.546   1.00 30.15 ? 45   ARG A NE  1 
ATOM   328  C CZ  . ARG A 1 48  ? 7.505   -24.708 10.390  1.00 37.59 ? 45   ARG A CZ  1 
ATOM   329  N NH1 . ARG A 1 48  ? 8.436   -24.408 11.297  1.00 34.94 ? 45   ARG A NH1 1 
ATOM   330  N NH2 . ARG A 1 48  ? 7.062   -25.957 10.331  1.00 35.23 ? 45   ARG A NH2 1 
ATOM   331  N N   . SER A 1 49  ? 2.135   -20.805 8.399   1.00 20.83 ? 46   SER A N   1 
ATOM   332  C CA  . SER A 1 49  ? 0.736   -21.190 8.635   1.00 21.16 ? 46   SER A CA  1 
ATOM   333  C C   . SER A 1 49  ? -0.116  -20.805 7.457   1.00 21.52 ? 46   SER A C   1 
ATOM   334  O O   . SER A 1 49  ? -1.144  -21.478 7.230   1.00 22.48 ? 46   SER A O   1 
ATOM   335  C CB  . SER A 1 49  ? 0.177   -20.635 9.953   1.00 21.25 ? 46   SER A CB  1 
ATOM   336  O OG  . SER A 1 49  ? -0.500  -19.410 9.706   1.00 37.29 ? 46   SER A OG  1 
ATOM   337  N N   . LEU A 1 50  ? 0.115   -19.675 6.786   1.00 16.36 ? 47   LEU A N   1 
ATOM   338  C CA  . LEU A 1 50  ? -0.636  -19.275 5.608   1.00 15.34 ? 47   LEU A CA  1 
ATOM   339  C C   . LEU A 1 50  ? -0.206  -20.063 4.351   1.00 15.56 ? 47   LEU A C   1 
ATOM   340  O O   . LEU A 1 50  ? -0.815  -19.824 3.261   1.00 16.29 ? 47   LEU A O   1 
ATOM   341  C CB  . LEU A 1 50  ? -0.502  -17.772 5.324   1.00 18.37 ? 47   LEU A CB  1 
ATOM   342  C CG  . LEU A 1 50  ? -1.011  -16.779 6.386   1.00 19.92 ? 47   LEU A CG  1 
ATOM   343  C CD1 . LEU A 1 50  ? -0.725  -15.342 6.000   1.00 26.98 ? 47   LEU A CD1 1 
ATOM   344  C CD2 . LEU A 1 50  ? -2.513  -16.948 6.577   1.00 27.98 ? 47   LEU A CD2 1 
ATOM   345  N N   . GLN A 1 51  ? 0.852   -20.855 4.484   1.00 15.63 ? 48   GLN A N   1 
ATOM   346  C CA  . GLN A 1 51  ? 1.322   -21.652 3.340   1.00 18.30 ? 48   GLN A CA  1 
ATOM   347  C C   . GLN A 1 51  ? 1.797   -20.792 2.201   1.00 16.92 ? 48   GLN A C   1 
ATOM   348  O O   . GLN A 1 51  ? 1.482   -21.052 1.032   1.00 16.53 ? 48   GLN A O   1 
ATOM   349  C CB  . GLN A 1 51  ? 0.125   -22.539 2.889   1.00 23.04 ? 48   GLN A CB  1 
ATOM   350  C CG  . GLN A 1 51  ? 0.042   -23.719 3.838   1.00 27.77 ? 48   GLN A CG  1 
ATOM   351  C CD  . GLN A 1 51  ? -1.134  -24.647 3.650   1.00 42.89 ? 48   GLN A CD  1 
ATOM   352  O OE1 . GLN A 1 51  ? -2.078  -24.339 2.917   1.00 50.86 ? 48   GLN A OE1 1 
ATOM   353  N NE2 . GLN A 1 51  ? -1.070  -25.792 4.331   1.00 47.30 ? 48   GLN A NE2 1 
ATOM   354  N N   . LEU A 1 52  ? 2.428   -19.646 2.507   1.00 13.51 ? 49   LEU A N   1 
ATOM   355  C CA  . LEU A 1 52  ? 2.940   -18.782 1.482   1.00 11.73 ? 49   LEU A CA  1 
ATOM   356  C C   . LEU A 1 52  ? 3.991   -19.502 0.628   1.00 14.28 ? 49   LEU A C   1 
ATOM   357  O O   . LEU A 1 52  ? 4.825   -20.274 1.082   1.00 15.76 ? 49   LEU A O   1 
ATOM   358  C CB  . LEU A 1 52  ? 3.524   -17.504 2.103   1.00 13.96 ? 49   LEU A CB  1 
ATOM   359  C CG  . LEU A 1 52  ? 2.474   -16.719 2.934   1.00 16.23 ? 49   LEU A CG  1 
ATOM   360  C CD1 . LEU A 1 52  ? 3.107   -15.435 3.434   1.00 15.35 ? 49   LEU A CD1 1 
ATOM   361  C CD2 . LEU A 1 52  ? 1.205   -16.460 2.136   1.00 13.53 ? 49   LEU A CD2 1 
ATOM   362  N N   . ALA A 1 53  ? 3.928   -19.136 -0.648  1.00 15.98 ? 50   ALA A N   1 
ATOM   363  C CA  . ALA A 1 53  ? 4.903   -19.589 -1.629  1.00 16.06 ? 50   ALA A CA  1 
ATOM   364  C C   . ALA A 1 53  ? 4.848   -18.662 -2.826  1.00 14.32 ? 50   ALA A C   1 
ATOM   365  O O   . ALA A 1 53  ? 3.784   -18.079 -3.100  1.00 12.86 ? 50   ALA A O   1 
ATOM   366  C CB  . ALA A 1 53  ? 4.603   -21.045 -2.028  1.00 15.72 ? 50   ALA A CB  1 
ATOM   367  N N   . ALA A 1 54  ? 6.000   -18.502 -3.496  1.00 13.62 ? 51   ALA A N   1 
ATOM   368  C CA  . ALA A 1 54  ? 6.015   -17.697 -4.706  1.00 13.55 ? 51   ALA A CA  1 
ATOM   369  C C   . ALA A 1 54  ? 4.993   -18.361 -5.660  1.00 15.03 ? 51   ALA A C   1 
ATOM   370  O O   . ALA A 1 54  ? 4.761   -19.585 -5.639  1.00 11.95 ? 51   ALA A O   1 
ATOM   371  C CB  . ALA A 1 54  ? 7.382   -17.651 -5.356  1.00 14.84 ? 51   ALA A CB  1 
ATOM   372  N N   . GLY A 1 55  ? 4.236   -17.518 -6.353  1.00 15.86 ? 52   GLY A N   1 
ATOM   373  C CA  . GLY A 1 55  ? 3.253   -17.896 -7.331  1.00 17.34 ? 52   GLY A CA  1 
ATOM   374  C C   . GLY A 1 55  ? 1.829   -18.024 -6.817  1.00 17.80 ? 52   GLY A C   1 
ATOM   375  O O   . GLY A 1 55  ? 0.875   -18.218 -7.573  1.00 21.28 ? 52   GLY A O   1 
ATOM   376  N N   . LYS A 1 56  ? 1.630   -17.959 -5.508  1.00 13.44 ? 53   LYS A N   1 
ATOM   377  C CA  . LYS A 1 56  ? 0.319   -18.135 -4.894  1.00 16.11 ? 53   LYS A CA  1 
ATOM   378  C C   . LYS A 1 56  ? -0.424  -16.797 -4.814  1.00 16.01 ? 53   LYS A C   1 
ATOM   379  O O   . LYS A 1 56  ? 0.273   -15.807 -4.664  1.00 12.91 ? 53   LYS A O   1 
ATOM   380  C CB  . LYS A 1 56  ? 0.518   -18.657 -3.484  1.00 18.68 ? 53   LYS A CB  1 
ATOM   381  C CG  . LYS A 1 56  ? -0.626  -19.468 -2.902  1.00 30.23 ? 53   LYS A CG  1 
ATOM   382  C CD  . LYS A 1 56  ? -0.025  -20.821 -2.492  1.00 33.79 ? 53   LYS A CD  1 
ATOM   383  C CE  . LYS A 1 56  ? -1.057  -21.714 -1.828  1.00 29.63 ? 53   LYS A CE  1 
ATOM   384  N NZ  . LYS A 1 56  ? -0.434  -22.380 -0.653  1.00 27.01 ? 53   LYS A NZ  1 
ATOM   385  N N   . GLU A 1 57  ? -1.736  -16.871 -4.888  1.00 14.13 ? 54   GLU A N   1 
ATOM   386  C CA  . GLU A 1 57  ? -2.528  -15.652 -4.830  1.00 16.89 ? 54   GLU A CA  1 
ATOM   387  C C   . GLU A 1 57  ? -2.745  -15.250 -3.373  1.00 14.80 ? 54   GLU A C   1 
ATOM   388  O O   . GLU A 1 57  ? -2.921  -16.096 -2.507  1.00 14.56 ? 54   GLU A O   1 
ATOM   389  C CB  . GLU A 1 57  ? -3.917  -15.811 -5.481  1.00 23.01 ? 54   GLU A CB  1 
ATOM   390  C CG  . GLU A 1 57  ? -3.791  -15.682 -7.001  1.00 45.00 ? 54   GLU A CG  1 
ATOM   391  C CD  . GLU A 1 57  ? -5.085  -15.345 -7.711  1.00 53.87 ? 54   GLU A CD  1 
ATOM   392  O OE1 . GLU A 1 57  ? -5.486  -14.158 -7.684  1.00 58.51 ? 54   GLU A OE1 1 
ATOM   393  O OE2 . GLU A 1 57  ? -5.696  -16.263 -8.310  1.00 59.99 ? 54   GLU A OE2 1 
ATOM   394  N N   . VAL A 1 58  ? -2.650  -13.942 -3.143  1.00 15.74 ? 55   VAL A N   1 
ATOM   395  C CA  . VAL A 1 58  ? -2.856  -13.378 -1.797  1.00 12.67 ? 55   VAL A CA  1 
ATOM   396  C C   . VAL A 1 58  ? -3.673  -12.071 -1.929  1.00 13.75 ? 55   VAL A C   1 
ATOM   397  O O   . VAL A 1 58  ? -3.812  -11.468 -2.998  1.00 15.19 ? 55   VAL A O   1 
ATOM   398  C CB  . VAL A 1 58  ? -1.542  -13.021 -1.104  1.00 13.66 ? 55   VAL A CB  1 
ATOM   399  C CG1 . VAL A 1 58  ? -0.692  -14.227 -0.699  1.00 23.13 ? 55   VAL A CG1 1 
ATOM   400  C CG2 . VAL A 1 58  ? -0.688  -12.111 -2.006  1.00 17.94 ? 55   VAL A CG2 1 
ATOM   401  N N   . VAL A 1 59  ? -4.164  -11.562 -0.799  1.00 13.16 ? 56   VAL A N   1 
ATOM   402  C CA  . VAL A 1 59  ? -4.729  -10.210 -0.721  1.00 10.81 ? 56   VAL A CA  1 
ATOM   403  C C   . VAL A 1 59  ? -3.855  -9.385  0.225   1.00 13.02 ? 56   VAL A C   1 
ATOM   404  O O   . VAL A 1 59  ? -3.262  -9.978  1.125   1.00 12.13 ? 56   VAL A O   1 
ATOM   405  C CB  . VAL A 1 59  ? -6.200  -10.177 -0.260  1.00 17.32 ? 56   VAL A CB  1 
ATOM   406  C CG1 . VAL A 1 59  ? -7.093  -11.016 -1.203  1.00 21.35 ? 56   VAL A CG1 1 
ATOM   407  C CG2 . VAL A 1 59  ? -6.411  -10.670 1.148   1.00 24.32 ? 56   VAL A CG2 1 
ATOM   408  N N   . ALA A 1 60  ? -3.585  -8.128  -0.102  1.00 11.53 ? 57   ALA A N   1 
ATOM   409  C CA  . ALA A 1 60  ? -2.758  -7.281  0.801   1.00 6.32  ? 57   ALA A CA  1 
ATOM   410  C C   . ALA A 1 60  ? -3.753  -6.223  1.355   1.00 9.63  ? 57   ALA A C   1 
ATOM   411  O O   . ALA A 1 60  ? -4.428  -5.663  0.505   1.00 12.02 ? 57   ALA A O   1 
ATOM   412  C CB  . ALA A 1 60  ? -1.630  -6.644  0.033   1.00 12.35 ? 57   ALA A CB  1 
ATOM   413  N N   . VAL A 1 61  ? -3.715  -5.987  2.654   1.00 9.53  ? 58   VAL A N   1 
ATOM   414  C CA  . VAL A 1 61  ? -4.683  -5.030  3.208   1.00 9.59  ? 58   VAL A CA  1 
ATOM   415  C C   . VAL A 1 61  ? -3.905  -3.900  3.879   1.00 9.52  ? 58   VAL A C   1 
ATOM   416  O O   . VAL A 1 61  ? -2.994  -4.190  4.662   1.00 7.81  ? 58   VAL A O   1 
ATOM   417  C CB  . VAL A 1 61  ? -5.572  -5.774  4.236   1.00 10.06 ? 58   VAL A CB  1 
ATOM   418  C CG1 . VAL A 1 61  ? -6.489  -4.786  4.943   1.00 13.14 ? 58   VAL A CG1 1 
ATOM   419  C CG2 . VAL A 1 61  ? -6.426  -6.850  3.542   1.00 10.22 ? 58   VAL A CG2 1 
ATOM   420  N N   . VAL A 1 62  ? -4.235  -2.651  3.510   1.00 7.26  ? 59   VAL A N   1 
ATOM   421  C CA  . VAL A 1 62  ? -3.533  -1.505  4.149   1.00 9.22  ? 59   VAL A CA  1 
ATOM   422  C C   . VAL A 1 62  ? -4.562  -0.477  4.594   1.00 7.18  ? 59   VAL A C   1 
ATOM   423  O O   . VAL A 1 62  ? -5.313  0.034   3.770   1.00 7.43  ? 59   VAL A O   1 
ATOM   424  C CB  . VAL A 1 62  ? -2.546  -0.861  3.156   1.00 10.09 ? 59   VAL A CB  1 
ATOM   425  C CG1 . VAL A 1 62  ? -1.834  0.303   3.869   1.00 14.05 ? 59   VAL A CG1 1 
ATOM   426  C CG2 . VAL A 1 62  ? -1.500  -1.831  2.641   1.00 12.50 ? 59   VAL A CG2 1 
ATOM   427  N N   . LYS A 1 63  ? -4.576  -0.126  5.895   1.00 8.00  ? 60   LYS A N   1 
ATOM   428  C CA  . LYS A 1 63  ? -5.563  0.883   6.338   1.00 8.75  ? 60   LYS A CA  1 
ATOM   429  C C   . LYS A 1 63  ? -5.143  2.242   5.811   1.00 12.60 ? 60   LYS A C   1 
ATOM   430  O O   . LYS A 1 63  ? -3.958  2.600   5.791   1.00 12.29 ? 60   LYS A O   1 
ATOM   431  C CB  . LYS A 1 63  ? -5.556  0.852   7.864   1.00 14.32 ? 60   LYS A CB  1 
ATOM   432  C CG  . LYS A 1 63  ? -6.872  1.001   8.601   1.00 27.12 ? 60   LYS A CG  1 
ATOM   433  C CD  . LYS A 1 63  ? -6.578  1.492   10.034  1.00 21.92 ? 60   LYS A CD  1 
ATOM   434  C CE  . LYS A 1 63  ? -7.781  2.408   10.438  1.00 25.45 ? 60   LYS A CE  1 
ATOM   435  N NZ  . LYS A 1 63  ? -8.921  1.506   10.780  1.00 18.26 ? 60   LYS A NZ  1 
ATOM   436  N N   . ALA A 1 64  ? -6.109  3.109   5.485   1.00 10.30 ? 61   ALA A N   1 
ATOM   437  C CA  . ALA A 1 64  ? -5.776  4.449   4.954   1.00 10.48 ? 61   ALA A CA  1 
ATOM   438  C C   . ALA A 1 64  ? -4.838  5.309   5.760   1.00 7.85  ? 61   ALA A C   1 
ATOM   439  O O   . ALA A 1 64  ? -3.906  5.929   5.215   1.00 12.08 ? 61   ALA A O   1 
ATOM   440  C CB  . ALA A 1 64  ? -7.064  5.202   4.663   1.00 14.10 ? 61   ALA A CB  1 
ATOM   441  N N   . PRO A 1 65  ? -4.973  5.416   7.081   1.00 12.25 ? 62   PRO A N   1 
ATOM   442  C CA  . PRO A 1 65  ? -4.101  6.178   7.949   1.00 13.40 ? 62   PRO A CA  1 
ATOM   443  C C   . PRO A 1 65  ? -2.682  5.652   8.002   1.00 13.04 ? 62   PRO A C   1 
ATOM   444  O O   . PRO A 1 65  ? -1.815  6.338   8.536   1.00 18.92 ? 62   PRO A O   1 
ATOM   445  C CB  . PRO A 1 65  ? -4.709  6.111   9.345   1.00 14.43 ? 62   PRO A CB  1 
ATOM   446  C CG  . PRO A 1 65  ? -5.919  5.276   9.255   1.00 14.55 ? 62   PRO A CG  1 
ATOM   447  C CD  . PRO A 1 65  ? -6.092  4.820   7.850   1.00 12.75 ? 62   PRO A CD  1 
ATOM   448  N N   . TRP A 1 66  ? -2.399  4.478   7.448   1.00 11.54 ? 63   TRP A N   1 
ATOM   449  C CA  . TRP A 1 66  ? -1.064  3.926   7.483   1.00 11.17 ? 63   TRP A CA  1 
ATOM   450  C C   . TRP A 1 66  ? -0.286  4.351   6.246   1.00 13.55 ? 63   TRP A C   1 
ATOM   451  O O   . TRP A 1 66  ? 0.883   3.986   6.096   1.00 18.06 ? 63   TRP A O   1 
ATOM   452  C CB  . TRP A 1 66  ? -1.147  2.386   7.564   1.00 17.95 ? 63   TRP A CB  1 
ATOM   453  C CG  . TRP A 1 66  ? -1.874  1.826   8.760   1.00 23.77 ? 63   TRP A CG  1 
ATOM   454  C CD1 . TRP A 1 66  ? -2.312  2.560   9.834   1.00 26.97 ? 63   TRP A CD1 1 
ATOM   455  C CD2 . TRP A 1 66  ? -2.235  0.467   9.043   1.00 22.41 ? 63   TRP A CD2 1 
ATOM   456  N NE1 . TRP A 1 66  ? -2.936  1.765   10.753  1.00 27.08 ? 63   TRP A NE1 1 
ATOM   457  C CE2 . TRP A 1 66  ? -2.882  0.464   10.294  1.00 22.30 ? 63   TRP A CE2 1 
ATOM   458  C CE3 . TRP A 1 66  ? -2.085  -0.746  8.363   1.00 29.19 ? 63   TRP A CE3 1 
ATOM   459  C CZ2 . TRP A 1 66  ? -3.390  -0.693  10.877  1.00 28.81 ? 63   TRP A CZ2 1 
ATOM   460  C CZ3 . TRP A 1 66  ? -2.582  -1.901  8.965   1.00 31.37 ? 63   TRP A CZ3 1 
ATOM   461  C CH2 . TRP A 1 66  ? -3.217  -1.882  10.211  1.00 29.26 ? 63   TRP A CH2 1 
ATOM   462  N N   . VAL A 1 67  ? -0.896  5.036   5.285   1.00 8.83  ? 64   VAL A N   1 
ATOM   463  C CA  . VAL A 1 67  ? -0.214  5.453   4.067   1.00 8.30  ? 64   VAL A CA  1 
ATOM   464  C C   . VAL A 1 67  ? 0.224   6.915   4.120   1.00 10.46 ? 64   VAL A C   1 
ATOM   465  O O   . VAL A 1 67  ? -0.627  7.804   4.328   1.00 11.03 ? 64   VAL A O   1 
ATOM   466  C CB  . VAL A 1 67  ? -1.227  5.300   2.883   1.00 9.88  ? 64   VAL A CB  1 
ATOM   467  C CG1 . VAL A 1 67  ? -0.602  5.700   1.548   1.00 12.28 ? 64   VAL A CG1 1 
ATOM   468  C CG2 . VAL A 1 67  ? -1.683  3.846   2.839   1.00 13.89 ? 64   VAL A CG2 1 
ATOM   469  N N   . LEU A 1 68  ? 1.514   7.162   3.895   1.00 10.45 ? 65   LEU A N   1 
ATOM   470  C CA  . LEU A 1 68  ? 1.978   8.560   3.866   1.00 9.84  ? 65   LEU A CA  1 
ATOM   471  C C   . LEU A 1 68  ? 2.029   8.992   2.396   1.00 10.06 ? 65   LEU A C   1 
ATOM   472  O O   . LEU A 1 68  ? 2.046   8.148   1.507   1.00 9.82  ? 65   LEU A O   1 
ATOM   473  C CB  . LEU A 1 68  ? 3.435   8.659   4.361   1.00 13.20 ? 65   LEU A CB  1 
ATOM   474  C CG  . LEU A 1 68  ? 3.596   8.644   5.881   1.00 20.09 ? 65   LEU A CG  1 
ATOM   475  C CD1 . LEU A 1 68  ? 3.142   7.358   6.542   1.00 35.22 ? 65   LEU A CD1 1 
ATOM   476  C CD2 . LEU A 1 68  ? 5.049   8.909   6.275   1.00 25.43 ? 65   LEU A CD2 1 
ATOM   477  N N   . LEU A 1 69  ? 1.886   10.294  2.190   1.00 7.95  ? 66   LEU A N   1 
ATOM   478  C CA  . LEU A 1 69  ? 1.974   10.781  0.798   1.00 8.71  ? 66   LEU A CA  1 
ATOM   479  C C   . LEU A 1 69  ? 3.236   11.611  0.662   1.00 8.85  ? 66   LEU A C   1 
ATOM   480  O O   . LEU A 1 69  ? 3.479   12.444  1.551   1.00 9.87  ? 66   LEU A O   1 
ATOM   481  C CB  . LEU A 1 69  ? 0.742   11.594  0.440   1.00 10.74 ? 66   LEU A CB  1 
ATOM   482  C CG  . LEU A 1 69  ? -0.553  10.773  0.314   1.00 11.89 ? 66   LEU A CG  1 
ATOM   483  C CD1 . LEU A 1 69  ? -1.690  11.759  0.068   1.00 12.21 ? 66   LEU A CD1 1 
ATOM   484  C CD2 . LEU A 1 69  ? -0.401  9.711   -0.760  1.00 12.78 ? 66   LEU A CD2 1 
ATOM   485  N N   . MET A 1 70  ? 3.963   11.504  -0.447  1.00 10.89 ? 67   MET A N   1 
ATOM   486  C CA  . MET A 1 70  ? 5.189   12.302  -0.593  1.00 10.48 ? 67   MET A CA  1 
ATOM   487  C C   . MET A 1 70  ? 5.153   12.937  -1.987  1.00 10.13 ? 67   MET A C   1 
ATOM   488  O O   . MET A 1 70  ? 4.818   12.236  -2.936  1.00 13.27 ? 67   MET A O   1 
ATOM   489  C CB  . MET A 1 70  ? 6.428   11.406  -0.484  1.00 10.31 ? 67   MET A CB  1 
ATOM   490  C CG  . MET A 1 70  ? 7.756   12.138  -0.668  1.00 12.10 ? 67   MET A CG  1 
ATOM   491  S SD  . MET A 1 70  ? 9.148   11.156  -0.125  1.00 13.44 ? 67   MET A SD  1 
ATOM   492  C CE  . MET A 1 70  ? 9.008   9.670   -1.104  1.00 14.85 ? 67   MET A CE  1 
ATOM   493  N N   . THR A 1 71  ? 5.474   14.191  -2.126  1.00 9.18  ? 68   THR A N   1 
ATOM   494  C CA  . THR A 1 71  ? 5.502   14.812  -3.461  1.00 10.30 ? 68   THR A CA  1 
ATOM   495  C C   . THR A 1 71  ? 6.943   15.062  -3.879  1.00 18.33 ? 68   THR A C   1 
ATOM   496  O O   . THR A 1 71  ? 7.114   15.378  -5.057  1.00 26.37 ? 68   THR A O   1 
ATOM   497  C CB  . THR A 1 71  ? 4.787   16.187  -3.569  1.00 12.41 ? 68   THR A CB  1 
ATOM   498  O OG1 . THR A 1 71  ? 5.207   17.075  -2.525  1.00 13.75 ? 68   THR A OG1 1 
ATOM   499  C CG2 . THR A 1 71  ? 3.302   15.902  -3.466  1.00 13.65 ? 68   THR A CG2 1 
ATOM   500  N N   . ASP A 1 72  ? 7.868   15.311  -2.994  1.00 14.56 ? 69   ASP A N   1 
ATOM   501  C CA  . ASP A 1 72  ? 9.239   15.655  -3.383  1.00 18.78 ? 69   ASP A CA  1 
ATOM   502  C C   . ASP A 1 72  ? 10.146  15.012  -2.343  1.00 18.87 ? 69   ASP A C   1 
ATOM   503  O O   . ASP A 1 72  ? 10.061  15.337  -1.158  1.00 18.03 ? 69   ASP A O   1 
ATOM   504  C CB  . ASP A 1 72  ? 9.414   17.156  -3.472  1.00 22.17 ? 69   ASP A CB  1 
ATOM   505  C CG  . ASP A 1 72  ? 10.724  17.590  -4.103  1.00 31.51 ? 69   ASP A CG  1 
ATOM   506  O OD1 . ASP A 1 72  ? 11.626  16.761  -4.334  1.00 30.91 ? 69   ASP A OD1 1 
ATOM   507  O OD2 . ASP A 1 72  ? 10.807  18.799  -4.365  1.00 33.74 ? 69   ASP A OD2 1 
ATOM   508  N N   . SER A 1 73  ? 10.884  14.018  -2.845  1.00 17.99 ? 70   SER A N   1 
ATOM   509  C CA  . SER A 1 73  ? 11.798  13.304  -1.948  1.00 19.89 ? 70   SER A CA  1 
ATOM   510  C C   . SER A 1 73  ? 13.048  14.130  -1.690  1.00 23.31 ? 70   SER A C   1 
ATOM   511  O O   . SER A 1 73  ? 13.771  13.948  -0.718  1.00 21.44 ? 70   SER A O   1 
ATOM   512  C CB  . SER A 1 73  ? 12.117  11.919  -2.525  1.00 23.72 ? 70   SER A CB  1 
ATOM   513  O OG  . SER A 1 73  ? 12.851  12.046  -3.740  1.00 26.41 ? 70   SER A OG  1 
ATOM   514  N N   . SER A 1 74  ? 13.293  15.072  -2.603  1.00 21.50 ? 71   SER A N   1 
ATOM   515  C CA  . SER A 1 74  ? 14.457  15.948  -2.550  1.00 23.84 ? 71   SER A CA  1 
ATOM   516  C C   . SER A 1 74  ? 15.750  15.150  -2.433  1.00 20.99 ? 71   SER A C   1 
ATOM   517  O O   . SER A 1 74  ? 16.522  15.474  -1.517  1.00 23.78 ? 71   SER A O   1 
ATOM   518  C CB  . SER A 1 74  ? 14.335  16.862  -1.346  1.00 26.36 ? 71   SER A CB  1 
ATOM   519  O OG  . SER A 1 74  ? 15.069  18.057  -1.464  1.00 35.87 ? 71   SER A OG  1 
ATOM   520  N N   . GLY A 1 75  ? 15.866  14.012  -3.100  1.00 23.23 ? 72   GLY A N   1 
ATOM   521  C CA  . GLY A 1 75  ? 17.055  13.183  -2.971  1.00 23.81 ? 72   GLY A CA  1 
ATOM   522  C C   . GLY A 1 75  ? 17.091  12.190  -1.818  1.00 23.66 ? 72   GLY A C   1 
ATOM   523  O O   . GLY A 1 75  ? 17.942  11.280  -1.828  1.00 22.62 ? 72   GLY A O   1 
ATOM   524  N N   . TYR A 1 76  ? 16.213  12.348  -0.831  1.00 22.11 ? 73   TYR A N   1 
ATOM   525  C CA  . TYR A 1 76  ? 16.221  11.431  0.315   1.00 19.04 ? 73   TYR A CA  1 
ATOM   526  C C   . TYR A 1 76  ? 15.813  10.019  -0.076  1.00 19.98 ? 73   TYR A C   1 
ATOM   527  O O   . TYR A 1 76  ? 14.905  9.817   -0.893  1.00 20.59 ? 73   TYR A O   1 
ATOM   528  C CB  . TYR A 1 76  ? 15.260  11.961  1.391   1.00 19.52 ? 73   TYR A CB  1 
ATOM   529  C CG  . TYR A 1 76  ? 15.915  13.034  2.241   1.00 19.23 ? 73   TYR A CG  1 
ATOM   530  C CD1 . TYR A 1 76  ? 15.955  14.353  1.787   1.00 23.12 ? 73   TYR A CD1 1 
ATOM   531  C CD2 . TYR A 1 76  ? 16.479  12.750  3.464   1.00 22.11 ? 73   TYR A CD2 1 
ATOM   532  C CE1 . TYR A 1 76  ? 16.575  15.311  2.556   1.00 24.12 ? 73   TYR A CE1 1 
ATOM   533  C CE2 . TYR A 1 76  ? 17.125  13.703  4.235   1.00 23.90 ? 73   TYR A CE2 1 
ATOM   534  C CZ  . TYR A 1 76  ? 17.150  15.010  3.757   1.00 27.43 ? 73   TYR A CZ  1 
ATOM   535  O OH  . TYR A 1 76  ? 17.746  15.980  4.542   1.00 31.58 ? 73   TYR A OH  1 
ATOM   536  N N   . ARG A 1 77  ? 16.427  9.046   0.589   1.00 14.93 ? 74   ARG A N   1 
ATOM   537  C CA  . ARG A 1 77  ? 16.099  7.638   0.438   1.00 13.52 ? 74   ARG A CA  1 
ATOM   538  C C   . ARG A 1 77  ? 15.453  7.243   1.764   1.00 11.83 ? 74   ARG A C   1 
ATOM   539  O O   . ARG A 1 77  ? 15.974  7.708   2.796   1.00 12.77 ? 74   ARG A O   1 
ATOM   540  C CB  . ARG A 1 77  ? 17.340  6.766   0.207   1.00 19.02 ? 74   ARG A CB  1 
ATOM   541  C CG  . ARG A 1 77  ? 17.997  7.086   -1.145  1.00 29.40 ? 74   ARG A CG  1 
ATOM   542  C CD  . ARG A 1 77  ? 19.283  6.275   -1.324  1.00 33.05 ? 74   ARG A CD  1 
ATOM   543  N NE  . ARG A 1 77  ? 20.359  6.704   -0.429  1.00 37.79 ? 74   ARG A NE  1 
ATOM   544  C CZ  . ARG A 1 77  ? 21.273  5.894   0.100   1.00 40.19 ? 74   ARG A CZ  1 
ATOM   545  N NH1 . ARG A 1 77  ? 21.251  4.589   -0.165  1.00 40.45 ? 74   ARG A NH1 1 
ATOM   546  N NH2 . ARG A 1 77  ? 22.211  6.349   0.920   1.00 35.53 ? 74   ARG A NH2 1 
ATOM   547  N N   . LEU A 1 78  ? 14.348  6.517   1.735   1.00 11.61 ? 75   LEU A N   1 
ATOM   548  C CA  . LEU A 1 78  ? 13.667  6.245   3.016   1.00 11.75 ? 75   LEU A CA  1 
ATOM   549  C C   . LEU A 1 78  ? 13.784  4.787   3.436   1.00 9.79  ? 75   LEU A C   1 
ATOM   550  O O   . LEU A 1 78  ? 14.064  3.940   2.582   1.00 15.11 ? 75   LEU A O   1 
ATOM   551  C CB  . LEU A 1 78  ? 12.160  6.539   2.917   1.00 12.71 ? 75   LEU A CB  1 
ATOM   552  C CG  . LEU A 1 78  ? 11.752  7.918   2.416   1.00 14.21 ? 75   LEU A CG  1 
ATOM   553  C CD1 . LEU A 1 78  ? 10.227  8.029   2.211   1.00 17.22 ? 75   LEU A CD1 1 
ATOM   554  C CD2 . LEU A 1 78  ? 12.242  9.002   3.375   1.00 16.57 ? 75   LEU A CD2 1 
ATOM   555  N N   . SER A 1 79  ? 13.543  4.515   4.714   1.00 9.72  ? 76   SER A N   1 
ATOM   556  C CA  . SER A 1 79  ? 13.605  3.133   5.184   1.00 12.28 ? 76   SER A CA  1 
ATOM   557  C C   . SER A 1 79  ? 12.361  2.335   4.826   1.00 11.93 ? 76   SER A C   1 
ATOM   558  O O   . SER A 1 79  ? 12.422  1.095   4.840   1.00 13.82 ? 76   SER A O   1 
ATOM   559  C CB  . SER A 1 79  ? 13.772  3.082   6.700   1.00 11.23 ? 76   SER A CB  1 
ATOM   560  O OG  . SER A 1 79  ? 12.773  3.785   7.418   1.00 9.94  ? 76   SER A OG  1 
ATOM   561  N N   . ALA A 1 80  ? 11.250  3.033   4.544   1.00 11.91 ? 77   ALA A N   1 
ATOM   562  C CA  . ALA A 1 80  ? 10.059  2.260   4.131   1.00 11.65 ? 77   ALA A CA  1 
ATOM   563  C C   . ALA A 1 80  ? 10.222  1.561   2.799   1.00 10.47 ? 77   ALA A C   1 
ATOM   564  O O   . ALA A 1 80  ? 10.733  2.139   1.847   1.00 14.25 ? 77   ALA A O   1 
ATOM   565  C CB  . ALA A 1 80  ? 8.893   3.281   3.930   1.00 13.17 ? 77   ALA A CB  1 
ATOM   566  N N   . ARG A 1 81  ? 9.791   0.315   2.722   1.00 10.00 ? 78   ARG A N   1 
ATOM   567  C CA  . ARG A 1 81  ? 10.015  -0.475  1.495   1.00 10.27 ? 78   ARG A CA  1 
ATOM   568  C C   . ARG A 1 81  ? 9.162   -0.071  0.319   1.00 14.01 ? 78   ARG A C   1 
ATOM   569  O O   . ARG A 1 81  ? 9.592   -0.259  -0.821  1.00 15.63 ? 78   ARG A O   1 
ATOM   570  C CB  . ARG A 1 81  ? 9.698   -1.925  1.925   1.00 13.64 ? 78   ARG A CB  1 
ATOM   571  N N   . ASN A 1 82  ? 7.951   0.428   0.512   1.00 9.48  ? 79   ASN A N   1 
ATOM   572  C CA  . ASN A 1 82  ? 7.035   0.729   -0.585  1.00 11.50 ? 79   ASN A CA  1 
ATOM   573  C C   . ASN A 1 82  ? 6.904   2.211   -0.868  1.00 10.46 ? 79   ASN A C   1 
ATOM   574  O O   . ASN A 1 82  ? 6.469   2.937   0.015   1.00 10.83 ? 79   ASN A O   1 
ATOM   575  C CB  . ASN A 1 82  ? 5.625   0.219   -0.232  1.00 9.95  ? 79   ASN A CB  1 
ATOM   576  C CG  . ASN A 1 82  ? 5.666   -1.268  -0.012  1.00 10.26 ? 79   ASN A CG  1 
ATOM   577  O OD1 . ASN A 1 82  ? 6.045   -2.022  -0.947  1.00 12.59 ? 79   ASN A OD1 1 
ATOM   578  N ND2 . ASN A 1 82  ? 5.363   -1.742  1.206   1.00 8.31  ? 79   ASN A ND2 1 
ATOM   579  N N   . ILE A 1 83  ? 7.335   2.648   -2.049  1.00 10.94 ? 80   ILE A N   1 
ATOM   580  C CA  . ILE A 1 83  ? 7.216   4.016   -2.511  1.00 12.49 ? 80   ILE A CA  1 
ATOM   581  C C   . ILE A 1 83  ? 6.507   3.963   -3.870  1.00 14.39 ? 80   ILE A C   1 
ATOM   582  O O   . ILE A 1 83  ? 7.191   3.602   -4.843  1.00 18.35 ? 80   ILE A O   1 
ATOM   583  C CB  . ILE A 1 83  ? 8.579   4.728   -2.614  1.00 17.94 ? 80   ILE A CB  1 
ATOM   584  C CG1 . ILE A 1 83  ? 9.219   4.821   -1.231  1.00 19.85 ? 80   ILE A CG1 1 
ATOM   585  C CG2 . ILE A 1 83  ? 8.286   6.154   -3.127  1.00 13.81 ? 80   ILE A CG2 1 
ATOM   586  C CD1 . ILE A 1 83  ? 10.609  5.391   -1.190  1.00 25.73 ? 80   ILE A CD1 1 
ATOM   587  N N   . LEU A 1 84  ? 5.204   4.141   -3.923  1.00 10.33 ? 81   LEU A N   1 
ATOM   588  C CA  . LEU A 1 84  ? 4.435   3.862   -5.141  1.00 10.81 ? 81   LEU A CA  1 
ATOM   589  C C   . LEU A 1 84  ? 4.035   5.192   -5.781  1.00 13.75 ? 81   LEU A C   1 
ATOM   590  O O   . LEU A 1 84  ? 3.231   5.883   -5.169  1.00 14.16 ? 81   LEU A O   1 
ATOM   591  C CB  . LEU A 1 84  ? 3.165   3.059   -4.811  1.00 18.34 ? 81   LEU A CB  1 
ATOM   592  C CG  . LEU A 1 84  ? 3.380   1.790   -3.960  1.00 25.74 ? 81   LEU A CG  1 
ATOM   593  C CD1 . LEU A 1 84  ? 2.090   1.031   -3.727  1.00 26.98 ? 81   LEU A CD1 1 
ATOM   594  C CD2 . LEU A 1 84  ? 4.401   0.865   -4.614  1.00 24.61 ? 81   LEU A CD2 1 
ATOM   595  N N   . THR A 1 85  ? 4.577   5.435   -6.985  1.00 13.00 ? 82   THR A N   1 
ATOM   596  C CA  . THR A 1 85  ? 4.248   6.745   -7.584  1.00 13.57 ? 82   THR A CA  1 
ATOM   597  C C   . THR A 1 85  ? 2.968   6.728   -8.391  1.00 16.82 ? 82   THR A C   1 
ATOM   598  O O   . THR A 1 85  ? 2.617   5.750   -9.063  1.00 17.62 ? 82   THR A O   1 
ATOM   599  C CB  . THR A 1 85  ? 5.421   7.230   -8.443  1.00 16.97 ? 82   THR A CB  1 
ATOM   600  O OG1 A THR A 1 85  ? 6.633   7.097   -7.684  0.50 24.87 ? 82   THR A OG1 1 
ATOM   601  O OG1 B THR A 1 85  ? 5.649   6.200   -9.429  0.50 11.16 ? 82   THR A OG1 1 
ATOM   602  C CG2 A THR A 1 85  ? 5.250   8.719   -8.736  0.50 19.31 ? 82   THR A CG2 1 
ATOM   603  C CG2 B THR A 1 85  ? 6.689   7.471   -7.654  0.50 19.36 ? 82   THR A CG2 1 
ATOM   604  N N   . GLY A 1 86  ? 2.184   7.794   -8.255  1.00 13.00 ? 83   GLY A N   1 
ATOM   605  C CA  . GLY A 1 86  ? 0.922   7.858   -9.004  1.00 15.62 ? 83   GLY A CA  1 
ATOM   606  C C   . GLY A 1 86  ? 0.466   9.311   -9.158  1.00 13.01 ? 83   GLY A C   1 
ATOM   607  O O   . GLY A 1 86  ? 1.255   10.260  -9.041  1.00 12.34 ? 83   GLY A O   1 
ATOM   608  N N   . THR A 1 87  ? -0.792  9.445   -9.581  1.00 10.66 ? 84   THR A N   1 
ATOM   609  C CA  . THR A 1 87  ? -1.361  10.767  -9.759  1.00 9.60  ? 84   THR A CA  1 
ATOM   610  C C   . THR A 1 87  ? -2.610  10.887  -8.898  1.00 10.63 ? 84   THR A C   1 
ATOM   611  O O   . THR A 1 87  ? -3.340  9.927   -8.730  1.00 10.02 ? 84   THR A O   1 
ATOM   612  C CB  . THR A 1 87  ? -1.708  11.141  -11.212 1.00 19.54 ? 84   THR A CB  1 
ATOM   613  O OG1 . THR A 1 87  ? -2.437  10.062  -11.794 1.00 28.72 ? 84   THR A OG1 1 
ATOM   614  C CG2 . THR A 1 87  ? -0.455  11.313  -12.057 1.00 28.70 ? 84   THR A CG2 1 
ATOM   615  N N   . VAL A 1 88  ? -2.824  12.092  -8.398  1.00 10.00 ? 85   VAL A N   1 
ATOM   616  C CA  . VAL A 1 88  ? -4.005  12.294  -7.540  1.00 9.78  ? 85   VAL A CA  1 
ATOM   617  C C   . VAL A 1 88  ? -5.272  12.216  -8.383  1.00 10.24 ? 85   VAL A C   1 
ATOM   618  O O   . VAL A 1 88  ? -5.433  12.985  -9.320  1.00 11.48 ? 85   VAL A O   1 
ATOM   619  C CB  . VAL A 1 88  ? -3.945  13.666  -6.875  1.00 9.49  ? 85   VAL A CB  1 
ATOM   620  C CG1 . VAL A 1 88  ? -5.210  13.983  -6.084  1.00 10.24 ? 85   VAL A CG1 1 
ATOM   621  C CG2 . VAL A 1 88  ? -2.766  13.725  -5.892  1.00 12.78 ? 85   VAL A CG2 1 
ATOM   622  N N   . LYS A 1 89  ? -6.214  11.404  -7.923  1.00 10.08 ? 86   LYS A N   1 
ATOM   623  C CA  . LYS A 1 89  ? -7.497  11.256  -8.603  1.00 10.37 ? 86   LYS A CA  1 
ATOM   624  C C   . LYS A 1 89  ? -8.619  11.931  -7.824  1.00 12.97 ? 86   LYS A C   1 
ATOM   625  O O   . LYS A 1 89  ? -9.500  12.615  -8.381  1.00 16.14 ? 86   LYS A O   1 
ATOM   626  C CB  . LYS A 1 89  ? -7.784  9.751   -8.701  1.00 12.41 ? 86   LYS A CB  1 
ATOM   627  C CG  . LYS A 1 89  ? -9.123  9.465   -9.382  1.00 28.18 ? 86   LYS A CG  1 
ATOM   628  C CD  . LYS A 1 89  ? -9.425  7.971   -9.334  1.00 35.95 ? 86   LYS A CD  1 
ATOM   629  C CE  . LYS A 1 89  ? -10.620 7.632   -10.218 1.00 39.79 ? 86   LYS A CE  1 
ATOM   630  N NZ  . LYS A 1 89  ? -11.170 6.297   -9.865  1.00 48.35 ? 86   LYS A NZ  1 
ATOM   631  N N   . THR A 1 90  ? -8.682  11.713  -6.506  1.00 9.83  ? 87   THR A N   1 
ATOM   632  C CA  . THR A 1 90  ? -9.783  12.236  -5.711  1.00 11.73 ? 87   THR A CA  1 
ATOM   633  C C   . THR A 1 90  ? -9.307  12.722  -4.343  1.00 12.54 ? 87   THR A C   1 
ATOM   634  O O   . THR A 1 90  ? -8.325  12.198  -3.858  1.00 11.54 ? 87   THR A O   1 
ATOM   635  C CB  . THR A 1 90  ? -10.817 11.118  -5.417  1.00 14.44 ? 87   THR A CB  1 
ATOM   636  O OG1 . THR A 1 90  ? -11.319 10.597  -6.659  1.00 17.76 ? 87   THR A OG1 1 
ATOM   637  C CG2 . THR A 1 90  ? -11.974 11.625  -4.580  1.00 17.56 ? 87   THR A CG2 1 
ATOM   638  N N   . ILE A 1 91  ? -9.802  13.854  -3.900  1.00 8.87  ? 88   ILE A N   1 
ATOM   639  C CA  . ILE A 1 91  ? -9.613  14.327  -2.542  1.00 8.50  ? 88   ILE A CA  1 
ATOM   640  C C   . ILE A 1 91  ? -10.980 14.681  -1.966  1.00 9.67  ? 88   ILE A C   1 
ATOM   641  O O   . ILE A 1 91  ? -11.895 15.255  -2.557  1.00 9.33  ? 88   ILE A O   1 
ATOM   642  C CB  . ILE A 1 91  ? -8.732  15.596  -2.524  1.00 13.86 ? 88   ILE A CB  1 
ATOM   643  C CG1 . ILE A 1 91  ? -7.464  15.465  -3.375  1.00 16.15 ? 88   ILE A CG1 1 
ATOM   644  C CG2 . ILE A 1 91  ? -8.391  15.980  -1.090  1.00 12.86 ? 88   ILE A CG2 1 
ATOM   645  C CD1 . ILE A 1 91  ? -6.681  16.756  -3.557  1.00 22.69 ? 88   ILE A CD1 1 
ATOM   646  N N   . GLU A 1 92  ? -11.226 14.261  -0.740  1.00 9.69  ? 89   GLU A N   1 
ATOM   647  C CA  . GLU A 1 92  ? -12.453 14.602  -0.004  1.00 13.30 ? 89   GLU A CA  1 
ATOM   648  C C   . GLU A 1 92  ? -11.992 15.089  1.366   1.00 12.18 ? 89   GLU A C   1 
ATOM   649  O O   . GLU A 1 92  ? -11.337 14.361  2.104   1.00 11.73 ? 89   GLU A O   1 
ATOM   650  C CB  . GLU A 1 92  ? -13.565 13.595  0.051   1.00 27.11 ? 89   GLU A CB  1 
ATOM   651  C CG  . GLU A 1 92  ? -14.440 13.475  1.270   1.00 26.07 ? 89   GLU A CG  1 
ATOM   652  C CD  . GLU A 1 92  ? -14.893 12.045  1.513   1.00 36.25 ? 89   GLU A CD  1 
ATOM   653  O OE1 . GLU A 1 92  ? -14.106 11.123  1.208   1.00 42.54 ? 89   GLU A OE1 1 
ATOM   654  O OE2 . GLU A 1 92  ? -16.019 11.812  1.995   1.00 35.48 ? 89   GLU A OE2 1 
ATOM   655  N N   . THR A 1 93  ? -12.249 16.367  1.592   1.00 10.79 ? 90   THR A N   1 
ATOM   656  C CA  . THR A 1 93  ? -11.825 16.986  2.853   1.00 10.26 ? 90   THR A CA  1 
ATOM   657  C C   . THR A 1 93  ? -12.836 16.833  3.959   1.00 13.29 ? 90   THR A C   1 
ATOM   658  O O   . THR A 1 93  ? -14.053 16.966  3.726   1.00 12.28 ? 90   THR A O   1 
ATOM   659  C CB  . THR A 1 93  ? -11.613 18.494  2.560   1.00 17.75 ? 90   THR A CB  1 
ATOM   660  O OG1 . THR A 1 93  ? -10.761 18.547  1.401   1.00 21.95 ? 90   THR A OG1 1 
ATOM   661  C CG2 . THR A 1 93  ? -10.892 19.140  3.732   1.00 20.75 ? 90   THR A CG2 1 
ATOM   662  N N   . GLY A 1 94  ? -12.307 16.572  5.163   1.00 12.24 ? 91   GLY A N   1 
ATOM   663  C CA  . GLY A 1 94  ? -13.148 16.425  6.347   1.00 11.29 ? 91   GLY A CA  1 
ATOM   664  C C   . GLY A 1 94  ? -12.969 17.677  7.215   1.00 15.45 ? 91   GLY A C   1 
ATOM   665  O O   . GLY A 1 94  ? -12.981 18.796  6.683   1.00 16.35 ? 91   GLY A O   1 
ATOM   666  N N   . ALA A 1 95  ? -12.866 17.483  8.533   1.00 9.75  ? 92   ALA A N   1 
ATOM   667  C CA  . ALA A 1 95  ? -12.794 18.616  9.440   1.00 13.46 ? 92   ALA A CA  1 
ATOM   668  C C   . ALA A 1 95  ? -11.329 18.910  9.725   1.00 15.45 ? 92   ALA A C   1 
ATOM   669  O O   . ALA A 1 95  ? -10.828 20.006  9.672   1.00 17.17 ? 92   ALA A O   1 
ATOM   670  C CB  . ALA A 1 95  ? -13.499 18.270  10.756  1.00 12.76 ? 92   ALA A CB  1 
ATOM   671  N N   . VAL A 1 96  ? -10.636 17.834  10.125  1.00 11.95 ? 93   VAL A N   1 
ATOM   672  C CA  . VAL A 1 96  ? -9.185  17.971  10.371  1.00 12.66 ? 93   VAL A CA  1 
ATOM   673  C C   . VAL A 1 96  ? -8.443  17.018  9.447   1.00 11.45 ? 93   VAL A C   1 
ATOM   674  O O   . VAL A 1 96  ? -7.263  17.200  9.093   1.00 12.89 ? 93   VAL A O   1 
ATOM   675  C CB  . VAL A 1 96  ? -8.768  17.905  11.847  1.00 15.27 ? 93   VAL A CB  1 
ATOM   676  C CG1 . VAL A 1 96  ? -9.394  19.044  12.664  1.00 15.22 ? 93   VAL A CG1 1 
ATOM   677  C CG2 . VAL A 1 96  ? -9.072  16.528  12.463  1.00 12.39 ? 93   VAL A CG2 1 
ATOM   678  N N   . ASN A 1 97  ? -9.101  15.961  8.972   1.00 7.77  ? 94   ASN A N   1 
ATOM   679  C CA  . ASN A 1 97  ? -8.470  15.014  8.051   1.00 8.08  ? 94   ASN A CA  1 
ATOM   680  C C   . ASN A 1 97  ? -9.038  15.133  6.628   1.00 9.81  ? 94   ASN A C   1 
ATOM   681  O O   . ASN A 1 97  ? -9.776  16.064  6.274   1.00 14.64 ? 94   ASN A O   1 
ATOM   682  C CB  . ASN A 1 97  ? -8.715  13.604  8.578   1.00 8.97  ? 94   ASN A CB  1 
ATOM   683  C CG  . ASN A 1 97  ? -7.774  13.246  9.711   1.00 18.21 ? 94   ASN A CG  1 
ATOM   684  O OD1 . ASN A 1 97  ? -6.543  13.347  9.594   1.00 15.03 ? 94   ASN A OD1 1 
ATOM   685  N ND2 . ASN A 1 97  ? -8.269  12.804  10.858  1.00 12.69 ? 94   ASN A ND2 1 
ATOM   686  N N   . ALA A 1 98  ? -8.442  14.343  5.757   1.00 8.01  ? 95   ALA A N   1 
ATOM   687  C CA  . ALA A 1 98  ? -8.870  14.308  4.352   1.00 7.10  ? 95   ALA A CA  1 
ATOM   688  C C   . ALA A 1 98  ? -8.457  12.957  3.767   1.00 9.94  ? 95   ALA A C   1 
ATOM   689  O O   . ALA A 1 98  ? -7.387  12.408  4.082   1.00 11.64 ? 95   ALA A O   1 
ATOM   690  C CB  . ALA A 1 98  ? -8.221  15.385  3.499   1.00 11.00 ? 95   ALA A CB  1 
ATOM   691  N N   . GLU A 1 99  ? -9.229  12.483  2.816   1.00 8.46  ? 96   GLU A N   1 
ATOM   692  C CA  . GLU A 1 99  ? -8.966  11.214  2.154   1.00 9.72  ? 96   GLU A CA  1 
ATOM   693  C C   . GLU A 1 99  ? -8.458  11.518  0.739   1.00 13.13 ? 96   GLU A C   1 
ATOM   694  O O   . GLU A 1 99  ? -9.096  12.288  0.020   1.00 12.09 ? 96   GLU A O   1 
ATOM   695  C CB  . GLU A 1 99  ? -10.281 10.434  2.016   1.00 13.71 ? 96   GLU A CB  1 
ATOM   696  C CG  . GLU A 1 99  ? -10.786 9.778   3.286   1.00 20.66 ? 96   GLU A CG  1 
ATOM   697  C CD  . GLU A 1 99  ? -12.101 9.037   2.981   1.00 29.25 ? 96   GLU A CD  1 
ATOM   698  O OE1 . GLU A 1 99  ? -12.228 8.409   1.915   1.00 28.07 ? 96   GLU A OE1 1 
ATOM   699  O OE2 . GLU A 1 99  ? -13.015 9.136   3.830   1.00 24.79 ? 96   GLU A OE2 1 
ATOM   700  N N   . VAL A 1 100 ? -7.280  11.009  0.403   1.00 6.43  ? 97   VAL A N   1 
ATOM   701  C CA  . VAL A 1 100 ? -6.712  11.279  -0.912  1.00 6.76  ? 97   VAL A CA  1 
ATOM   702  C C   . VAL A 1 100 ? -6.589  9.943   -1.633  1.00 12.88 ? 97   VAL A C   1 
ATOM   703  O O   . VAL A 1 100 ? -5.980  9.032   -1.067  1.00 10.13 ? 97   VAL A O   1 
ATOM   704  C CB  . VAL A 1 100 ? -5.310  11.909  -0.785  1.00 8.85  ? 97   VAL A CB  1 
ATOM   705  C CG1 . VAL A 1 100 ? -4.684  12.182  -2.153  1.00 8.15  ? 97   VAL A CG1 1 
ATOM   706  C CG2 . VAL A 1 100 ? -5.389  13.230  -0.009  1.00 9.76  ? 97   VAL A CG2 1 
ATOM   707  N N   . THR A 1 101 ? -6.995  9.877   -2.885  1.00 8.06  ? 98   THR A N   1 
ATOM   708  C CA  . THR A 1 101 ? -6.879  8.648   -3.671  1.00 7.60  ? 98   THR A CA  1 
ATOM   709  C C   . THR A 1 101 ? -5.935  8.910   -4.842  1.00 8.43  ? 98   THR A C   1 
ATOM   710  O O   . THR A 1 101 ? -6.119  9.921   -5.537  1.00 11.93 ? 98   THR A O   1 
ATOM   711  C CB  . THR A 1 101 ? -8.235  8.202   -4.225  1.00 8.80  ? 98   THR A CB  1 
ATOM   712  O OG1 . THR A 1 101 ? -9.042  7.827   -3.093  1.00 14.43 ? 98   THR A OG1 1 
ATOM   713  C CG2 . THR A 1 101 ? -8.042  6.921   -5.054  1.00 14.91 ? 98   THR A CG2 1 
ATOM   714  N N   . LEU A 1 102 ? -4.976  8.005   -4.987  1.00 8.79  ? 99   LEU A N   1 
ATOM   715  C CA  . LEU A 1 102 ? -4.019  8.151   -6.070  1.00 9.30  ? 99   LEU A CA  1 
ATOM   716  C C   . LEU A 1 102 ? -4.228  7.011   -7.083  1.00 14.31 ? 99   LEU A C   1 
ATOM   717  O O   . LEU A 1 102 ? -4.466  5.866   -6.705  1.00 16.79 ? 99   LEU A O   1 
ATOM   718  C CB  . LEU A 1 102 ? -2.589  7.930   -5.582  1.00 12.81 ? 99   LEU A CB  1 
ATOM   719  C CG  . LEU A 1 102 ? -2.035  8.828   -4.502  1.00 15.13 ? 99   LEU A CG  1 
ATOM   720  C CD1 . LEU A 1 102 ? -0.546  8.416   -4.345  1.00 20.73 ? 99   LEU A CD1 1 
ATOM   721  C CD2 . LEU A 1 102 ? -2.226  10.290  -4.827  1.00 17.53 ? 99   LEU A CD2 1 
ATOM   722  N N   . ALA A 1 103 ? -3.991  7.321   -8.346  1.00 15.36 ? 100  ALA A N   1 
ATOM   723  C CA  . ALA A 1 103 ? -4.046  6.247   -9.352  1.00 17.94 ? 100  ALA A CA  1 
ATOM   724  C C   . ALA A 1 103 ? -2.594  5.854   -9.626  1.00 14.52 ? 100  ALA A C   1 
ATOM   725  O O   . ALA A 1 103 ? -1.791  6.764   -9.930  1.00 12.71 ? 100  ALA A O   1 
ATOM   726  C CB  . ALA A 1 103 ? -4.703  6.740   -10.633 1.00 13.89 ? 100  ALA A CB  1 
ATOM   727  N N   . LEU A 1 104 ? -2.226  4.584   -9.505  1.00 16.48 ? 101  LEU A N   1 
ATOM   728  C CA  . LEU A 1 104 ? -0.839  4.212   -9.805  1.00 24.57 ? 101  LEU A CA  1 
ATOM   729  C C   . LEU A 1 104 ? -0.715  3.813   -11.271 1.00 30.85 ? 101  LEU A C   1 
ATOM   730  O O   . LEU A 1 104 ? -1.761  3.624   -11.900 1.00 31.38 ? 101  LEU A O   1 
ATOM   731  C CB  . LEU A 1 104 ? -0.360  3.074   -8.884  1.00 23.12 ? 101  LEU A CB  1 
ATOM   732  C CG  . LEU A 1 104 ? -0.601  3.311   -7.381  1.00 23.68 ? 101  LEU A CG  1 
ATOM   733  C CD1 . LEU A 1 104 ? -0.217  2.087   -6.563  1.00 26.60 ? 101  LEU A CD1 1 
ATOM   734  C CD2 . LEU A 1 104 ? 0.156   4.549   -6.910  1.00 20.99 ? 101  LEU A CD2 1 
ATOM   735  N N   . GLN A 1 105 ? 0.503   3.710   -11.825 1.00 38.08 ? 102  GLN A N   1 
ATOM   736  C CA  . GLN A 1 105 ? 0.555   3.285   -13.232 1.00 40.82 ? 102  GLN A CA  1 
ATOM   737  C C   . GLN A 1 105 ? 0.033   1.842   -13.257 1.00 41.76 ? 102  GLN A C   1 
ATOM   738  O O   . GLN A 1 105 ? 0.212   1.077   -12.321 1.00 42.41 ? 102  GLN A O   1 
ATOM   739  C CB  . GLN A 1 105 ? 1.885   3.368   -13.973 1.00 45.10 ? 102  GLN A CB  1 
ATOM   740  C CG  . GLN A 1 105 ? 1.665   3.319   -15.482 1.00 46.91 ? 102  GLN A CG  1 
ATOM   741  C CD  . GLN A 1 105 ? 2.849   3.261   -16.408 1.00 46.65 ? 102  GLN A CD  1 
ATOM   742  O OE1 . GLN A 1 105 ? 3.488   4.257   -16.767 1.00 46.61 ? 102  GLN A OE1 1 
ATOM   743  N NE2 . GLN A 1 105 ? 3.192   2.056   -16.855 1.00 48.32 ? 102  GLN A NE2 1 
ATOM   744  N N   . GLY A 1 106 ? -0.795  1.544   -14.248 1.00 43.30 ? 103  GLY A N   1 
ATOM   745  C CA  . GLY A 1 106 ? -1.373  0.214   -14.377 1.00 44.09 ? 103  GLY A CA  1 
ATOM   746  C C   . GLY A 1 106 ? -2.827  0.242   -13.925 1.00 44.46 ? 103  GLY A C   1 
ATOM   747  O O   . GLY A 1 106 ? -3.564  -0.687  -14.257 1.00 45.99 ? 103  GLY A O   1 
ATOM   748  N N   . GLY A 1 107 ? -3.201  1.264   -13.160 1.00 43.07 ? 104  GLY A N   1 
ATOM   749  C CA  . GLY A 1 107 ? -4.577  1.411   -12.737 1.00 40.76 ? 104  GLY A CA  1 
ATOM   750  C C   . GLY A 1 107 ? -4.897  1.198   -11.275 1.00 36.86 ? 104  GLY A C   1 
ATOM   751  O O   . GLY A 1 107 ? -6.013  1.528   -10.866 1.00 36.77 ? 104  GLY A O   1 
ATOM   752  N N   . THR A 1 108 ? -4.019  0.598   -10.468 1.00 31.81 ? 105  THR A N   1 
ATOM   753  C CA  . THR A 1 108 ? -4.395  0.377   -9.069  1.00 26.22 ? 105  THR A CA  1 
ATOM   754  C C   . THR A 1 108 ? -4.667  1.701   -8.351  1.00 20.73 ? 105  THR A C   1 
ATOM   755  O O   . THR A 1 108 ? -3.955  2.649   -8.652  1.00 19.26 ? 105  THR A O   1 
ATOM   756  C CB  . THR A 1 108 ? -3.282  -0.397  -8.359  1.00 29.89 ? 105  THR A CB  1 
ATOM   757  O OG1 . THR A 1 108 ? -2.943  -1.580  -9.107  1.00 39.03 ? 105  THR A OG1 1 
ATOM   758  C CG2 . THR A 1 108 ? -3.754  -0.809  -6.972  1.00 29.41 ? 105  THR A CG2 1 
ATOM   759  N N   . GLU A 1 109 ? -5.676  1.783   -7.497  1.00 18.38 ? 106  GLU A N   1 
ATOM   760  C CA  . GLU A 1 109 ? -5.903  3.038   -6.773  1.00 13.60 ? 106  GLU A CA  1 
ATOM   761  C C   . GLU A 1 109 ? -5.471  2.801   -5.324  1.00 17.00 ? 106  GLU A C   1 
ATOM   762  O O   . GLU A 1 109 ? -5.678  1.668   -4.885  1.00 17.49 ? 106  GLU A O   1 
ATOM   763  C CB  . GLU A 1 109 ? -7.363  3.492   -6.751  1.00 17.35 ? 106  GLU A CB  1 
ATOM   764  C CG  . GLU A 1 109 ? -7.801  3.643   -8.205  1.00 29.24 ? 106  GLU A CG  1 
ATOM   765  C CD  . GLU A 1 109 ? -9.168  4.257   -8.402  1.00 34.21 ? 106  GLU A CD  1 
ATOM   766  O OE1 . GLU A 1 109 ? -9.516  4.451   -9.595  1.00 41.70 ? 106  GLU A OE1 1 
ATOM   767  O OE2 . GLU A 1 109 ? -9.894  4.539   -7.430  1.00 33.89 ? 106  GLU A OE2 1 
ATOM   768  N N   . ILE A 1 110 ? -4.826  3.792   -4.737  1.00 9.31  ? 107  ILE A N   1 
ATOM   769  C CA  . ILE A 1 110 ? -4.458  3.645   -3.331  1.00 12.08 ? 107  ILE A CA  1 
ATOM   770  C C   . ILE A 1 110 ? -5.031  4.819   -2.571  1.00 13.20 ? 107  ILE A C   1 
ATOM   771  O O   . ILE A 1 110 ? -5.013  5.940   -3.105  1.00 12.31 ? 107  ILE A O   1 
ATOM   772  C CB  . ILE A 1 110 ? -2.957  3.595   -3.102  1.00 16.31 ? 107  ILE A CB  1 
ATOM   773  C CG1 . ILE A 1 110 ? -2.656  3.619   -1.591  1.00 20.11 ? 107  ILE A CG1 1 
ATOM   774  C CG2 . ILE A 1 110 ? -2.220  4.744   -3.763  1.00 17.46 ? 107  ILE A CG2 1 
ATOM   775  C CD1 . ILE A 1 110 ? -1.344  2.912   -1.272  1.00 29.21 ? 107  ILE A CD1 1 
ATOM   776  N N   . THR A 1 111 ? -5.557  4.558   -1.381  1.00 10.56 ? 108  THR A N   1 
ATOM   777  C CA  . THR A 1 111 ? -6.204  5.663   -0.635  1.00 7.17  ? 108  THR A CA  1 
ATOM   778  C C   . THR A 1 111 ? -5.459  5.958   0.651   1.00 11.70 ? 108  THR A C   1 
ATOM   779  O O   . THR A 1 111 ? -5.144  5.019   1.380   1.00 14.15 ? 108  THR A O   1 
ATOM   780  C CB  . THR A 1 111 ? -7.651  5.281   -0.329  1.00 14.59 ? 108  THR A CB  1 
ATOM   781  O OG1 . THR A 1 111 ? -8.411  5.339   -1.557  1.00 16.13 ? 108  THR A OG1 1 
ATOM   782  C CG2 . THR A 1 111 ? -8.352  6.319   0.560   1.00 19.21 ? 108  THR A CG2 1 
ATOM   783  N N   . SER A 1 112 ? -5.199  7.240   0.934   1.00 9.82  ? 109  SER A N   1 
ATOM   784  C CA  . SER A 1 112 ? -4.466  7.633   2.120   1.00 8.67  ? 109  SER A CA  1 
ATOM   785  C C   . SER A 1 112 ? -5.313  8.595   2.959   1.00 10.08 ? 109  SER A C   1 
ATOM   786  O O   . SER A 1 112 ? -6.131  9.327   2.370   1.00 11.79 ? 109  SER A O   1 
ATOM   787  C CB  . SER A 1 112 ? -3.178  8.390   1.695   1.00 9.97  ? 109  SER A CB  1 
ATOM   788  O OG  . SER A 1 112 ? -2.586  8.999   2.843   1.00 12.98 ? 109  SER A OG  1 
ATOM   789  N N   . MET A 1 113 ? -5.261  8.539   4.279   1.00 9.11  ? 110  MET A N   1 
ATOM   790  C CA  . MET A 1 113 ? -5.915  9.513   5.132   1.00 9.01  ? 110  MET A CA  1 
ATOM   791  C C   . MET A 1 113 ? -4.792  10.407  5.681   1.00 11.57 ? 110  MET A C   1 
ATOM   792  O O   . MET A 1 113 ? -3.835  9.857   6.266   1.00 12.08 ? 110  MET A O   1 
ATOM   793  C CB  . MET A 1 113 ? -6.620  8.909   6.331   1.00 15.58 ? 110  MET A CB  1 
ATOM   794  C CG  . MET A 1 113 ? -7.503  9.700   7.265   1.00 20.41 ? 110  MET A CG  1 
ATOM   795  S SD  . MET A 1 113 ? -8.887  10.491  6.458   1.00 25.07 ? 110  MET A SD  1 
ATOM   796  C CE  . MET A 1 113 ? -10.162 9.229   6.590   1.00 23.43 ? 110  MET A CE  1 
ATOM   797  N N   . VAL A 1 114 ? -4.859  11.689  5.355   1.00 8.65  ? 111  VAL A N   1 
ATOM   798  C CA  . VAL A 1 114 ? -3.829  12.613  5.877   1.00 7.61  ? 111  VAL A CA  1 
ATOM   799  C C   . VAL A 1 114 ? -4.485  13.815  6.528   1.00 11.87 ? 111  VAL A C   1 
ATOM   800  O O   . VAL A 1 114 ? -5.720  13.953  6.494   1.00 14.07 ? 111  VAL A O   1 
ATOM   801  C CB  . VAL A 1 114 ? -2.873  13.082  4.766   1.00 10.63 ? 111  VAL A CB  1 
ATOM   802  C CG1 . VAL A 1 114 ? -2.046  11.946  4.169   1.00 13.16 ? 111  VAL A CG1 1 
ATOM   803  C CG2 . VAL A 1 114 ? -3.679  13.718  3.630   1.00 10.69 ? 111  VAL A CG2 1 
ATOM   804  N N   . THR A 1 115 ? -3.764  14.734  7.143   1.00 12.13 ? 112  THR A N   1 
ATOM   805  C CA  . THR A 1 115 ? -4.446  15.907  7.720   1.00 13.71 ? 112  THR A CA  1 
ATOM   806  C C   . THR A 1 115 ? -4.772  16.843  6.576   1.00 10.56 ? 112  THR A C   1 
ATOM   807  O O   . THR A 1 115 ? -4.135  16.883  5.523   1.00 10.46 ? 112  THR A O   1 
ATOM   808  C CB  . THR A 1 115 ? -3.547  16.687  8.711   1.00 14.09 ? 112  THR A CB  1 
ATOM   809  O OG1 . THR A 1 115 ? -2.346  17.011  7.984   1.00 10.86 ? 112  THR A OG1 1 
ATOM   810  C CG2 . THR A 1 115 ? -3.241  15.821  9.907   1.00 8.83  ? 112  THR A CG2 1 
ATOM   811  N N   . LYS A 1 116 ? -5.811  17.681  6.780   1.00 10.25 ? 113  LYS A N   1 
ATOM   812  C CA  . LYS A 1 116 ? -6.118  18.672  5.762   1.00 14.48 ? 113  LYS A CA  1 
ATOM   813  C C   . LYS A 1 116 ? -4.978  19.670  5.618   1.00 12.95 ? 113  LYS A C   1 
ATOM   814  O O   . LYS A 1 116 ? -4.781  20.169  4.504   1.00 13.17 ? 113  LYS A O   1 
ATOM   815  C CB  . LYS A 1 116 ? -7.418  19.404  6.105   1.00 16.08 ? 113  LYS A CB  1 
ATOM   816  N N   . GLU A 1 117 ? -4.144  19.892  6.648   1.00 13.55 ? 114  GLU A N   1 
ATOM   817  C CA  . GLU A 1 117 ? -2.965  20.737  6.474   1.00 12.24 ? 114  GLU A CA  1 
ATOM   818  C C   . GLU A 1 117 ? -1.968  20.129  5.497   1.00 15.55 ? 114  GLU A C   1 
ATOM   819  O O   . GLU A 1 117 ? -1.372  20.841  4.678   1.00 16.42 ? 114  GLU A O   1 
ATOM   820  C CB  . GLU A 1 117 ? -2.230  20.999  7.804   1.00 20.22 ? 114  GLU A CB  1 
ATOM   821  N N   . ALA A 1 118 ? -1.755  18.825  5.537   1.00 12.35 ? 115  ALA A N   1 
ATOM   822  C CA  . ALA A 1 118 ? -0.831  18.167  4.610   1.00 11.40 ? 115  ALA A CA  1 
ATOM   823  C C   . ALA A 1 118 ? -1.319  18.340  3.169   1.00 11.09 ? 115  ALA A C   1 
ATOM   824  O O   . ALA A 1 118 ? -0.488  18.502  2.264   1.00 11.39 ? 115  ALA A O   1 
ATOM   825  C CB  . ALA A 1 118 ? -0.754  16.681  4.992   1.00 11.02 ? 115  ALA A CB  1 
ATOM   826  N N   . VAL A 1 119 ? -2.632  18.294  2.922   1.00 10.33 ? 116  VAL A N   1 
ATOM   827  C CA  . VAL A 1 119 ? -3.125  18.418  1.551   1.00 14.73 ? 116  VAL A CA  1 
ATOM   828  C C   . VAL A 1 119 ? -2.748  19.824  1.070   1.00 14.33 ? 116  VAL A C   1 
ATOM   829  O O   . VAL A 1 119 ? -2.183  19.978  -0.014  1.00 16.24 ? 116  VAL A O   1 
ATOM   830  C CB  . VAL A 1 119 ? -4.644  18.218  1.498   1.00 15.44 ? 116  VAL A CB  1 
ATOM   831  C CG1 . VAL A 1 119 ? -5.162  18.650  0.137   1.00 19.33 ? 116  VAL A CG1 1 
ATOM   832  C CG2 . VAL A 1 119 ? -5.008  16.764  1.783   1.00 16.77 ? 116  VAL A CG2 1 
ATOM   833  N N   . ALA A 1 120 ? -2.985  20.779  1.927   1.00 15.00 ? 117  ALA A N   1 
ATOM   834  C CA  . ALA A 1 120 ? -2.666  22.182  1.655   1.00 20.44 ? 117  ALA A CA  1 
ATOM   835  C C   . ALA A 1 120 ? -1.188  22.393  1.395   1.00 18.58 ? 117  ALA A C   1 
ATOM   836  O O   . ALA A 1 120 ? -0.791  22.894  0.341   1.00 22.47 ? 117  ALA A O   1 
ATOM   837  C CB  . ALA A 1 120 ? -3.145  23.021  2.834   1.00 19.69 ? 117  ALA A CB  1 
ATOM   838  N N   . GLU A 1 121 ? -0.331  22.000  2.325   1.00 17.10 ? 118  GLU A N   1 
ATOM   839  C CA  . GLU A 1 121 ? 1.121   22.134  2.203   1.00 16.17 ? 118  GLU A CA  1 
ATOM   840  C C   . GLU A 1 121 ? 1.727   21.424  1.013   1.00 17.03 ? 118  GLU A C   1 
ATOM   841  O O   . GLU A 1 121 ? 2.685   21.925  0.395   1.00 17.28 ? 118  GLU A O   1 
ATOM   842  C CB  . GLU A 1 121 ? 1.814   21.600  3.476   1.00 17.38 ? 118  GLU A CB  1 
ATOM   843  C CG  . GLU A 1 121 ? 1.363   22.398  4.685   1.00 32.20 ? 118  GLU A CG  1 
ATOM   844  C CD  . GLU A 1 121 ? 1.835   21.827  6.013   1.00 42.01 ? 118  GLU A CD  1 
ATOM   845  O OE1 . GLU A 1 121 ? 2.594   20.829  6.020   1.00 46.24 ? 118  GLU A OE1 1 
ATOM   846  O OE2 . GLU A 1 121 ? 1.428   22.417  7.041   1.00 42.27 ? 118  GLU A OE2 1 
ATOM   847  N N   . LEU A 1 122 ? 1.219   20.237  0.661   1.00 13.12 ? 119  LEU A N   1 
ATOM   848  C CA  . LEU A 1 122 ? 1.743   19.491  -0.479  1.00 15.06 ? 119  LEU A CA  1 
ATOM   849  C C   . LEU A 1 122 ? 1.195   20.029  -1.804  1.00 15.70 ? 119  LEU A C   1 
ATOM   850  O O   . LEU A 1 122 ? 1.718   19.574  -2.851  1.00 16.28 ? 119  LEU A O   1 
ATOM   851  C CB  . LEU A 1 122 ? 1.448   18.006  -0.330  1.00 17.44 ? 119  LEU A CB  1 
ATOM   852  C CG  . LEU A 1 122 ? 2.109   17.264  0.834   1.00 21.77 ? 119  LEU A CG  1 
ATOM   853  C CD1 . LEU A 1 122 ? 1.830   15.763  0.768   1.00 14.94 ? 119  LEU A CD1 1 
ATOM   854  C CD2 . LEU A 1 122 ? 3.634   17.453  0.803   1.00 19.31 ? 119  LEU A CD2 1 
ATOM   855  N N   . GLY A 1 123 ? 0.185   20.846  -1.766  1.00 16.99 ? 120  GLY A N   1 
ATOM   856  C CA  . GLY A 1 123 ? -0.360  21.419  -3.004  1.00 17.89 ? 120  GLY A CA  1 
ATOM   857  C C   . GLY A 1 123 ? -1.072  20.355  -3.835  1.00 20.04 ? 120  GLY A C   1 
ATOM   858  O O   . GLY A 1 123 ? -1.229  20.580  -5.049  1.00 18.44 ? 120  GLY A O   1 
ATOM   859  N N   . LEU A 1 124 ? -1.685  19.384  -3.153  1.00 15.74 ? 121  LEU A N   1 
ATOM   860  C CA  . LEU A 1 124 ? -2.374  18.333  -3.867  1.00 14.70 ? 121  LEU A CA  1 
ATOM   861  C C   . LEU A 1 124 ? -3.625  18.879  -4.592  1.00 16.79 ? 121  LEU A C   1 
ATOM   862  O O   . LEU A 1 124 ? -4.435  19.632  -4.070  1.00 18.07 ? 121  LEU A O   1 
ATOM   863  C CB  . LEU A 1 124 ? -2.708  17.121  -2.996  1.00 16.64 ? 121  LEU A CB  1 
ATOM   864  C CG  . LEU A 1 124 ? -1.560  16.463  -2.216  1.00 18.91 ? 121  LEU A CG  1 
ATOM   865  C CD1 . LEU A 1 124 ? -2.188  15.368  -1.336  1.00 16.46 ? 121  LEU A CD1 1 
ATOM   866  C CD2 . LEU A 1 124 ? -0.474  15.848  -3.075  1.00 17.23 ? 121  LEU A CD2 1 
ATOM   867  N N   . LYS A 1 125 ? -3.836  18.241  -5.733  1.00 16.75 ? 122  LYS A N   1 
ATOM   868  C CA  . LYS A 1 125 ? -4.883  18.644  -6.673  1.00 14.53 ? 122  LYS A CA  1 
ATOM   869  C C   . LYS A 1 125 ? -4.997  17.531  -7.691  1.00 15.27 ? 122  LYS A C   1 
ATOM   870  O O   . LYS A 1 125 ? -3.977  16.915  -7.967  1.00 10.96 ? 122  LYS A O   1 
ATOM   871  C CB  . LYS A 1 125 ? -4.307  19.914  -7.259  1.00 26.83 ? 122  LYS A CB  1 
ATOM   872  C CG  . LYS A 1 125 ? -3.285  19.917  -8.356  1.00 31.20 ? 122  LYS A CG  1 
ATOM   873  C CD  . LYS A 1 125 ? -2.649  21.304  -8.481  1.00 38.54 ? 122  LYS A CD  1 
ATOM   874  C CE  . LYS A 1 125 ? -3.565  22.272  -9.206  1.00 35.09 ? 122  LYS A CE  1 
ATOM   875  N N   . PRO A 1 126 ? -6.176  17.285  -8.240  1.00 17.69 ? 123  PRO A N   1 
ATOM   876  C CA  . PRO A 1 126 ? -6.315  16.229  -9.224  1.00 16.56 ? 123  PRO A CA  1 
ATOM   877  C C   . PRO A 1 126 ? -5.204  16.337  -10.246 1.00 17.33 ? 123  PRO A C   1 
ATOM   878  O O   . PRO A 1 126 ? -4.960  17.464  -10.715 1.00 17.78 ? 123  PRO A O   1 
ATOM   879  C CB  . PRO A 1 126 ? -7.704  16.458  -9.812  1.00 20.24 ? 123  PRO A CB  1 
ATOM   880  C CG  . PRO A 1 126 ? -8.428  17.274  -8.791  1.00 19.45 ? 123  PRO A CG  1 
ATOM   881  C CD  . PRO A 1 126 ? -7.411  18.067  -8.021  1.00 17.33 ? 123  PRO A CD  1 
ATOM   882  N N   . GLY A 1 127 ? -4.504  15.301  -10.640 1.00 16.43 ? 124  GLY A N   1 
ATOM   883  C CA  . GLY A 1 127 ? -3.445  15.340  -11.620 1.00 16.50 ? 124  GLY A CA  1 
ATOM   884  C C   . GLY A 1 127 ? -2.021  15.508  -11.118 1.00 18.50 ? 124  GLY A C   1 
ATOM   885  O O   . GLY A 1 127 ? -1.061  15.222  -11.855 1.00 19.06 ? 124  GLY A O   1 
ATOM   886  N N   . ALA A 1 128 ? -1.845  16.020  -9.923  1.00 14.53 ? 125  ALA A N   1 
ATOM   887  C CA  . ALA A 1 128 ? -0.573  16.226  -9.256  1.00 15.12 ? 125  ALA A CA  1 
ATOM   888  C C   . ALA A 1 128 ? 0.085   14.871  -9.016  1.00 14.51 ? 125  ALA A C   1 
ATOM   889  O O   . ALA A 1 128 ? -0.554  13.883  -8.676  1.00 10.88 ? 125  ALA A O   1 
ATOM   890  C CB  . ALA A 1 128 ? -0.754  16.897  -7.897  1.00 13.70 ? 125  ALA A CB  1 
ATOM   891  N N   . SER A 1 129 ? 1.401   14.843  -9.194  1.00 11.65 ? 126  SER A N   1 
ATOM   892  C CA  . SER A 1 129 ? 2.144   13.623  -8.956  1.00 13.72 ? 126  SER A CA  1 
ATOM   893  C C   . SER A 1 129 ? 2.416   13.464  -7.455  1.00 14.44 ? 126  SER A C   1 
ATOM   894  O O   . SER A 1 129 ? 2.765   14.424  -6.771  1.00 14.43 ? 126  SER A O   1 
ATOM   895  C CB  . SER A 1 129 ? 3.525   13.703  -9.639  1.00 19.77 ? 126  SER A CB  1 
ATOM   896  O OG  . SER A 1 129 ? 3.346   13.658  -11.046 1.00 25.36 ? 126  SER A OG  1 
ATOM   897  N N   . ALA A 1 130 ? 2.291   12.237  -6.985  1.00 10.36 ? 127  ALA A N   1 
ATOM   898  C CA  . ALA A 1 130 ? 2.668   11.999  -5.572  1.00 10.94 ? 127  ALA A CA  1 
ATOM   899  C C   . ALA A 1 130 ? 2.996   10.519  -5.425  1.00 11.47 ? 127  ALA A C   1 
ATOM   900  O O   . ALA A 1 130 ? 2.555   9.716   -6.241  1.00 12.27 ? 127  ALA A O   1 
ATOM   901  C CB  . ALA A 1 130 ? 1.486   12.291  -4.654  1.00 11.68 ? 127  ALA A CB  1 
ATOM   902  N N   . SER A 1 131 ? 3.693   10.184  -4.360  1.00 12.40 ? 128  SER A N   1 
ATOM   903  C CA  . SER A 1 131 ? 4.009   8.802   -4.055  1.00 12.15 ? 128  SER A CA  1 
ATOM   904  C C   . SER A 1 131 ? 3.303   8.396   -2.763  1.00 13.83 ? 128  SER A C   1 
ATOM   905  O O   . SER A 1 131 ? 3.315   9.163   -1.805  1.00 12.36 ? 128  SER A O   1 
ATOM   906  C CB  . SER A 1 131 ? 5.522   8.675   -3.875  1.00 12.36 ? 128  SER A CB  1 
ATOM   907  O OG  . SER A 1 131 ? 6.131   9.019   -5.104  1.00 21.15 ? 128  SER A OG  1 
ATOM   908  N N   . ALA A 1 132 ? 2.841   7.179   -2.688  1.00 9.06  ? 129  ALA A N   1 
ATOM   909  C CA  . ALA A 1 132 ? 2.284   6.650   -1.448  1.00 10.07 ? 129  ALA A CA  1 
ATOM   910  C C   . ALA A 1 132 ? 3.489   5.919   -0.819  1.00 9.27  ? 129  ALA A C   1 
ATOM   911  O O   . ALA A 1 132 ? 4.066   5.013   -1.411  1.00 12.38 ? 129  ALA A O   1 
ATOM   912  C CB  . ALA A 1 132 ? 1.176   5.689   -1.769  1.00 11.60 ? 129  ALA A CB  1 
ATOM   913  N N   . VAL A 1 133 ? 3.712   6.186   0.460   1.00 6.62  ? 130  VAL A N   1 
ATOM   914  C CA  . VAL A 1 133 ? 4.856   5.573   1.153   1.00 6.96  ? 130  VAL A CA  1 
ATOM   915  C C   . VAL A 1 133 ? 4.221   4.651   2.189   1.00 8.86  ? 130  VAL A C   1 
ATOM   916  O O   . VAL A 1 133 ? 3.422   5.154   2.989   1.00 9.85  ? 130  VAL A O   1 
ATOM   917  C CB  . VAL A 1 133 ? 5.718   6.657   1.812   1.00 7.74  ? 130  VAL A CB  1 
ATOM   918  C CG1 . VAL A 1 133 ? 6.914   6.000   2.531   1.00 9.78  ? 130  VAL A CG1 1 
ATOM   919  C CG2 . VAL A 1 133 ? 6.255   7.616   0.735   1.00 9.35  ? 130  VAL A CG2 1 
ATOM   920  N N   . ILE A 1 134 ? 4.537   3.353   2.098   1.00 7.43  ? 131  ILE A N   1 
ATOM   921  C CA  . ILE A 1 134 ? 3.955   2.388   3.019   1.00 8.02  ? 131  ILE A CA  1 
ATOM   922  C C   . ILE A 1 134 ? 5.001   1.445   3.589   1.00 6.47  ? 131  ILE A C   1 
ATOM   923  O O   . ILE A 1 134 ? 5.754   0.893   2.816   1.00 7.82  ? 131  ILE A O   1 
ATOM   924  C CB  . ILE A 1 134 ? 2.879   1.520   2.336   1.00 11.09 ? 131  ILE A CB  1 
ATOM   925  C CG1 . ILE A 1 134 ? 1.801   2.365   1.611   1.00 13.79 ? 131  ILE A CG1 1 
ATOM   926  C CG2 . ILE A 1 134 ? 2.196   0.641   3.386   1.00 12.10 ? 131  ILE A CG2 1 
ATOM   927  C CD1 . ILE A 1 134 ? 0.904   1.515   0.723   1.00 15.19 ? 131  ILE A CD1 1 
ATOM   928  N N   . LYS A 1 135 ? 5.169   1.397   4.926   1.00 6.19  ? 132  LYS A N   1 
ATOM   929  C CA  . LYS A 1 135 ? 6.103   0.382   5.453   1.00 6.85  ? 132  LYS A CA  1 
ATOM   930  C C   . LYS A 1 135 ? 5.569   -1.014  5.130   1.00 5.46  ? 132  LYS A C   1 
ATOM   931  O O   . LYS A 1 135 ? 4.388   -1.322  5.285   1.00 8.06  ? 132  LYS A O   1 
ATOM   932  C CB  . LYS A 1 135 ? 6.178   0.508   6.995   1.00 10.13 ? 132  LYS A CB  1 
ATOM   933  C CG  . LYS A 1 135 ? 6.929   1.758   7.512   1.00 15.46 ? 132  LYS A CG  1 
ATOM   934  C CD  . LYS A 1 135 ? 7.167   1.527   9.016   1.00 16.76 ? 132  LYS A CD  1 
ATOM   935  C CE  . LYS A 1 135 ? 8.146   0.340   9.204   1.00 13.54 ? 132  LYS A CE  1 
ATOM   936  N NZ  . LYS A 1 135 ? 8.525   0.326   10.636  1.00 19.69 ? 132  LYS A NZ  1 
ATOM   937  N N   . ALA A 1 136 ? 6.516   -1.943  4.816   1.00 7.29  ? 133  ALA A N   1 
ATOM   938  C CA  . ALA A 1 136 ? 6.039   -3.324  4.536   1.00 9.48  ? 133  ALA A CA  1 
ATOM   939  C C   . ALA A 1 136 ? 5.444   -3.994  5.752   1.00 9.60  ? 133  ALA A C   1 
ATOM   940  O O   . ALA A 1 136 ? 4.546   -4.842  5.692   1.00 9.42  ? 133  ALA A O   1 
ATOM   941  C CB  . ALA A 1 136 ? 7.164   -4.171  3.960   1.00 9.22  ? 133  ALA A CB  1 
ATOM   942  N N   . SER A 1 137 ? 5.882   -3.605  6.950   1.00 9.05  ? 134  SER A N   1 
ATOM   943  C CA  . SER A 1 137 ? 5.340   -4.099  8.193   1.00 17.83 ? 134  SER A CA  1 
ATOM   944  C C   . SER A 1 137 ? 3.935   -3.549  8.421   1.00 17.94 ? 134  SER A C   1 
ATOM   945  O O   . SER A 1 137 ? 3.290   -3.984  9.373   1.00 22.65 ? 134  SER A O   1 
ATOM   946  C CB  . SER A 1 137 ? 6.325   -3.835  9.338   1.00 23.49 ? 134  SER A CB  1 
ATOM   947  O OG  . SER A 1 137 ? 6.485   -2.450  9.597   1.00 21.13 ? 134  SER A OG  1 
ATOM   948  N N   . ASN A 1 138 ? 3.372   -2.625  7.607   1.00 13.61 ? 135  ASN A N   1 
ATOM   949  C CA  . ASN A 1 138 ? 2.009   -2.181  7.862   1.00 14.35 ? 135  ASN A CA  1 
ATOM   950  C C   . ASN A 1 138 ? 1.040   -2.780  6.835   1.00 15.81 ? 135  ASN A C   1 
ATOM   951  O O   . ASN A 1 138 ? 0.036   -2.187  6.415   1.00 16.05 ? 135  ASN A O   1 
ATOM   952  C CB  . ASN A 1 138 ? 1.858   -0.656  7.894   1.00 15.77 ? 135  ASN A CB  1 
ATOM   953  C CG  . ASN A 1 138 ? 2.637   -0.028  9.039   1.00 19.23 ? 135  ASN A CG  1 
ATOM   954  O OD1 . ASN A 1 138 ? 3.177   1.050   8.818   1.00 16.16 ? 135  ASN A OD1 1 
ATOM   955  N ND2 . ASN A 1 138 ? 2.669   -0.666  10.193  1.00 25.47 ? 135  ASN A ND2 1 
ATOM   956  N N   . VAL A 1 139 ? 1.518   -3.842  6.157   1.00 10.31 ? 136  VAL A N   1 
ATOM   957  C CA  . VAL A 1 139 ? 0.645   -4.508  5.178   1.00 9.47  ? 136  VAL A CA  1 
ATOM   958  C C   . VAL A 1 139 ? 0.227   -5.835  5.793   1.00 10.77 ? 136  VAL A C   1 
ATOM   959  O O   . VAL A 1 139 ? 1.114   -6.613  6.134   1.00 13.46 ? 136  VAL A O   1 
ATOM   960  C CB  . VAL A 1 139 ? 1.422   -4.731  3.859   1.00 14.26 ? 136  VAL A CB  1 
ATOM   961  C CG1 . VAL A 1 139 ? 0.531   -5.366  2.794   1.00 9.84  ? 136  VAL A CG1 1 
ATOM   962  C CG2 . VAL A 1 139 ? 1.960   -3.400  3.285   1.00 7.26  ? 136  VAL A CG2 1 
ATOM   963  N N   . ILE A 1 140 ? -1.063  -6.075  5.927   1.00 9.97  ? 137  ILE A N   1 
ATOM   964  C CA  . ILE A 1 140 ? -1.577  -7.341  6.404   1.00 9.51  ? 137  ILE A CA  1 
ATOM   965  C C   . ILE A 1 140 ? -1.858  -8.195  5.178   1.00 8.20  ? 137  ILE A C   1 
ATOM   966  O O   . ILE A 1 140 ? -2.402  -7.706  4.179   1.00 12.38 ? 137  ILE A O   1 
ATOM   967  C CB  . ILE A 1 140 ? -2.860  -7.077  7.228   1.00 12.97 ? 137  ILE A CB  1 
ATOM   968  C CG1 . ILE A 1 140 ? -2.375  -6.399  8.543   1.00 12.59 ? 137  ILE A CG1 1 
ATOM   969  C CG2 . ILE A 1 140 ? -3.651  -8.328  7.591   1.00 13.66 ? 137  ILE A CG2 1 
ATOM   970  C CD1 . ILE A 1 140 ? -3.579  -5.731  9.261   1.00 14.71 ? 137  ILE A CD1 1 
ATOM   971  N N   . LEU A 1 141 ? -1.543  -9.474  5.281   1.00 6.92  ? 138  LEU A N   1 
ATOM   972  C CA  . LEU A 1 141 ? -1.812  -10.380 4.170   1.00 7.45  ? 138  LEU A CA  1 
ATOM   973  C C   . LEU A 1 141 ? -2.948  -11.330 4.494   1.00 12.08 ? 138  LEU A C   1 
ATOM   974  O O   . LEU A 1 141 ? -3.228  -11.669 5.646   1.00 10.32 ? 138  LEU A O   1 
ATOM   975  C CB  . LEU A 1 141 ? -0.554  -11.237 3.883   1.00 9.44  ? 138  LEU A CB  1 
ATOM   976  C CG  . LEU A 1 141 ? 0.625   -10.504 3.269   1.00 18.42 ? 138  LEU A CG  1 
ATOM   977  C CD1 . LEU A 1 141 ? 1.776   -11.489 3.059   1.00 17.96 ? 138  LEU A CD1 1 
ATOM   978  C CD2 . LEU A 1 141 ? 0.197   -9.791  2.003   1.00 14.05 ? 138  LEU A CD2 1 
ATOM   979  N N   . GLY A 1 142 ? -3.651  -11.707 3.412   1.00 11.31 ? 139  GLY A N   1 
ATOM   980  C CA  . GLY A 1 142 ? -4.723  -12.680 3.596   1.00 11.96 ? 139  GLY A CA  1 
ATOM   981  C C   . GLY A 1 142 ? -4.558  -13.789 2.528   1.00 14.45 ? 139  GLY A C   1 
ATOM   982  O O   . GLY A 1 142 ? -4.178  -13.447 1.405   1.00 14.67 ? 139  GLY A O   1 
ATOM   983  N N   . VAL A 1 143 ? -4.919  -14.997 2.855   1.00 12.71 ? 140  VAL A N   1 
ATOM   984  C CA  . VAL A 1 143 ? -4.867  -16.094 1.885   1.00 17.59 ? 140  VAL A CA  1 
ATOM   985  C C   . VAL A 1 143 ? -6.222  -16.794 1.921   1.00 20.93 ? 140  VAL A C   1 
ATOM   986  O O   . VAL A 1 143 ? -6.916  -16.957 2.875   1.00 19.62 ? 140  VAL A O   1 
ATOM   987  C CB  . VAL A 1 143 ? -3.722  -17.103 2.150   1.00 20.03 ? 140  VAL A CB  1 
ATOM   988  C CG1 . VAL A 1 143 ? -2.342  -16.452 2.004   1.00 18.30 ? 140  VAL A CG1 1 
ATOM   989  C CG2 . VAL A 1 143 ? -3.873  -17.805 3.491   1.00 21.40 ? 140  VAL A CG2 1 
ATOM   990  N N   . PRO A 1 144 ? -6.607  -17.077 0.592   1.00 24.02 ? 141  PRO A N   1 
ATOM   991  C CA  . PRO A 1 144 ? -7.877  -17.805 0.487   1.00 29.36 ? 141  PRO A CA  1 
ATOM   992  C C   . PRO A 1 144 ? -7.627  -19.220 1.051   1.00 32.36 ? 141  PRO A C   1 
ATOM   993  O O   . PRO A 1 144 ? -8.624  -19.720 1.628   1.00 38.01 ? 141  PRO A O   1 
ATOM   994  C CB  . PRO A 1 144 ? -8.246  -17.906 -0.971  1.00 30.24 ? 141  PRO A CB  1 
ATOM   995  C CG  . PRO A 1 144 ? -7.253  -17.104 -1.717  1.00 30.41 ? 141  PRO A CG  1 
ATOM   996  C CD  . PRO A 1 144 ? -6.053  -16.955 -0.847  1.00 27.45 ? 141  PRO A CD  1 
HETATM 997  W W   . WO4 B 2 .   ? -12.413 13.984  11.094  0.33 13.55 ? 1142 WO4 A W   1 
HETATM 998  O O1  . WO4 B 2 .   ? -11.143 12.810  11.216  0.33 12.43 ? 1142 WO4 A O1  1 
HETATM 999  O O2  . WO4 B 2 .   ? -13.936 13.241  10.529  1.00 12.00 ? 1142 WO4 A O2  1 
HETATM 1000 W W   . WO4 C 2 .   ? -0.277  13.059  8.382   1.00 24.84 ? 1143 WO4 A W   1 
HETATM 1001 O O1  . WO4 C 2 .   ? -1.705  12.060  8.957   1.00 19.11 ? 1143 WO4 A O1  1 
HETATM 1002 O O2  . WO4 C 2 .   ? 0.759   13.181  9.851   1.00 13.97 ? 1143 WO4 A O2  1 
HETATM 1003 O O3  . WO4 C 2 .   ? 0.550   12.114  7.082   1.00 19.30 ? 1143 WO4 A O3  1 
HETATM 1004 O O4  . WO4 C 2 .   ? -0.914  14.642  7.806   1.00 13.78 ? 1143 WO4 A O4  1 
HETATM 1005 P P   . PO4 D 3 .   ? 9.797   -1.511  6.275   1.00 17.97 ? 1144 PO4 A P   1 
HETATM 1006 O O1  . PO4 D 3 .   ? 10.391  -0.454  7.168   1.00 27.32 ? 1144 PO4 A O1  1 
HETATM 1007 O O2  . PO4 D 3 .   ? 8.848   -2.450  7.072   1.00 14.31 ? 1144 PO4 A O2  1 
HETATM 1008 O O3  . PO4 D 3 .   ? 9.100   -0.958  5.053   1.00 11.75 ? 1144 PO4 A O3  1 
HETATM 1009 O O4  . PO4 D 3 .   ? 10.973  -2.362  5.670   1.00 25.35 ? 1144 PO4 A O4  1 
HETATM 1010 P P   . PO4 E 3 .   ? 10.621  -2.459  10.380  1.00 33.78 ? 1145 PO4 A P   1 
HETATM 1011 O O1  . PO4 E 3 .   ? 11.590  -3.160  11.350  1.00 36.05 ? 1145 PO4 A O1  1 
HETATM 1012 O O2  . PO4 E 3 .   ? 11.244  -1.211  9.753   1.00 32.19 ? 1145 PO4 A O2  1 
HETATM 1013 O O3  . PO4 E 3 .   ? 10.132  -3.360  9.240   1.00 29.57 ? 1145 PO4 A O3  1 
HETATM 1014 O O4  . PO4 E 3 .   ? 9.372   -2.074  11.267  1.00 32.88 ? 1145 PO4 A O4  1 
HETATM 1015 O O   . HOH F 4 .   ? -17.396 -13.452 -6.119  1.00 41.46 ? 2001 HOH A O   1 
HETATM 1016 O O   . HOH F 4 .   ? -21.517 -10.893 3.047   1.00 43.04 ? 2002 HOH A O   1 
HETATM 1017 O O   . HOH F 4 .   ? -13.181 -12.207 -3.783  1.00 35.05 ? 2003 HOH A O   1 
HETATM 1018 O O   . HOH F 4 .   ? -12.299 -11.159 -1.543  1.00 39.99 ? 2004 HOH A O   1 
HETATM 1019 O O   . HOH F 4 .   ? -13.665 -4.941  1.884   1.00 21.52 ? 2005 HOH A O   1 
HETATM 1020 O O   . HOH F 4 .   ? -12.500 -2.462  1.609   1.00 19.52 ? 2006 HOH A O   1 
HETATM 1021 O O   . HOH F 4 .   ? -8.732  -1.411  -2.692  1.00 25.55 ? 2007 HOH A O   1 
HETATM 1022 O O   . HOH F 4 .   ? -4.311  -20.050 -0.113  1.00 31.27 ? 2008 HOH A O   1 
HETATM 1023 O O   . HOH F 4 .   ? 13.068  -10.989 5.590   1.00 42.60 ? 2009 HOH A O   1 
HETATM 1024 O O   . HOH F 4 .   ? 15.858  -14.442 3.608   1.00 36.17 ? 2010 HOH A O   1 
HETATM 1025 O O   . HOH F 4 .   ? 7.705   -21.684 4.268   1.00 21.02 ? 2011 HOH A O   1 
HETATM 1026 O O   . HOH F 4 .   ? 17.102  -13.908 9.885   1.00 41.78 ? 2012 HOH A O   1 
HETATM 1027 O O   . HOH F 4 .   ? 14.093  -13.164 10.064  1.00 32.01 ? 2013 HOH A O   1 
HETATM 1028 O O   . HOH F 4 .   ? 8.879   -14.356 14.727  1.00 25.80 ? 2014 HOH A O   1 
HETATM 1029 O O   . HOH F 4 .   ? 12.412  -7.689  9.323   1.00 40.83 ? 2015 HOH A O   1 
HETATM 1030 O O   . HOH F 4 .   ? 8.339   -3.974  -4.268  1.00 41.17 ? 2016 HOH A O   1 
HETATM 1031 O O   . HOH F 4 .   ? 2.354   -11.962 10.709  1.00 12.89 ? 2017 HOH A O   1 
HETATM 1032 O O   . HOH F 4 .   ? 7.151   -16.380 13.988  1.00 20.07 ? 2018 HOH A O   1 
HETATM 1033 O O   . HOH F 4 .   ? -8.869  22.503  2.697   1.00 39.92 ? 2019 HOH A O   1 
HETATM 1034 O O   . HOH F 4 .   ? -1.349  -16.087 10.470  1.00 32.70 ? 2020 HOH A O   1 
HETATM 1035 O O   . HOH F 4 .   ? 3.773   -24.238 5.441   1.00 38.44 ? 2021 HOH A O   1 
HETATM 1036 O O   . HOH F 4 .   ? 10.139  -22.446 11.614  1.00 34.57 ? 2022 HOH A O   1 
HETATM 1037 O O   . HOH F 4 .   ? -1.719  -19.895 0.421   1.00 40.78 ? 2023 HOH A O   1 
HETATM 1038 O O   . HOH F 4 .   ? 5.143   -21.367 3.486   1.00 21.19 ? 2024 HOH A O   1 
HETATM 1039 O O   . HOH F 4 .   ? -2.882  -19.482 -5.257  1.00 34.81 ? 2025 HOH A O   1 
HETATM 1040 O O   . HOH F 4 .   ? -7.482  -18.691 -9.584  1.00 50.74 ? 2026 HOH A O   1 
HETATM 1041 O O   . HOH F 4 .   ? 11.254  13.063  -5.564  1.00 39.74 ? 2027 HOH A O   1 
HETATM 1042 O O   . HOH F 4 .   ? 12.597  8.307   -1.344  1.00 30.33 ? 2028 HOH A O   1 
HETATM 1043 O O   . HOH F 4 .   ? 13.610  5.533   -0.810  1.00 30.55 ? 2029 HOH A O   1 
HETATM 1044 O O   . HOH F 4 .   ? 11.158  1.892   7.992   1.00 16.88 ? 2030 HOH A O   1 
HETATM 1045 O O   . HOH F 4 .   ? 12.872  -1.119  3.665   1.00 28.67 ? 2031 HOH A O   1 
HETATM 1046 O O   . HOH F 4 .   ? 12.347  2.948   -0.170  1.00 28.31 ? 2032 HOH A O   1 
HETATM 1047 O O   . HOH F 4 .   ? 7.289   -1.808  -3.521  1.00 27.35 ? 2033 HOH A O   1 
HETATM 1048 O O   . HOH F 4 .   ? 8.513   0.626   -3.926  1.00 20.86 ? 2034 HOH A O   1 
HETATM 1049 O O   . HOH F 4 .   ? 8.171   5.894   -11.053 1.00 55.49 ? 2035 HOH A O   1 
HETATM 1050 O O   . HOH F 4 .   ? 6.094   3.486   -8.200  1.00 31.71 ? 2036 HOH A O   1 
HETATM 1051 O O   . HOH F 4 .   ? 3.064   3.325   -9.738  1.00 27.71 ? 2037 HOH A O   1 
HETATM 1052 O O   . HOH F 4 .   ? -16.365 15.702  4.964   1.00 37.00 ? 2038 HOH A O   1 
HETATM 1053 O O   . HOH F 4 .   ? -10.265 10.138  -1.631  1.00 20.87 ? 2039 HOH A O   1 
HETATM 1054 O O   . HOH F 4 .   ? -12.816 9.218   -0.847  1.00 32.27 ? 2040 HOH A O   1 
HETATM 1055 O O   . HOH F 4 .   ? -15.099 7.716   3.834   1.00 24.77 ? 2041 HOH A O   1 
HETATM 1056 O O   . HOH F 4 .   ? -0.901  7.192   -12.404 1.00 38.46 ? 2042 HOH A O   1 
HETATM 1057 O O   . HOH F 4 .   ? -7.579  -0.483  -7.349  1.00 33.49 ? 2043 HOH A O   1 
HETATM 1058 O O   . HOH F 4 .   ? -7.401  0.951   -2.813  1.00 21.58 ? 2044 HOH A O   1 
HETATM 1059 O O   . HOH F 4 .   ? -8.128  3.070   -2.516  1.00 31.81 ? 2045 HOH A O   1 
HETATM 1060 O O   . HOH F 4 .   ? -6.656  20.999  2.391   1.00 17.07 ? 2046 HOH A O   1 
HETATM 1061 O O   . HOH F 4 .   ? -2.534  24.145  -1.691  1.00 33.90 ? 2047 HOH A O   1 
HETATM 1062 O O   . HOH F 4 .   ? 4.165   19.044  4.191   1.00 40.16 ? 2048 HOH A O   1 
HETATM 1063 O O   . HOH F 4 .   ? 2.569   19.591  -5.803  1.00 62.71 ? 2049 HOH A O   1 
HETATM 1064 O O   . HOH F 4 .   ? -4.127  21.470  -1.984  1.00 19.39 ? 2050 HOH A O   1 
HETATM 1065 O O   . HOH F 4 .   ? -6.449  19.261  -11.874 1.00 26.83 ? 2051 HOH A O   1 
HETATM 1066 O O   . HOH F 4 .   ? -1.045  14.658  -14.573 1.00 35.22 ? 2052 HOH A O   1 
HETATM 1067 O O   . HOH F 4 .   ? 3.004   17.080  -6.854  1.00 19.46 ? 2053 HOH A O   1 
HETATM 1068 O O   . HOH F 4 .   ? 2.881   17.680  -9.856  1.00 22.82 ? 2054 HOH A O   1 
HETATM 1069 O O   . HOH F 4 .   ? 1.846   15.363  -12.431 1.00 32.80 ? 2055 HOH A O   1 
HETATM 1070 O O   . HOH F 4 .   ? 3.382   2.711   6.645   1.00 14.87 ? 2056 HOH A O   1 
HETATM 1071 O O   . HOH F 4 .   ? 2.102   -7.424  8.352   1.00 15.63 ? 2057 HOH A O   1 
HETATM 1072 O O   . HOH F 4 .   ? -4.258  11.935  9.748   1.00 26.35 ? 2058 HOH A O   1 
HETATM 1073 O O   . HOH F 4 .   ? 11.221  -4.739  4.429   1.00 35.94 ? 2059 HOH A O   1 
HETATM 1074 O O   . HOH F 4 .   ? 10.326  -4.067  13.816  1.00 37.77 ? 2060 HOH A O   1 
HETATM 1075 O O   . HOH F 4 .   ? 10.366  -5.919  9.706   1.00 28.75 ? 2061 HOH A O   1 
# 
loop_
_atom_site_anisotrop.id 
_atom_site_anisotrop.type_symbol 
_atom_site_anisotrop.pdbx_label_atom_id 
_atom_site_anisotrop.pdbx_label_alt_id 
_atom_site_anisotrop.pdbx_label_comp_id 
_atom_site_anisotrop.pdbx_label_asym_id 
_atom_site_anisotrop.pdbx_label_seq_id 
_atom_site_anisotrop.pdbx_PDB_ins_code 
_atom_site_anisotrop.U[1][1] 
_atom_site_anisotrop.U[2][2] 
_atom_site_anisotrop.U[3][3] 
_atom_site_anisotrop.U[1][2] 
_atom_site_anisotrop.U[1][3] 
_atom_site_anisotrop.U[2][3] 
_atom_site_anisotrop.pdbx_auth_seq_id 
_atom_site_anisotrop.pdbx_auth_comp_id 
_atom_site_anisotrop.pdbx_auth_asym_id 
_atom_site_anisotrop.pdbx_auth_atom_id 
997  W W . WO4 B . ? 0.1651 0.1688 0.1812 0.0259 -0.0001 0.0010  1142 WO4 A W 
1000 W W . WO4 C . ? 0.2987 0.3065 0.3388 0.0524 -0.0185 -0.0095 1143 WO4 A W 
# 
